data_9D3D
#
_entry.id   9D3D
#
_cell.length_a   1.00
_cell.length_b   1.00
_cell.length_c   1.00
_cell.angle_alpha   90.00
_cell.angle_beta   90.00
_cell.angle_gamma   90.00
#
_symmetry.space_group_name_H-M   'P 1'
#
loop_
_entity.id
_entity.type
_entity.pdbx_description
1 polymer 'HIV-1 BG505 DS-SOSIP gp120'
2 polymer 'BG505 DS-SOSIP glycoprotein gp41'
3 polymer 'PGT145 R100aS Heavy Chain'
4 polymer 'PGT145 Light Chain'
5 branched 2-acetamido-2-deoxy-beta-D-glucopyranose-(1-4)-2-acetamido-2-deoxy-beta-D-glucopyranose
6 branched alpha-D-mannopyranose-(1-3)-[alpha-D-mannopyranose-(1-6)]beta-D-mannopyranose-(1-4)-2-acetamido-2-deoxy-beta-D-glucopyranose-(1-4)-2-acetamido-2-deoxy-beta-D-glucopyranose
7 branched alpha-D-mannopyranose-(1-3)-beta-D-mannopyranose-(1-4)-2-acetamido-2-deoxy-beta-D-glucopyranose-(1-4)-2-acetamido-2-deoxy-beta-D-glucopyranose
8 branched beta-D-mannopyranose-(1-4)-2-acetamido-2-deoxy-beta-D-glucopyranose-(1-4)-2-acetamido-2-deoxy-beta-D-glucopyranose
9 branched alpha-D-mannopyranose-(1-2)-alpha-D-mannopyranose-(1-3)-[alpha-D-mannopyranose-(1-6)]beta-D-mannopyranose-(1-4)-2-acetamido-2-deoxy-beta-D-glucopyranose-(1-4)-2-acetamido-2-deoxy-beta-D-glucopyranose
10 branched alpha-D-mannopyranose-(1-2)-alpha-D-mannopyranose-(1-3)-[alpha-D-mannopyranose-(1-3)-alpha-D-mannopyranose-(1-6)]beta-D-mannopyranose-(1-4)-2-acetamido-2-deoxy-beta-D-glucopyranose-(1-4)-2-acetamido-2-deoxy-beta-D-glucopyranose
11 branched beta-D-mannopyranose-(1-3)-2-acetamido-2-deoxy-beta-D-glucopyranose-(1-4)-2-acetamido-2-deoxy-beta-D-glucopyranose
12 non-polymer 2-acetamido-2-deoxy-beta-D-glucopyranose
13 non-polymer 'PHOSPHATE ION'
#
loop_
_entity_poly.entity_id
_entity_poly.type
_entity_poly.pdbx_seq_one_letter_code
_entity_poly.pdbx_strand_id
1 'polypeptide(L)'
;AENLWVTVYYGVPVWKDAETTLFCASDAKAYETEKHNVWATHACVPTDPNPQEIHLENVTEEFNMWKNNMVEQMHTDIIS
LWDQSLKPCVKLTPLCVTLQCTNVTNNITDDMRGELKNCSFNMTTELRDKKQKVYSLFYRLDVVQINENQGNRSNNSNKE
YRLINCNTSACTQACPKVSFEPIPIHYCAPAGFAILKCKDKKFNGTGPCPSVSTVQCTHGIKPVVSTQLLLNGSLAEEEV
MIRSENITNNAKNILVQFNTPVQINCTRPNNNTRKSIRIGPGQAFYATGDIIGDIRQAHCNVSKATWNETLGKVVKQLRK
HFGNNTIIRFANSSGGDLEVTTHSFNCGGEFFYCNTSGLFNSTWISNTSVQGSNSTGSNDSITLPCRIKQIINMWQRIGQ
CMYAPPIQGVIRCVSNITGLILTRDGGSTNSTTETFRPGGGDMRDNWRSELYKYKVVKIEPLGVAPTRCKRRVVGRRRRR
R
;
C,A,B
2 'polypeptide(L)'
;AVGIGAVFLGFLGAAGSTMGAASMTLTVQARNLLSGIVQQQSNLLRAPEAQQHLLKLTVWGIKQLQARVLAVERYLRDQQ
LLGIWGCSGKLICCTNVPWNSSWSNRNLSEIWDNMTWLQWDKEISNYTQIIYGLLEESQNQQEKNEQDLLALD
;
c,a,b
3 'polypeptide(L)'
;QVQLVQSGAEVKKPGSSVKVSCKASGNSFSNHDVHWVRQATGQGLEWMGWMSHEGDKTGLAQKFQGRVTITRDSGASTVY
MELRGLTADDTAIYYCLTGSKHRLSDYFL(TYS)NE(TYS)GPNYEEWGDYLATLDVWGHGTAVTVSSASTKGPSVFPLA
PSSKSTSGGTAALGCLVKDYFPEPVTVSWNSGALTSGVHTFPAVLQSSGLYSLSSVVTVPSSSLGTQTYICNVNHKPSNT
KVDKKVEPKSCD
;
H
4 'polypeptide(L)'
;EVVITQSPLFLPVTPGEAASLSCKCSHSLQHSTGANYLAWYLQRPGQTPRLLIHLATHRASGVPDRFSGSGSGTDFTLKI
SRVESDDVGTYYCMQGLHSPWTFGQGTKVEIKRTVAAPSVFIFPPSDEQLKSGTASVVCLLNNFYPREAKVQWKVDNALQ
SGNSQESVTEQDSKDSTYSLSSTLTLSKADYEKHKVYACEVTHQGLSSPVTKSFNRGEC
;
L
#
# COMPACT_ATOMS: atom_id res chain seq x y z
N GLU A 2 19.85 60.74 -24.05
CA GLU A 2 19.10 59.49 -24.37
C GLU A 2 19.06 58.56 -23.16
N ASN A 3 20.07 57.69 -23.06
CA ASN A 3 20.17 56.77 -21.93
C ASN A 3 18.99 55.80 -21.89
N LEU A 4 19.15 54.68 -21.21
CA LEU A 4 18.10 53.69 -21.08
C LEU A 4 18.20 53.02 -19.72
N TRP A 5 17.06 52.59 -19.20
CA TRP A 5 16.98 51.93 -17.91
C TRP A 5 16.27 50.59 -18.04
N VAL A 6 16.64 49.65 -17.19
CA VAL A 6 16.05 48.32 -17.25
C VAL A 6 14.56 48.40 -16.91
N THR A 7 13.75 47.72 -17.71
CA THR A 7 12.32 47.62 -17.48
C THR A 7 11.95 46.16 -17.31
N VAL A 8 11.07 45.89 -16.35
CA VAL A 8 10.69 44.52 -16.00
C VAL A 8 9.31 44.25 -16.56
N TYR A 9 9.20 43.22 -17.38
CA TYR A 9 7.93 42.76 -17.92
C TYR A 9 7.64 41.37 -17.40
N TYR A 10 6.42 41.16 -16.89
CA TYR A 10 6.00 39.87 -16.36
C TYR A 10 4.82 39.38 -17.19
N GLY A 11 4.89 38.14 -17.64
CA GLY A 11 3.90 37.57 -18.51
C GLY A 11 4.31 37.45 -19.95
N VAL A 12 5.60 37.58 -20.26
CA VAL A 12 6.07 37.61 -21.64
C VAL A 12 5.99 36.21 -22.23
N PRO A 13 5.74 36.07 -23.53
CA PRO A 13 5.73 34.75 -24.19
C PRO A 13 7.12 34.21 -24.55
N VAL A 14 7.78 33.60 -23.56
CA VAL A 14 9.06 32.95 -23.76
C VAL A 14 9.04 31.62 -23.02
N TRP A 15 9.57 30.58 -23.66
CA TRP A 15 9.54 29.24 -23.12
C TRP A 15 10.88 28.56 -23.36
N LYS A 16 11.16 27.54 -22.55
CA LYS A 16 12.34 26.71 -22.71
C LYS A 16 11.92 25.25 -22.57
N ASP A 17 12.60 24.38 -23.31
CA ASP A 17 12.34 22.95 -23.21
C ASP A 17 12.43 22.51 -21.75
N ALA A 18 11.61 21.53 -21.40
CA ALA A 18 11.55 21.06 -20.02
C ALA A 18 10.94 19.67 -19.98
N GLU A 19 11.15 19.00 -18.86
CA GLU A 19 10.58 17.69 -18.61
C GLU A 19 9.80 17.75 -17.30
N THR A 20 8.60 17.18 -17.30
CA THR A 20 7.72 17.24 -16.14
C THR A 20 6.80 16.03 -16.16
N THR A 21 5.77 16.08 -15.32
CA THR A 21 4.80 14.99 -15.21
C THR A 21 3.48 15.45 -15.80
N LEU A 22 3.14 14.93 -16.97
CA LEU A 22 1.86 15.23 -17.58
C LEU A 22 0.79 14.30 -17.03
N PHE A 23 -0.39 14.85 -16.77
CA PHE A 23 -1.50 14.11 -16.19
C PHE A 23 -2.49 13.73 -17.27
N CYS A 24 -3.19 12.62 -17.05
CA CYS A 24 -4.06 12.06 -18.07
C CYS A 24 -5.37 12.84 -18.16
N ALA A 25 -6.12 12.54 -19.22
CA ALA A 25 -7.44 13.15 -19.43
C ALA A 25 -8.22 12.26 -20.37
N SER A 26 -9.34 11.71 -19.89
CA SER A 26 -10.15 10.80 -20.66
C SER A 26 -11.54 11.38 -20.89
N ASP A 27 -12.25 10.81 -21.86
CA ASP A 27 -13.62 11.24 -22.14
C ASP A 27 -14.52 10.89 -20.97
N ALA A 28 -15.37 11.84 -20.58
CA ALA A 28 -16.26 11.64 -19.44
C ALA A 28 -17.26 10.51 -19.73
N LYS A 29 -17.80 10.46 -20.95
CA LYS A 29 -18.83 9.48 -21.28
C LYS A 29 -18.32 8.04 -21.15
N ALA A 30 -17.00 7.83 -21.23
CA ALA A 30 -16.47 6.48 -21.15
C ALA A 30 -16.75 5.84 -19.81
N TYR A 31 -16.83 6.63 -18.74
CA TYR A 31 -17.05 6.07 -17.41
C TYR A 31 -18.41 5.36 -17.32
N GLU A 32 -19.39 5.77 -18.13
CA GLU A 32 -20.71 5.18 -18.05
C GLU A 32 -20.75 3.76 -18.58
N THR A 33 -19.68 3.28 -19.20
CA THR A 33 -19.64 1.90 -19.67
C THR A 33 -19.83 0.91 -18.53
N GLU A 34 -19.55 1.32 -17.29
CA GLU A 34 -19.74 0.58 -16.05
C GLU A 34 -18.70 -0.51 -15.85
N LYS A 35 -17.79 -0.73 -16.81
CA LYS A 35 -16.77 -1.75 -16.68
C LYS A 35 -15.39 -1.09 -16.75
N HIS A 36 -14.53 -1.41 -15.79
CA HIS A 36 -13.21 -0.81 -15.73
C HIS A 36 -12.27 -1.49 -16.72
N ASN A 37 -11.20 -0.77 -17.06
CA ASN A 37 -10.16 -1.29 -17.93
C ASN A 37 -8.80 -1.03 -17.31
N VAL A 38 -7.84 -1.88 -17.64
CA VAL A 38 -6.52 -1.84 -17.03
C VAL A 38 -5.90 -0.45 -17.10
N TRP A 39 -6.31 0.37 -18.07
CA TRP A 39 -5.73 1.70 -18.24
C TRP A 39 -6.24 2.69 -17.22
N ALA A 40 -7.23 2.32 -16.42
CA ALA A 40 -7.72 3.16 -15.32
C ALA A 40 -8.16 4.53 -15.82
N THR A 41 -8.94 4.53 -16.91
CA THR A 41 -9.57 5.77 -17.35
C THR A 41 -10.44 6.39 -16.28
N HIS A 42 -11.03 5.57 -15.41
CA HIS A 42 -11.90 6.10 -14.35
C HIS A 42 -11.11 6.97 -13.39
N ALA A 43 -9.91 6.54 -13.00
CA ALA A 43 -9.10 7.35 -12.09
C ALA A 43 -8.45 8.52 -12.82
N CYS A 44 -8.35 8.44 -14.15
CA CYS A 44 -7.80 9.54 -14.92
C CYS A 44 -8.76 10.72 -14.93
N VAL A 45 -8.18 11.92 -15.06
CA VAL A 45 -9.00 13.13 -15.01
C VAL A 45 -9.97 13.14 -16.17
N PRO A 46 -11.16 13.72 -16.04
CA PRO A 46 -12.01 13.92 -17.22
C PRO A 46 -11.43 14.96 -18.17
N THR A 47 -11.80 14.84 -19.44
CA THR A 47 -11.31 15.75 -20.47
C THR A 47 -12.23 16.94 -20.62
N ASP A 48 -11.67 18.03 -21.14
CA ASP A 48 -12.47 19.23 -21.38
C ASP A 48 -13.50 18.98 -22.48
N PRO A 49 -14.63 19.68 -22.44
CA PRO A 49 -15.68 19.44 -23.45
C PRO A 49 -15.21 19.71 -24.87
N ASN A 50 -14.36 20.70 -25.08
CA ASN A 50 -13.90 21.06 -26.42
C ASN A 50 -12.39 21.24 -26.42
N PRO A 51 -11.75 21.04 -27.58
CA PRO A 51 -10.30 21.23 -27.67
C PRO A 51 -9.96 22.71 -27.86
N GLN A 52 -8.91 23.17 -27.16
CA GLN A 52 -8.44 24.55 -27.27
C GLN A 52 -7.07 24.54 -27.92
N GLU A 53 -6.98 25.04 -29.14
CA GLU A 53 -5.73 25.09 -29.88
C GLU A 53 -5.54 26.50 -30.45
N ILE A 54 -4.32 27.00 -30.34
CA ILE A 54 -3.98 28.36 -30.78
C ILE A 54 -2.84 28.27 -31.78
N HIS A 55 -3.05 28.81 -32.97
CA HIS A 55 -2.02 28.79 -34.00
C HIS A 55 -1.04 29.95 -33.77
N LEU A 56 0.25 29.65 -33.95
CA LEU A 56 1.31 30.60 -33.67
C LEU A 56 2.05 30.91 -34.97
N GLU A 57 1.88 32.13 -35.48
CA GLU A 57 2.56 32.52 -36.70
C GLU A 57 3.99 32.95 -36.42
N ASN A 58 4.79 32.99 -37.46
CA ASN A 58 6.15 33.53 -37.43
C ASN A 58 7.08 32.78 -36.49
N VAL A 59 6.64 31.67 -35.92
CA VAL A 59 7.40 30.95 -34.90
C VAL A 59 7.91 29.64 -35.47
N THR A 60 9.21 29.40 -35.33
CA THR A 60 9.83 28.14 -35.71
C THR A 60 10.44 27.51 -34.49
N GLU A 61 10.24 26.20 -34.34
CA GLU A 61 10.70 25.44 -33.19
C GLU A 61 11.38 24.16 -33.66
N GLU A 62 12.26 23.64 -32.81
CA GLU A 62 13.02 22.43 -33.11
C GLU A 62 12.45 21.27 -32.31
N PHE A 63 12.08 20.21 -33.00
CA PHE A 63 11.53 19.01 -32.39
C PHE A 63 12.51 17.84 -32.55
N ASN A 64 12.32 16.82 -31.72
CA ASN A 64 13.14 15.60 -31.82
C ASN A 64 12.34 14.46 -31.22
N MET A 65 11.86 13.55 -32.06
CA MET A 65 11.04 12.44 -31.58
C MET A 65 11.87 11.35 -30.93
N TRP A 66 13.18 11.36 -31.10
CA TRP A 66 14.05 10.33 -30.54
C TRP A 66 14.63 10.73 -29.19
N LYS A 67 14.37 11.95 -28.72
CA LYS A 67 14.74 12.36 -27.37
C LYS A 67 13.56 12.98 -26.63
N ASN A 68 12.34 12.78 -27.15
CA ASN A 68 11.14 13.23 -26.46
C ASN A 68 10.96 12.42 -25.18
N ASN A 69 10.61 13.10 -24.09
CA ASN A 69 10.39 12.44 -22.82
C ASN A 69 8.94 12.07 -22.58
N MET A 70 8.02 12.53 -23.42
CA MET A 70 6.64 12.11 -23.28
C MET A 70 6.49 10.62 -23.45
N VAL A 71 7.35 10.00 -24.27
CA VAL A 71 7.27 8.57 -24.49
C VAL A 71 7.76 7.81 -23.26
N GLU A 72 8.81 8.31 -22.61
CA GLU A 72 9.35 7.60 -21.45
C GLU A 72 8.38 7.64 -20.28
N GLN A 73 7.58 8.71 -20.18
CA GLN A 73 6.55 8.74 -19.15
C GLN A 73 5.38 7.84 -19.53
N MET A 74 5.00 7.82 -20.80
CA MET A 74 3.91 6.94 -21.22
C MET A 74 4.28 5.49 -21.02
N HIS A 75 5.55 5.14 -21.22
CA HIS A 75 5.98 3.76 -21.02
C HIS A 75 5.81 3.35 -19.57
N THR A 76 6.19 4.23 -18.63
CA THR A 76 6.08 3.90 -17.22
C THR A 76 4.64 3.88 -16.76
N ASP A 77 3.82 4.81 -17.24
CA ASP A 77 2.42 4.83 -16.86
C ASP A 77 1.70 3.57 -17.34
N ILE A 78 1.98 3.15 -18.58
CA ILE A 78 1.32 1.96 -19.11
C ILE A 78 1.74 0.72 -18.33
N ILE A 79 3.03 0.61 -17.98
CA ILE A 79 3.47 -0.52 -17.17
C ILE A 79 2.87 -0.43 -15.77
N SER A 80 2.86 0.78 -15.20
CA SER A 80 2.32 0.93 -13.84
C SER A 80 0.83 0.62 -13.80
N LEU A 81 0.08 1.10 -14.78
CA LEU A 81 -1.35 0.80 -14.82
C LEU A 81 -1.59 -0.69 -14.95
N TRP A 82 -0.82 -1.35 -15.82
CA TRP A 82 -1.03 -2.78 -16.05
C TRP A 82 -0.82 -3.57 -14.76
N ASP A 83 0.24 -3.25 -14.01
CA ASP A 83 0.54 -3.97 -12.78
C ASP A 83 -0.56 -3.75 -11.75
N GLN A 84 -1.03 -2.52 -11.59
CA GLN A 84 -2.01 -2.23 -10.55
C GLN A 84 -3.30 -3.00 -10.79
N SER A 85 -3.65 -3.27 -12.05
CA SER A 85 -4.89 -3.97 -12.33
C SER A 85 -4.80 -5.44 -11.95
N LEU A 86 -3.60 -6.02 -11.97
CA LEU A 86 -3.41 -7.42 -11.65
C LEU A 86 -3.05 -7.67 -10.20
N LYS A 87 -2.88 -6.62 -9.40
CA LYS A 87 -2.58 -6.82 -7.98
C LYS A 87 -3.71 -7.53 -7.25
N PRO A 88 -4.98 -7.20 -7.45
CA PRO A 88 -6.05 -7.83 -6.67
C PRO A 88 -6.61 -9.12 -7.27
N CYS A 89 -6.07 -9.60 -8.39
CA CYS A 89 -6.67 -10.76 -9.05
C CYS A 89 -6.04 -12.05 -8.54
N VAL A 90 -6.69 -13.17 -8.87
CA VAL A 90 -6.29 -14.46 -8.33
C VAL A 90 -4.85 -14.78 -8.75
N LYS A 91 -4.10 -15.37 -7.82
CA LYS A 91 -2.72 -15.79 -8.06
C LYS A 91 -2.71 -17.30 -8.24
N LEU A 92 -2.23 -17.75 -9.39
CA LEU A 92 -2.30 -19.18 -9.75
C LEU A 92 -1.07 -19.95 -9.32
N THR A 93 -0.68 -19.80 -8.06
CA THR A 93 0.35 -20.67 -7.50
C THR A 93 -0.10 -22.12 -7.41
N PRO A 94 -1.30 -22.44 -6.90
CA PRO A 94 -1.68 -23.86 -6.79
C PRO A 94 -1.75 -24.59 -8.10
N LEU A 95 -1.73 -23.90 -9.24
CA LEU A 95 -1.76 -24.57 -10.53
C LEU A 95 -0.39 -25.10 -10.96
N CYS A 96 0.65 -24.84 -10.18
CA CYS A 96 1.97 -25.40 -10.45
C CYS A 96 2.07 -26.79 -9.80
N VAL A 97 1.38 -27.74 -10.42
CA VAL A 97 1.37 -29.13 -10.00
C VAL A 97 1.70 -30.00 -11.20
N THR A 98 1.73 -31.31 -10.96
CA THR A 98 2.13 -32.25 -12.00
C THR A 98 0.91 -32.66 -12.81
N LEU A 99 0.85 -32.21 -14.06
CA LEU A 99 -0.26 -32.51 -14.95
C LEU A 99 0.00 -33.81 -15.72
N GLN A 100 -1.09 -34.44 -16.14
CA GLN A 100 -1.03 -35.59 -17.04
C GLN A 100 -1.87 -35.26 -18.27
N CYS A 101 -1.24 -35.25 -19.44
CA CYS A 101 -1.84 -34.71 -20.65
C CYS A 101 -1.88 -35.75 -21.75
N THR A 102 -2.82 -35.56 -22.67
CA THR A 102 -2.90 -36.33 -23.90
C THR A 102 -3.38 -35.43 -25.02
N ASN A 103 -3.05 -35.81 -26.25
CA ASN A 103 -3.47 -35.02 -27.40
C ASN A 103 -4.97 -35.07 -27.57
N VAL A 104 -5.54 -33.99 -28.11
CA VAL A 104 -6.92 -33.96 -28.57
C VAL A 104 -6.91 -34.26 -30.06
N THR A 105 -7.85 -35.10 -30.50
CA THR A 105 -7.91 -35.51 -31.90
C THR A 105 -9.32 -35.51 -32.45
N ASN A 106 -10.31 -35.06 -31.69
CA ASN A 106 -11.69 -35.04 -32.15
C ASN A 106 -11.90 -33.85 -33.07
N ASN A 107 -12.18 -34.13 -34.34
CA ASN A 107 -12.38 -33.09 -35.35
C ASN A 107 -11.17 -32.17 -35.42
N ILE A 108 -10.00 -32.78 -35.55
CA ILE A 108 -8.74 -32.05 -35.52
C ILE A 108 -8.30 -31.80 -36.96
N THR A 109 -8.08 -30.54 -37.30
CA THR A 109 -7.57 -30.20 -38.62
C THR A 109 -6.10 -30.59 -38.74
N ASP A 110 -5.68 -30.92 -39.96
CA ASP A 110 -4.32 -31.39 -40.15
C ASP A 110 -3.30 -30.36 -39.69
N ASP A 111 -3.54 -29.09 -40.01
CA ASP A 111 -2.61 -28.05 -39.61
C ASP A 111 -2.51 -27.93 -38.08
N MET A 112 -3.66 -28.05 -37.40
CA MET A 112 -3.74 -27.80 -35.97
C MET A 112 -3.41 -29.01 -35.12
N ARG A 113 -3.21 -30.18 -35.72
CA ARG A 113 -2.94 -31.37 -34.93
C ARG A 113 -1.67 -31.17 -34.10
N GLY A 114 -1.73 -31.57 -32.84
CA GLY A 114 -0.59 -31.54 -31.96
C GLY A 114 -0.35 -30.23 -31.24
N GLU A 115 -1.33 -29.32 -31.23
CA GLU A 115 -1.17 -28.03 -30.56
C GLU A 115 -1.90 -27.96 -29.24
N LEU A 116 -3.05 -28.59 -29.13
CA LEU A 116 -3.88 -28.52 -27.93
C LEU A 116 -3.76 -29.81 -27.14
N LYS A 117 -3.45 -29.69 -25.85
CA LYS A 117 -3.32 -30.83 -24.95
C LYS A 117 -4.54 -30.92 -24.04
N ASN A 118 -4.81 -32.13 -23.57
CA ASN A 118 -5.93 -32.43 -22.69
C ASN A 118 -5.32 -32.91 -21.37
N CYS A 119 -5.16 -31.99 -20.42
CA CYS A 119 -4.42 -32.25 -19.20
C CYS A 119 -5.37 -32.45 -18.02
N SER A 120 -4.99 -33.34 -17.11
CA SER A 120 -5.77 -33.65 -15.92
C SER A 120 -4.86 -33.61 -14.71
N PHE A 121 -5.38 -33.09 -13.60
CA PHE A 121 -4.57 -32.92 -12.40
C PHE A 121 -5.47 -32.96 -11.16
N ASN A 122 -4.85 -33.27 -10.03
CA ASN A 122 -5.54 -33.20 -8.74
C ASN A 122 -5.48 -31.78 -8.22
N MET A 123 -6.61 -31.29 -7.71
CA MET A 123 -6.68 -29.92 -7.23
C MET A 123 -7.52 -29.88 -5.96
N THR A 124 -7.19 -28.92 -5.10
CA THR A 124 -7.98 -28.69 -3.90
C THR A 124 -9.31 -28.03 -4.26
N THR A 125 -10.32 -28.31 -3.46
CA THR A 125 -11.61 -27.67 -3.59
C THR A 125 -11.73 -26.57 -2.54
N GLU A 126 -12.92 -25.98 -2.43
CA GLU A 126 -13.11 -24.90 -1.46
C GLU A 126 -12.76 -25.36 -0.05
N LEU A 127 -12.98 -26.64 0.24
CA LEU A 127 -12.56 -27.19 1.51
C LEU A 127 -11.07 -27.52 1.50
N ARG A 128 -10.41 -27.24 2.61
CA ARG A 128 -8.97 -27.42 2.70
C ARG A 128 -8.57 -28.88 2.95
N ASP A 129 -9.53 -29.79 3.03
CA ASP A 129 -9.26 -31.21 3.22
C ASP A 129 -9.48 -32.03 1.96
N LYS A 130 -10.65 -31.91 1.34
CA LYS A 130 -10.97 -32.73 0.18
C LYS A 130 -10.23 -32.21 -1.06
N LYS A 131 -10.01 -33.12 -2.01
CA LYS A 131 -9.37 -32.80 -3.28
C LYS A 131 -10.26 -33.30 -4.41
N GLN A 132 -10.17 -32.61 -5.56
CA GLN A 132 -11.01 -32.92 -6.70
C GLN A 132 -10.14 -33.19 -7.92
N LYS A 133 -10.63 -34.09 -8.78
CA LYS A 133 -9.97 -34.44 -10.03
C LYS A 133 -10.61 -33.63 -11.15
N VAL A 134 -9.81 -32.80 -11.81
CA VAL A 134 -10.28 -31.87 -12.82
C VAL A 134 -9.41 -31.99 -14.06
N TYR A 135 -9.89 -31.40 -15.15
CA TYR A 135 -9.15 -31.37 -16.40
C TYR A 135 -9.32 -30.00 -17.04
N SER A 136 -8.44 -29.70 -17.99
CA SER A 136 -8.47 -28.43 -18.70
C SER A 136 -7.63 -28.55 -19.96
N LEU A 137 -8.00 -27.80 -20.99
CA LEU A 137 -7.24 -27.79 -22.23
C LEU A 137 -6.20 -26.68 -22.20
N PHE A 138 -4.96 -27.03 -22.52
CA PHE A 138 -3.87 -26.07 -22.58
C PHE A 138 -3.21 -26.13 -23.94
N TYR A 139 -2.88 -24.96 -24.50
CA TYR A 139 -2.11 -24.92 -25.72
C TYR A 139 -0.70 -25.46 -25.47
N ARG A 140 -0.08 -25.98 -26.54
CA ARG A 140 1.23 -26.60 -26.37
C ARG A 140 2.29 -25.61 -25.93
N LEU A 141 2.10 -24.32 -26.20
CA LEU A 141 3.09 -23.33 -25.82
C LEU A 141 3.08 -23.02 -24.33
N ASP A 142 2.11 -23.52 -23.58
CA ASP A 142 2.00 -23.24 -22.16
C ASP A 142 2.56 -24.33 -21.28
N VAL A 143 2.75 -25.54 -21.80
CA VAL A 143 3.16 -26.68 -21.00
C VAL A 143 4.47 -27.24 -21.54
N VAL A 144 5.24 -27.88 -20.66
CA VAL A 144 6.47 -28.56 -21.02
C VAL A 144 6.50 -29.90 -20.29
N GLN A 145 7.34 -30.79 -20.80
CA GLN A 145 7.46 -32.12 -20.21
C GLN A 145 8.51 -32.12 -19.12
N ILE A 146 8.21 -32.84 -18.04
CA ILE A 146 9.14 -32.99 -16.91
C ILE A 146 10.17 -34.03 -17.30
N ASN A 147 11.44 -33.66 -17.27
CA ASN A 147 12.52 -34.56 -17.65
C ASN A 147 13.25 -35.06 -16.41
N LYS A 159 3.86 -37.55 -21.38
CA LYS A 159 2.57 -37.81 -20.74
C LYS A 159 2.40 -36.97 -19.48
N GLU A 160 3.52 -36.61 -18.86
CA GLU A 160 3.53 -35.84 -17.63
C GLU A 160 4.11 -34.46 -17.92
N TYR A 161 3.33 -33.42 -17.63
CA TYR A 161 3.66 -32.06 -18.03
C TYR A 161 3.66 -31.13 -16.82
N ARG A 162 3.99 -29.86 -17.07
CA ARG A 162 3.86 -28.80 -16.09
C ARG A 162 3.73 -27.48 -16.84
N LEU A 163 3.18 -26.47 -16.16
CA LEU A 163 3.12 -25.15 -16.75
C LEU A 163 4.53 -24.60 -16.91
N ILE A 164 4.69 -23.76 -17.94
CA ILE A 164 6.02 -23.29 -18.31
C ILE A 164 6.59 -22.31 -17.29
N ASN A 165 5.73 -21.57 -16.58
CA ASN A 165 6.16 -20.49 -15.70
C ASN A 165 6.56 -20.96 -14.31
N CYS A 166 6.37 -22.25 -14.00
CA CYS A 166 6.51 -22.66 -12.61
C CYS A 166 7.93 -22.52 -12.10
N ASN A 167 8.92 -22.82 -12.93
CA ASN A 167 10.30 -22.69 -12.50
C ASN A 167 10.82 -21.26 -12.58
N THR A 168 9.99 -20.31 -13.04
CA THR A 168 10.36 -18.91 -13.12
C THR A 168 9.61 -18.04 -12.13
N SER A 169 8.27 -18.07 -12.15
CA SER A 169 7.46 -17.31 -11.21
C SER A 169 6.01 -17.70 -11.38
N ALA A 170 5.22 -17.43 -10.35
CA ALA A 170 3.77 -17.64 -10.43
C ALA A 170 3.13 -16.51 -11.22
N CYS A 171 1.94 -16.77 -11.74
CA CYS A 171 1.20 -15.80 -12.54
C CYS A 171 -0.12 -15.46 -11.86
N THR A 172 -0.52 -14.20 -12.00
CA THR A 172 -1.82 -13.77 -11.51
C THR A 172 -2.85 -13.84 -12.62
N GLN A 173 -3.88 -14.65 -12.41
CA GLN A 173 -4.96 -14.75 -13.39
C GLN A 173 -5.56 -13.38 -13.64
N ALA A 174 -5.78 -13.05 -14.91
CA ALA A 174 -6.39 -11.77 -15.25
C ALA A 174 -7.83 -11.76 -14.78
N CYS A 175 -8.22 -10.68 -14.10
CA CYS A 175 -9.60 -10.56 -13.65
C CYS A 175 -10.52 -10.54 -14.87
N PRO A 176 -11.58 -11.35 -14.90
CA PRO A 176 -12.52 -11.27 -16.02
C PRO A 176 -13.39 -10.03 -15.98
N LYS A 177 -13.24 -9.17 -14.98
CA LYS A 177 -14.01 -7.94 -14.85
C LYS A 177 -13.24 -6.71 -15.30
N VAL A 178 -12.06 -6.89 -15.89
CA VAL A 178 -11.27 -5.80 -16.44
C VAL A 178 -10.92 -6.13 -17.88
N SER A 179 -10.97 -5.13 -18.75
CA SER A 179 -10.78 -5.32 -20.19
C SER A 179 -9.38 -4.90 -20.61
N PHE A 180 -9.01 -5.28 -21.82
CA PHE A 180 -7.74 -4.91 -22.43
C PHE A 180 -7.91 -4.00 -23.64
N GLU A 181 -9.14 -3.72 -24.04
CA GLU A 181 -9.37 -2.90 -25.23
C GLU A 181 -8.83 -1.50 -24.99
N PRO A 182 -8.05 -0.93 -25.92
CA PRO A 182 -7.52 0.41 -25.71
C PRO A 182 -8.64 1.43 -25.58
N ILE A 183 -8.46 2.38 -24.67
CA ILE A 183 -9.35 3.52 -24.48
C ILE A 183 -8.52 4.79 -24.64
N PRO A 184 -8.80 5.63 -25.63
CA PRO A 184 -7.92 6.78 -25.87
C PRO A 184 -7.73 7.63 -24.63
N ILE A 185 -6.49 8.07 -24.40
CA ILE A 185 -6.13 8.91 -23.27
C ILE A 185 -5.33 10.08 -23.79
N HIS A 186 -5.60 11.27 -23.26
CA HIS A 186 -4.86 12.47 -23.61
C HIS A 186 -3.89 12.82 -22.50
N TYR A 187 -2.71 13.30 -22.89
CA TYR A 187 -1.71 13.78 -21.94
C TYR A 187 -1.75 15.30 -21.90
N CYS A 188 -2.02 15.85 -20.72
CA CYS A 188 -2.19 17.29 -20.54
C CYS A 188 -1.06 17.84 -19.69
N ALA A 189 -0.47 18.95 -20.14
CA ALA A 189 0.58 19.58 -19.35
C ALA A 189 -0.04 20.44 -18.24
N PRO A 190 0.45 20.36 -17.01
CA PRO A 190 -0.13 21.17 -15.94
C PRO A 190 0.22 22.64 -16.09
N ALA A 191 -0.32 23.45 -15.18
CA ALA A 191 -0.11 24.88 -15.24
C ALA A 191 1.38 25.19 -15.13
N GLY A 192 1.82 26.22 -15.86
CA GLY A 192 3.21 26.60 -15.92
C GLY A 192 3.99 25.95 -17.05
N PHE A 193 3.37 25.01 -17.76
CA PHE A 193 3.98 24.34 -18.91
C PHE A 193 3.03 24.40 -20.09
N ALA A 194 3.45 23.81 -21.20
CA ALA A 194 2.64 23.78 -22.41
C ALA A 194 3.11 22.65 -23.30
N ILE A 195 2.30 22.32 -24.30
CA ILE A 195 2.62 21.29 -25.29
C ILE A 195 2.57 21.94 -26.66
N LEU A 196 3.65 21.81 -27.42
CA LEU A 196 3.74 22.35 -28.77
C LEU A 196 3.50 21.24 -29.79
N LYS A 197 2.64 21.51 -30.77
CA LYS A 197 2.20 20.52 -31.74
C LYS A 197 2.68 20.93 -33.13
N CYS A 198 3.54 20.13 -33.73
CA CYS A 198 3.99 20.38 -35.09
C CYS A 198 2.87 20.07 -36.07
N LYS A 199 2.41 21.10 -36.78
CA LYS A 199 1.30 20.96 -37.72
C LYS A 199 1.79 20.78 -39.15
N ASP A 200 3.08 20.56 -39.36
CA ASP A 200 3.61 20.34 -40.70
C ASP A 200 3.15 18.99 -41.22
N LYS A 201 2.80 18.94 -42.51
CA LYS A 201 2.34 17.69 -43.11
C LYS A 201 3.50 16.75 -43.40
N LYS A 202 4.65 17.29 -43.80
CA LYS A 202 5.81 16.48 -44.19
C LYS A 202 6.90 16.49 -43.11
N PHE A 203 6.51 16.50 -41.85
CA PHE A 203 7.50 16.51 -40.78
C PHE A 203 8.13 15.13 -40.64
N ASN A 204 9.47 15.08 -40.63
CA ASN A 204 10.20 13.83 -40.57
C ASN A 204 10.74 13.51 -39.19
N GLY A 205 10.28 14.22 -38.16
CA GLY A 205 10.56 13.87 -36.78
C GLY A 205 11.66 14.66 -36.13
N THR A 206 12.49 15.36 -36.89
CA THR A 206 13.60 16.12 -36.33
C THR A 206 13.82 17.38 -37.14
N GLY A 207 14.21 18.46 -36.45
CA GLY A 207 14.53 19.70 -37.11
C GLY A 207 13.44 20.74 -36.96
N PRO A 208 13.50 21.78 -37.79
CA PRO A 208 12.50 22.86 -37.69
C PRO A 208 11.11 22.38 -38.05
N CYS A 209 10.11 23.00 -37.42
CA CYS A 209 8.71 22.81 -37.77
C CYS A 209 8.12 24.14 -38.21
N PRO A 210 7.95 24.39 -39.50
CA PRO A 210 7.46 25.71 -39.94
C PRO A 210 6.14 26.10 -39.29
N SER A 211 5.24 25.16 -39.04
CA SER A 211 3.96 25.43 -38.41
C SER A 211 3.94 24.76 -37.04
N VAL A 212 3.48 25.51 -36.02
CA VAL A 212 3.41 25.01 -34.67
C VAL A 212 2.14 25.55 -34.02
N SER A 213 1.70 24.88 -32.95
CA SER A 213 0.53 25.29 -32.20
C SER A 213 0.68 24.80 -30.77
N THR A 214 -0.14 25.37 -29.88
CA THR A 214 -0.18 24.98 -28.49
C THR A 214 -1.55 24.42 -28.16
N VAL A 215 -1.58 23.33 -27.39
CA VAL A 215 -2.82 22.67 -27.03
C VAL A 215 -2.78 22.37 -25.53
N GLN A 216 -3.96 22.21 -24.94
CA GLN A 216 -4.04 21.89 -23.52
C GLN A 216 -3.85 20.39 -23.28
N CYS A 217 -4.20 19.56 -24.26
CA CYS A 217 -4.02 18.13 -24.15
C CYS A 217 -3.75 17.56 -25.54
N THR A 218 -3.02 16.45 -25.58
CA THR A 218 -2.74 15.77 -26.83
C THR A 218 -4.00 15.07 -27.35
N HIS A 219 -3.97 14.71 -28.63
CA HIS A 219 -5.08 13.98 -29.19
C HIS A 219 -5.21 12.61 -28.50
N GLY A 220 -6.32 11.94 -28.78
CA GLY A 220 -6.56 10.64 -28.17
C GLY A 220 -5.60 9.58 -28.67
N ILE A 221 -4.68 9.15 -27.81
CA ILE A 221 -3.67 8.16 -28.17
C ILE A 221 -4.08 6.83 -27.55
N LYS A 222 -4.39 5.86 -28.41
CA LYS A 222 -4.75 4.52 -27.94
C LYS A 222 -3.48 3.73 -27.63
N PRO A 223 -3.32 3.23 -26.42
CA PRO A 223 -2.12 2.42 -26.13
C PRO A 223 -2.23 1.02 -26.69
N VAL A 224 -2.11 0.88 -28.00
CA VAL A 224 -2.19 -0.41 -28.65
C VAL A 224 -0.83 -1.11 -28.56
N VAL A 225 -0.81 -2.29 -27.96
CA VAL A 225 0.39 -3.08 -27.81
C VAL A 225 0.44 -4.06 -28.97
N SER A 226 1.46 -3.93 -29.81
CA SER A 226 1.59 -4.78 -30.99
C SER A 226 3.05 -4.83 -31.40
N THR A 227 3.38 -5.81 -32.24
CA THR A 227 4.75 -6.05 -32.66
C THR A 227 4.78 -6.23 -34.17
N GLN A 228 5.76 -5.60 -34.82
CA GLN A 228 6.02 -5.72 -36.25
C GLN A 228 4.98 -5.01 -37.12
N LEU A 229 3.90 -4.52 -36.52
CA LEU A 229 2.80 -3.96 -37.29
C LEU A 229 2.03 -3.01 -36.39
N LEU A 230 2.03 -1.73 -36.73
CA LEU A 230 1.38 -0.71 -35.92
C LEU A 230 -0.08 -0.58 -36.33
N LEU A 231 -0.97 -1.08 -35.48
CA LEU A 231 -2.40 -1.14 -35.78
C LEU A 231 -3.14 0.05 -35.17
N ASN A 232 -4.28 0.37 -35.76
CA ASN A 232 -5.22 1.35 -35.22
C ASN A 232 -4.56 2.69 -34.90
N GLY A 233 -3.41 2.97 -35.51
CA GLY A 233 -2.70 4.21 -35.26
C GLY A 233 -3.21 5.34 -36.13
N SER A 234 -2.45 6.44 -36.12
CA SER A 234 -2.75 7.60 -36.93
C SER A 234 -2.10 7.45 -38.29
N LEU A 235 -2.79 7.95 -39.32
CA LEU A 235 -2.30 7.90 -40.69
C LEU A 235 -1.62 9.21 -41.05
N ALA A 236 -0.71 9.14 -42.01
CA ALA A 236 0.04 10.32 -42.45
C ALA A 236 -0.82 11.12 -43.43
N GLU A 237 -0.27 12.21 -43.96
CA GLU A 237 -0.99 13.08 -44.88
C GLU A 237 -0.17 13.30 -46.15
N GLU A 238 -0.75 12.92 -47.28
CA GLU A 238 -0.29 13.17 -48.64
C GLU A 238 0.88 12.27 -49.05
N GLU A 239 1.46 11.48 -48.15
CA GLU A 239 2.59 10.64 -48.52
C GLU A 239 2.84 9.61 -47.42
N VAL A 240 3.72 8.66 -47.72
CA VAL A 240 4.25 7.75 -46.72
C VAL A 240 5.55 8.32 -46.19
N MET A 241 5.69 8.32 -44.86
CA MET A 241 6.85 8.92 -44.21
C MET A 241 7.75 7.85 -43.62
N ILE A 242 9.05 7.97 -43.87
CA ILE A 242 10.07 7.12 -43.29
C ILE A 242 10.79 7.91 -42.22
N ARG A 243 10.79 7.41 -40.99
CA ARG A 243 11.36 8.13 -39.86
C ARG A 243 12.32 7.23 -39.09
N SER A 244 13.60 7.59 -39.12
CA SER A 244 14.62 6.83 -38.41
C SER A 244 15.53 7.79 -37.66
N GLU A 245 16.07 7.31 -36.54
CA GLU A 245 16.94 8.15 -35.72
C GLU A 245 18.22 8.51 -36.45
N ASN A 246 18.83 7.54 -37.12
CA ASN A 246 20.02 7.75 -37.94
C ASN A 246 19.85 6.83 -39.15
N ILE A 247 19.32 7.38 -40.24
CA ILE A 247 18.83 6.54 -41.33
C ILE A 247 19.93 5.67 -41.91
N THR A 248 21.19 6.12 -41.84
CA THR A 248 22.31 5.39 -42.41
C THR A 248 22.92 4.41 -41.42
N ASN A 249 22.15 3.97 -40.42
CA ASN A 249 22.61 3.00 -39.46
C ASN A 249 21.87 1.68 -39.71
N ASN A 250 22.29 0.62 -39.01
CA ASN A 250 21.63 -0.68 -39.10
C ASN A 250 20.99 -1.12 -37.80
N ALA A 251 21.38 -0.57 -36.65
CA ALA A 251 20.81 -0.93 -35.36
C ALA A 251 19.63 -0.06 -34.97
N LYS A 252 19.26 0.90 -35.82
CA LYS A 252 18.13 1.79 -35.56
C LYS A 252 16.96 1.35 -36.43
N ASN A 253 15.82 1.08 -35.79
CA ASN A 253 14.63 0.67 -36.53
C ASN A 253 14.09 1.84 -37.34
N ILE A 254 13.23 1.49 -38.30
CA ILE A 254 12.61 2.47 -39.20
C ILE A 254 11.11 2.43 -38.97
N LEU A 255 10.53 3.59 -38.68
CA LEU A 255 9.11 3.70 -38.36
C LEU A 255 8.35 4.25 -39.56
N VAL A 256 7.99 3.34 -40.47
CA VAL A 256 7.16 3.72 -41.61
C VAL A 256 5.74 3.99 -41.14
N GLN A 257 5.16 5.08 -41.62
CA GLN A 257 3.76 5.41 -41.34
C GLN A 257 3.00 5.44 -42.65
N PHE A 258 1.94 4.64 -42.72
CA PHE A 258 1.20 4.48 -43.96
C PHE A 258 0.32 5.69 -44.24
N ASN A 259 0.22 6.05 -45.52
CA ASN A 259 -0.68 7.11 -45.95
C ASN A 259 -2.12 6.66 -45.94
N THR A 260 -2.39 5.43 -46.40
CA THR A 260 -3.73 4.90 -46.52
C THR A 260 -3.82 3.59 -45.75
N PRO A 261 -4.80 3.45 -44.85
CA PRO A 261 -4.85 2.23 -44.04
C PRO A 261 -5.12 0.98 -44.86
N VAL A 262 -4.59 -0.13 -44.38
CA VAL A 262 -4.84 -1.45 -44.96
C VAL A 262 -5.48 -2.31 -43.89
N GLN A 263 -6.60 -2.93 -44.23
CA GLN A 263 -7.41 -3.68 -43.28
C GLN A 263 -6.83 -5.07 -43.08
N ILE A 264 -6.95 -5.59 -41.86
CA ILE A 264 -6.50 -6.94 -41.53
C ILE A 264 -7.55 -7.58 -40.62
N ASN A 265 -8.27 -8.56 -41.15
CA ASN A 265 -9.20 -9.32 -40.33
C ASN A 265 -8.50 -10.50 -39.68
N CYS A 266 -8.94 -10.84 -38.46
CA CYS A 266 -8.38 -11.99 -37.78
C CYS A 266 -9.49 -12.68 -36.98
N THR A 267 -9.33 -13.99 -36.78
CA THR A 267 -10.37 -14.79 -36.16
C THR A 267 -9.77 -15.92 -35.35
N ARG A 268 -10.53 -16.39 -34.36
CA ARG A 268 -10.22 -17.57 -33.58
C ARG A 268 -11.47 -18.44 -33.62
N PRO A 269 -11.65 -19.22 -34.69
CA PRO A 269 -12.98 -19.79 -34.96
C PRO A 269 -13.49 -20.75 -33.90
N ASN A 270 -12.62 -21.35 -33.09
CA ASN A 270 -13.04 -22.41 -32.20
C ASN A 270 -14.15 -21.94 -31.26
N ASN A 271 -15.17 -22.77 -31.14
CA ASN A 271 -16.37 -22.50 -30.34
C ASN A 271 -16.19 -23.00 -28.92
N ASN A 272 -15.12 -22.55 -28.26
CA ASN A 272 -14.73 -23.12 -26.98
C ASN A 272 -15.63 -22.61 -25.86
N THR A 273 -15.62 -23.35 -24.75
CA THR A 273 -16.43 -23.06 -23.58
C THR A 273 -15.54 -22.77 -22.39
N ARG A 274 -16.06 -21.94 -21.49
CA ARG A 274 -15.39 -21.62 -20.24
C ARG A 274 -15.92 -22.52 -19.12
N LYS A 275 -15.08 -22.75 -18.12
CA LYS A 275 -15.41 -23.68 -17.04
C LYS A 275 -14.70 -23.22 -15.77
N SER A 276 -15.47 -23.02 -14.71
CA SER A 276 -14.96 -22.47 -13.46
C SER A 276 -14.56 -23.59 -12.51
N ILE A 277 -13.32 -23.56 -12.05
CA ILE A 277 -12.80 -24.50 -11.06
C ILE A 277 -12.50 -23.71 -9.79
N ARG A 278 -13.22 -24.04 -8.72
CA ARG A 278 -13.00 -23.40 -7.43
C ARG A 278 -11.81 -24.04 -6.74
N ILE A 279 -10.80 -23.24 -6.42
CA ILE A 279 -9.55 -23.72 -5.89
C ILE A 279 -9.27 -23.16 -4.49
N GLY A 280 -10.27 -22.53 -3.88
CA GLY A 280 -10.11 -21.93 -2.57
C GLY A 280 -11.30 -21.07 -2.22
N PRO A 281 -11.34 -20.57 -0.98
CA PRO A 281 -12.49 -19.75 -0.57
C PRO A 281 -12.63 -18.52 -1.46
N GLY A 282 -13.72 -18.49 -2.23
CA GLY A 282 -14.07 -17.31 -3.00
C GLY A 282 -13.22 -17.08 -4.23
N GLN A 283 -12.25 -17.93 -4.51
CA GLN A 283 -11.35 -17.74 -5.65
C GLN A 283 -11.48 -18.94 -6.58
N ALA A 284 -11.65 -18.66 -7.88
CA ALA A 284 -11.93 -19.67 -8.88
C ALA A 284 -10.97 -19.55 -10.04
N PHE A 285 -10.75 -20.68 -10.70
CA PHE A 285 -9.89 -20.77 -11.87
C PHE A 285 -10.76 -21.04 -13.09
N TYR A 286 -10.57 -20.23 -14.14
CA TYR A 286 -11.36 -20.35 -15.35
C TYR A 286 -10.60 -21.22 -16.35
N ALA A 287 -10.97 -22.49 -16.41
CA ALA A 287 -10.33 -23.45 -17.31
C ALA A 287 -11.07 -23.47 -18.65
N THR A 288 -10.53 -24.28 -19.56
CA THR A 288 -11.12 -24.42 -20.89
C THR A 288 -11.81 -25.77 -20.99
N GLY A 289 -13.10 -25.75 -21.32
CA GLY A 289 -13.84 -26.97 -21.53
C GLY A 289 -13.65 -27.50 -22.94
N ASP A 290 -14.31 -28.64 -23.20
CA ASP A 290 -14.19 -29.26 -24.51
C ASP A 290 -14.76 -28.34 -25.59
N ILE A 291 -14.12 -28.37 -26.75
CA ILE A 291 -14.50 -27.49 -27.85
C ILE A 291 -15.79 -28.00 -28.48
N ILE A 292 -16.48 -27.11 -29.20
CA ILE A 292 -17.72 -27.43 -29.90
C ILE A 292 -17.44 -27.28 -31.39
N GLY A 293 -17.58 -28.38 -32.13
CA GLY A 293 -17.33 -28.35 -33.56
C GLY A 293 -15.93 -28.77 -33.92
N ASP A 294 -15.44 -28.29 -35.06
CA ASP A 294 -14.12 -28.67 -35.53
C ASP A 294 -13.03 -27.89 -34.81
N ILE A 295 -11.81 -28.44 -34.84
CA ILE A 295 -10.63 -27.78 -34.32
C ILE A 295 -9.82 -27.28 -35.51
N ARG A 296 -9.67 -25.97 -35.63
CA ARG A 296 -9.01 -25.34 -36.75
C ARG A 296 -7.90 -24.43 -36.24
N GLN A 297 -7.31 -23.68 -37.15
CA GLN A 297 -6.20 -22.78 -36.84
C GLN A 297 -6.69 -21.34 -36.86
N ALA A 298 -6.05 -20.50 -36.04
CA ALA A 298 -6.32 -19.08 -36.06
C ALA A 298 -5.52 -18.43 -37.18
N HIS A 299 -6.00 -17.29 -37.67
CA HIS A 299 -5.40 -16.67 -38.84
C HIS A 299 -5.93 -15.27 -39.01
N CYS A 300 -5.14 -14.43 -39.67
CA CYS A 300 -5.59 -13.13 -40.13
C CYS A 300 -5.57 -13.09 -41.65
N ASN A 301 -6.32 -12.14 -42.22
CA ASN A 301 -6.42 -11.97 -43.66
C ASN A 301 -6.05 -10.56 -44.07
N VAL A 302 -5.33 -10.45 -45.18
CA VAL A 302 -4.92 -9.17 -45.75
C VAL A 302 -5.15 -9.22 -47.24
N SER A 303 -5.78 -8.18 -47.79
CA SER A 303 -6.02 -8.12 -49.22
C SER A 303 -4.71 -7.96 -49.96
N LYS A 304 -4.42 -8.90 -50.88
CA LYS A 304 -3.13 -8.88 -51.56
C LYS A 304 -3.01 -7.72 -52.53
N ALA A 305 -4.13 -7.17 -52.99
CA ALA A 305 -4.07 -6.02 -53.88
C ALA A 305 -3.65 -4.77 -53.12
N THR A 306 -4.25 -4.54 -51.94
CA THR A 306 -3.91 -3.36 -51.16
C THR A 306 -2.54 -3.48 -50.53
N TRP A 307 -2.12 -4.71 -50.20
CA TRP A 307 -0.77 -4.90 -49.67
C TRP A 307 0.26 -4.83 -50.76
N ASN A 308 -0.11 -5.16 -52.00
CA ASN A 308 0.85 -5.08 -53.09
C ASN A 308 1.14 -3.64 -53.47
N GLU A 309 0.13 -2.77 -53.41
CA GLU A 309 0.37 -1.35 -53.64
C GLU A 309 0.99 -0.68 -52.43
N THR A 310 0.60 -1.08 -51.23
CA THR A 310 1.08 -0.42 -50.03
C THR A 310 2.58 -0.61 -49.87
N LEU A 311 3.12 -1.73 -50.35
CA LEU A 311 4.57 -1.86 -50.47
C LEU A 311 5.11 -1.10 -51.67
N GLY A 312 4.27 -0.86 -52.68
CA GLY A 312 4.68 -0.02 -53.80
C GLY A 312 4.90 1.41 -53.39
N LYS A 313 4.07 1.92 -52.47
CA LYS A 313 4.27 3.26 -51.95
C LYS A 313 5.49 3.32 -51.04
N VAL A 314 5.73 2.25 -50.27
CA VAL A 314 6.82 2.26 -49.31
C VAL A 314 8.17 2.22 -50.03
N VAL A 315 8.27 1.43 -51.09
CA VAL A 315 9.55 1.27 -51.77
C VAL A 315 9.98 2.60 -52.39
N LYS A 316 9.04 3.36 -52.93
CA LYS A 316 9.39 4.60 -53.60
C LYS A 316 10.03 5.59 -52.63
N GLN A 317 9.47 5.70 -51.42
CA GLN A 317 10.06 6.60 -50.42
C GLN A 317 11.44 6.12 -49.99
N LEU A 318 11.59 4.81 -49.79
CA LEU A 318 12.91 4.27 -49.41
C LEU A 318 13.96 4.57 -50.46
N ARG A 319 13.57 4.78 -51.72
CA ARG A 319 14.53 5.13 -52.75
C ARG A 319 15.13 6.52 -52.55
N LYS A 320 14.51 7.35 -51.71
CA LYS A 320 15.01 8.69 -51.46
C LYS A 320 16.12 8.73 -50.43
N HIS A 321 16.45 7.59 -49.82
CA HIS A 321 17.45 7.53 -48.74
C HIS A 321 18.64 6.66 -49.12
N PHE A 322 18.37 5.46 -49.66
CA PHE A 322 19.43 4.49 -49.91
C PHE A 322 19.87 4.47 -51.37
N GLY A 323 19.10 5.03 -52.28
CA GLY A 323 19.48 5.06 -53.68
C GLY A 323 18.26 5.04 -54.58
N ASN A 324 18.42 5.65 -55.76
CA ASN A 324 17.36 5.68 -56.76
C ASN A 324 17.37 4.45 -57.67
N ASN A 325 18.44 3.66 -57.65
CA ASN A 325 18.55 2.50 -58.53
C ASN A 325 18.93 1.25 -57.76
N THR A 326 18.55 1.17 -56.49
CA THR A 326 18.82 0.01 -55.66
C THR A 326 17.67 -0.98 -55.73
N ILE A 327 17.98 -2.24 -55.45
CA ILE A 327 17.02 -3.33 -55.49
C ILE A 327 16.55 -3.57 -54.06
N ILE A 328 15.29 -3.26 -53.78
CA ILE A 328 14.74 -3.32 -52.44
C ILE A 328 14.11 -4.69 -52.22
N ARG A 329 14.63 -5.44 -51.25
CA ARG A 329 14.12 -6.74 -50.89
C ARG A 329 13.35 -6.65 -49.58
N PHE A 330 12.65 -7.73 -49.27
CA PHE A 330 12.04 -7.93 -47.96
C PHE A 330 12.16 -9.40 -47.59
N ALA A 331 12.28 -9.67 -46.29
CA ALA A 331 12.52 -11.02 -45.81
C ALA A 331 11.68 -11.26 -44.56
N ASN A 332 11.61 -12.53 -44.15
CA ASN A 332 10.73 -12.96 -43.06
C ASN A 332 11.50 -12.93 -41.75
N SER A 333 11.45 -11.77 -41.09
CA SER A 333 11.96 -11.65 -39.73
C SER A 333 13.41 -12.10 -39.61
N SER A 334 13.92 -12.14 -38.39
CA SER A 334 15.30 -12.53 -38.12
C SER A 334 15.41 -13.84 -37.37
N GLY A 335 14.38 -14.24 -36.65
CA GLY A 335 14.45 -15.41 -35.78
C GLY A 335 14.58 -15.00 -34.32
N GLY A 336 14.04 -15.85 -33.45
CA GLY A 336 14.07 -15.58 -32.03
C GLY A 336 12.81 -16.05 -31.32
N ASP A 337 12.45 -15.40 -30.22
CA ASP A 337 11.27 -15.79 -29.47
C ASP A 337 10.01 -15.19 -30.10
N LEU A 338 8.90 -15.89 -29.92
CA LEU A 338 7.64 -15.46 -30.51
C LEU A 338 7.36 -13.98 -30.27
N GLU A 339 7.81 -13.46 -29.13
CA GLU A 339 7.49 -12.08 -28.78
C GLU A 339 8.21 -11.06 -29.67
N VAL A 340 9.17 -11.50 -30.48
CA VAL A 340 9.86 -10.60 -31.38
C VAL A 340 9.81 -11.07 -32.84
N THR A 341 9.65 -12.37 -33.11
CA THR A 341 9.69 -12.89 -34.46
C THR A 341 8.30 -13.11 -35.06
N THR A 342 7.27 -12.49 -34.48
CA THR A 342 5.91 -12.65 -34.98
C THR A 342 5.12 -11.38 -34.67
N HIS A 343 3.98 -11.23 -35.34
CA HIS A 343 3.10 -10.10 -35.10
C HIS A 343 2.16 -10.46 -33.95
N SER A 344 2.43 -9.89 -32.78
CA SER A 344 1.67 -10.21 -31.58
C SER A 344 0.72 -9.08 -31.24
N PHE A 345 -0.43 -9.46 -30.68
CA PHE A 345 -1.46 -8.52 -30.25
C PHE A 345 -2.48 -9.32 -29.46
N ASN A 346 -3.56 -8.66 -29.05
CA ASN A 346 -4.69 -9.33 -28.41
C ASN A 346 -5.98 -8.84 -29.05
N CYS A 347 -6.83 -9.78 -29.45
CA CYS A 347 -8.10 -9.48 -30.13
C CYS A 347 -9.22 -10.09 -29.29
N GLY A 348 -9.88 -9.25 -28.50
CA GLY A 348 -10.95 -9.68 -27.63
C GLY A 348 -10.51 -10.19 -26.28
N GLY A 349 -9.20 -10.29 -26.06
CA GLY A 349 -8.68 -10.83 -24.82
C GLY A 349 -7.78 -12.02 -25.07
N GLU A 350 -7.96 -12.69 -26.20
CA GLU A 350 -7.05 -13.74 -26.62
C GLU A 350 -5.83 -13.13 -27.30
N PHE A 351 -4.65 -13.60 -26.92
CA PHE A 351 -3.40 -13.06 -27.41
C PHE A 351 -2.92 -13.89 -28.59
N PHE A 352 -2.82 -13.25 -29.75
CA PHE A 352 -2.39 -13.91 -30.98
C PHE A 352 -0.88 -13.76 -31.18
N TYR A 353 -0.32 -14.68 -31.95
CA TYR A 353 1.08 -14.62 -32.37
C TYR A 353 1.12 -15.09 -33.83
N CYS A 354 1.00 -14.14 -34.75
CA CYS A 354 0.80 -14.45 -36.16
C CYS A 354 2.11 -14.46 -36.91
N ASN A 355 2.28 -15.47 -37.76
CA ASN A 355 3.50 -15.66 -38.54
C ASN A 355 3.35 -14.89 -39.84
N THR A 356 3.98 -13.71 -39.90
CA THR A 356 3.85 -12.81 -41.03
C THR A 356 4.93 -13.02 -42.08
N SER A 357 5.44 -14.25 -42.20
CA SER A 357 6.47 -14.54 -43.18
C SER A 357 5.98 -14.35 -44.62
N GLY A 358 4.67 -14.32 -44.83
CA GLY A 358 4.15 -14.15 -46.18
C GLY A 358 3.95 -12.73 -46.63
N LEU A 359 3.86 -11.78 -45.69
CA LEU A 359 3.72 -10.37 -46.05
C LEU A 359 5.01 -9.79 -46.60
N PHE A 360 6.13 -10.07 -45.95
CA PHE A 360 7.43 -9.56 -46.36
C PHE A 360 8.10 -10.62 -47.23
N ASN A 361 8.11 -10.38 -48.54
CA ASN A 361 8.56 -11.38 -49.50
C ASN A 361 8.71 -10.69 -50.84
N SER A 362 9.39 -11.37 -51.77
CA SER A 362 9.55 -10.87 -53.13
C SER A 362 10.40 -9.62 -53.16
N THR A 363 10.95 -9.29 -54.34
CA THR A 363 11.96 -8.25 -54.49
C THR A 363 11.50 -7.24 -55.52
N TRP A 364 12.00 -6.02 -55.39
CA TRP A 364 11.66 -4.90 -56.25
C TRP A 364 12.90 -4.49 -57.04
N ILE A 365 12.75 -4.38 -58.36
CA ILE A 365 13.89 -4.32 -59.26
C ILE A 365 14.13 -2.93 -59.83
N SER A 366 13.09 -2.12 -60.05
CA SER A 366 13.22 -0.82 -60.71
C SER A 366 13.53 -1.03 -62.19
N SER A 378 -7.69 -8.86 -57.43
CA SER A 378 -8.78 -7.95 -57.07
C SER A 378 -9.66 -8.55 -56.00
N ASN A 379 -9.67 -9.88 -55.91
CA ASN A 379 -10.50 -10.60 -54.94
C ASN A 379 -9.69 -11.70 -54.27
N ASP A 380 -8.46 -11.38 -53.89
CA ASP A 380 -7.56 -12.35 -53.26
C ASP A 380 -7.22 -11.90 -51.85
N SER A 381 -6.54 -12.78 -51.12
CA SER A 381 -6.20 -12.53 -49.73
C SER A 381 -4.92 -13.29 -49.38
N ILE A 382 -4.28 -12.85 -48.31
CA ILE A 382 -3.09 -13.48 -47.76
C ILE A 382 -3.42 -13.96 -46.36
N THR A 383 -3.40 -15.27 -46.16
CA THR A 383 -3.75 -15.87 -44.88
C THR A 383 -2.48 -16.05 -44.05
N LEU A 384 -2.50 -15.50 -42.83
CA LEU A 384 -1.35 -15.54 -41.94
C LEU A 384 -1.65 -16.46 -40.77
N PRO A 385 -1.04 -17.65 -40.67
CA PRO A 385 -1.33 -18.52 -39.53
C PRO A 385 -0.96 -17.84 -38.22
N CYS A 386 -1.73 -18.13 -37.18
CA CYS A 386 -1.53 -17.51 -35.88
C CYS A 386 -1.58 -18.57 -34.79
N ARG A 387 -0.65 -18.49 -33.84
CA ARG A 387 -0.70 -19.31 -32.65
C ARG A 387 -1.47 -18.57 -31.56
N ILE A 388 -1.75 -19.26 -30.47
CA ILE A 388 -2.41 -18.66 -29.31
C ILE A 388 -1.65 -19.06 -28.05
N LYS A 389 -1.78 -18.25 -27.02
CA LYS A 389 -1.07 -18.47 -25.77
C LYS A 389 -1.92 -17.92 -24.64
N GLN A 390 -1.66 -18.41 -23.44
CA GLN A 390 -2.40 -17.96 -22.26
C GLN A 390 -1.49 -17.50 -21.13
N ILE A 391 -0.28 -18.05 -21.03
CA ILE A 391 0.69 -17.57 -20.03
C ILE A 391 1.56 -16.53 -20.72
N ILE A 392 1.42 -15.28 -20.31
CA ILE A 392 1.87 -14.14 -21.10
C ILE A 392 2.84 -13.30 -20.28
N ASN A 393 4.01 -13.02 -20.87
CA ASN A 393 4.95 -12.03 -20.34
C ASN A 393 4.86 -10.80 -21.26
N MET A 394 4.45 -9.67 -20.69
CA MET A 394 4.02 -8.54 -21.51
C MET A 394 5.19 -7.62 -21.84
N TRP A 395 5.84 -7.06 -20.82
CA TRP A 395 6.77 -5.95 -21.00
C TRP A 395 8.23 -6.40 -21.00
N GLN A 396 8.52 -7.58 -21.54
CA GLN A 396 9.87 -8.10 -21.60
C GLN A 396 10.48 -8.22 -20.22
N ARG A 397 9.64 -8.44 -19.22
CA ARG A 397 10.07 -8.60 -17.83
C ARG A 397 10.15 -10.08 -17.48
N ILE A 398 11.03 -10.38 -16.52
CA ILE A 398 11.30 -11.75 -16.11
C ILE A 398 10.62 -11.98 -14.76
N GLY A 399 9.77 -13.00 -14.70
CA GLY A 399 9.12 -13.36 -13.47
C GLY A 399 7.84 -12.63 -13.16
N GLN A 400 7.17 -12.05 -14.15
CA GLN A 400 5.92 -11.31 -13.96
C GLN A 400 4.89 -11.74 -14.97
N CYS A 401 4.65 -13.05 -15.06
CA CYS A 401 3.73 -13.59 -16.03
C CYS A 401 2.29 -13.25 -15.66
N MET A 402 1.40 -13.46 -16.64
CA MET A 402 -0.04 -13.29 -16.46
C MET A 402 -0.73 -14.45 -17.17
N TYR A 403 -1.91 -14.81 -16.66
CA TYR A 403 -2.73 -15.86 -17.26
C TYR A 403 -4.00 -15.22 -17.79
N ALA A 404 -4.25 -15.41 -19.08
CA ALA A 404 -5.42 -14.82 -19.73
C ALA A 404 -6.53 -15.86 -19.78
N PRO A 405 -7.67 -15.64 -19.12
CA PRO A 405 -8.72 -16.66 -19.13
C PRO A 405 -9.29 -16.85 -20.52
N PRO A 406 -9.81 -18.03 -20.83
CA PRO A 406 -10.40 -18.25 -22.15
C PRO A 406 -11.70 -17.48 -22.32
N ILE A 407 -12.06 -17.27 -23.59
CA ILE A 407 -13.24 -16.51 -23.96
C ILE A 407 -14.17 -17.43 -24.73
N GLN A 408 -15.44 -17.44 -24.35
CA GLN A 408 -16.42 -18.30 -24.99
C GLN A 408 -16.83 -17.72 -26.34
N GLY A 409 -17.01 -18.62 -27.31
CA GLY A 409 -17.51 -18.23 -28.61
C GLY A 409 -16.40 -17.75 -29.54
N VAL A 410 -16.69 -17.82 -30.84
CA VAL A 410 -15.74 -17.34 -31.83
C VAL A 410 -15.51 -15.84 -31.63
N ILE A 411 -14.25 -15.44 -31.67
CA ILE A 411 -13.87 -14.04 -31.54
C ILE A 411 -13.24 -13.59 -32.85
N ARG A 412 -13.72 -12.47 -33.38
CA ARG A 412 -13.22 -11.93 -34.63
C ARG A 412 -13.03 -10.43 -34.45
N CYS A 413 -11.93 -9.92 -35.00
CA CYS A 413 -11.61 -8.51 -34.94
C CYS A 413 -11.23 -8.01 -36.33
N VAL A 414 -11.64 -6.80 -36.66
CA VAL A 414 -11.24 -6.13 -37.88
C VAL A 414 -10.54 -4.84 -37.51
N SER A 415 -9.33 -4.65 -38.03
CA SER A 415 -8.53 -3.46 -37.78
C SER A 415 -7.72 -3.19 -39.02
N ASN A 416 -7.13 -2.00 -39.11
CA ASN A 416 -6.29 -1.67 -40.24
C ASN A 416 -4.88 -1.28 -39.77
N ILE A 417 -3.89 -1.84 -40.46
CA ILE A 417 -2.50 -1.51 -40.19
C ILE A 417 -2.24 -0.08 -40.62
N THR A 418 -1.31 0.59 -39.92
CA THR A 418 -0.97 1.96 -40.28
C THR A 418 0.54 2.22 -40.21
N GLY A 419 1.37 1.18 -40.17
CA GLY A 419 2.79 1.38 -40.11
C GLY A 419 3.53 0.07 -39.98
N LEU A 420 4.85 0.19 -39.85
CA LEU A 420 5.74 -0.96 -39.74
C LEU A 420 6.95 -0.57 -38.90
N ILE A 421 7.63 -1.58 -38.38
CA ILE A 421 8.90 -1.39 -37.67
C ILE A 421 9.92 -2.29 -38.37
N LEU A 422 10.65 -1.71 -39.32
CA LEU A 422 11.58 -2.46 -40.15
C LEU A 422 13.00 -2.34 -39.62
N THR A 423 13.89 -3.15 -40.18
CA THR A 423 15.31 -3.10 -39.85
C THR A 423 16.12 -3.53 -41.07
N ARG A 424 17.19 -2.80 -41.32
CA ARG A 424 18.05 -3.04 -42.48
C ARG A 424 19.24 -3.89 -42.07
N ASP A 425 19.61 -4.84 -42.94
CA ASP A 425 20.66 -5.79 -42.58
C ASP A 425 22.06 -5.22 -42.74
N GLY A 426 22.22 -4.09 -43.41
CA GLY A 426 23.51 -3.44 -43.48
C GLY A 426 24.53 -4.15 -44.33
N GLY A 427 24.28 -4.25 -45.64
CA GLY A 427 25.27 -4.80 -46.54
C GLY A 427 26.25 -3.73 -47.00
N SER A 428 27.53 -4.10 -47.04
CA SER A 428 28.60 -3.18 -47.41
C SER A 428 29.34 -3.72 -48.61
N THR A 429 29.70 -2.82 -49.53
CA THR A 429 30.39 -3.10 -50.78
C THR A 429 29.48 -3.75 -51.81
N ASN A 430 28.24 -4.06 -51.46
CA ASN A 430 27.28 -4.64 -52.40
C ASN A 430 25.95 -3.90 -52.26
N SER A 431 26.01 -2.57 -52.30
CA SER A 431 24.84 -1.73 -52.09
C SER A 431 23.77 -1.89 -53.17
N THR A 432 23.98 -2.77 -54.15
CA THR A 432 22.97 -2.97 -55.19
C THR A 432 21.63 -3.37 -54.61
N THR A 433 21.62 -4.02 -53.44
CA THR A 433 20.40 -4.48 -52.82
C THR A 433 20.41 -4.19 -51.32
N GLU A 434 19.28 -3.71 -50.82
CA GLU A 434 19.08 -3.48 -49.39
C GLU A 434 17.85 -4.29 -48.96
N THR A 435 18.02 -5.14 -47.96
CA THR A 435 16.97 -6.03 -47.50
C THR A 435 16.52 -5.59 -46.11
N PHE A 436 15.21 -5.37 -45.97
CA PHE A 436 14.61 -4.93 -44.71
C PHE A 436 13.80 -6.08 -44.13
N ARG A 437 13.98 -6.32 -42.83
CA ARG A 437 13.25 -7.35 -42.12
C ARG A 437 12.42 -6.70 -41.02
N PRO A 438 11.20 -7.18 -40.74
CA PRO A 438 10.43 -6.60 -39.65
C PRO A 438 11.10 -6.85 -38.31
N GLY A 439 10.91 -5.90 -37.40
CA GLY A 439 11.52 -6.00 -36.08
C GLY A 439 10.62 -5.51 -34.97
N GLY A 440 10.50 -6.30 -33.90
CA GLY A 440 9.64 -5.90 -32.81
C GLY A 440 10.22 -4.78 -31.97
N GLY A 441 11.55 -4.62 -31.98
CA GLY A 441 12.20 -3.56 -31.24
C GLY A 441 11.70 -3.43 -29.81
N ASP A 442 11.77 -2.22 -29.28
CA ASP A 442 11.23 -1.93 -27.95
C ASP A 442 9.78 -1.50 -28.06
N MET A 443 9.05 -1.65 -26.95
CA MET A 443 7.63 -1.35 -26.97
C MET A 443 7.36 0.15 -26.98
N ARG A 444 8.36 0.97 -26.64
CA ARG A 444 8.15 2.41 -26.64
C ARG A 444 8.23 3.00 -28.04
N ASP A 445 8.80 2.27 -29.01
CA ASP A 445 8.72 2.69 -30.40
C ASP A 445 7.28 2.63 -30.91
N ASN A 446 6.45 1.78 -30.31
CA ASN A 446 5.05 1.72 -30.71
C ASN A 446 4.34 3.03 -30.43
N TRP A 447 4.62 3.63 -29.28
CA TRP A 447 3.99 4.90 -28.91
C TRP A 447 4.80 6.11 -29.37
N ARG A 448 6.08 5.93 -29.70
CA ARG A 448 6.85 7.03 -30.27
C ARG A 448 6.27 7.50 -31.61
N SER A 449 5.49 6.65 -32.28
CA SER A 449 4.91 7.00 -33.57
C SER A 449 3.68 7.89 -33.43
N GLU A 450 3.19 8.11 -32.22
CA GLU A 450 2.03 8.98 -31.99
C GLU A 450 2.42 10.28 -31.30
N LEU A 451 3.55 10.31 -30.60
CA LEU A 451 4.03 11.50 -29.90
C LEU A 451 5.16 12.20 -30.65
N TYR A 452 5.34 11.89 -31.93
CA TYR A 452 6.36 12.54 -32.73
C TYR A 452 6.02 14.00 -33.02
N LYS A 453 4.77 14.43 -32.82
CA LYS A 453 4.35 15.80 -33.06
C LYS A 453 4.44 16.69 -31.82
N TYR A 454 4.71 16.12 -30.65
CA TYR A 454 4.55 16.85 -29.40
C TYR A 454 5.88 17.04 -28.69
N LYS A 455 6.00 18.19 -28.02
CA LYS A 455 7.09 18.44 -27.09
C LYS A 455 6.58 19.36 -26.01
N VAL A 456 7.19 19.27 -24.83
CA VAL A 456 6.77 20.02 -23.66
C VAL A 456 7.75 21.16 -23.43
N VAL A 457 7.23 22.34 -23.14
CA VAL A 457 8.03 23.54 -22.94
C VAL A 457 7.57 24.24 -21.67
N LYS A 458 8.52 24.77 -20.92
CA LYS A 458 8.25 25.45 -19.66
C LYS A 458 8.24 26.96 -19.89
N ILE A 459 7.14 27.61 -19.48
CA ILE A 459 6.98 29.04 -19.71
C ILE A 459 7.84 29.79 -18.70
N GLU A 460 8.47 30.88 -19.16
CA GLU A 460 9.39 31.67 -18.35
C GLU A 460 8.94 33.13 -18.38
N PRO A 461 7.91 33.48 -17.60
CA PRO A 461 7.26 34.78 -17.79
C PRO A 461 8.17 35.99 -17.60
N LEU A 462 9.15 35.93 -16.70
CA LEU A 462 9.93 37.12 -16.38
C LEU A 462 10.87 37.48 -17.52
N GLY A 463 10.89 38.76 -17.88
CA GLY A 463 11.83 39.27 -18.86
C GLY A 463 12.23 40.68 -18.51
N VAL A 464 13.37 41.10 -19.06
CA VAL A 464 13.90 42.43 -18.84
C VAL A 464 14.35 43.00 -20.18
N ALA A 465 13.96 44.26 -20.44
CA ALA A 465 14.37 44.95 -21.66
C ALA A 465 14.57 46.42 -21.33
N PRO A 466 15.38 47.14 -22.10
CA PRO A 466 15.60 48.56 -21.83
C PRO A 466 14.57 49.46 -22.50
N THR A 467 14.27 50.57 -21.82
CA THR A 467 13.36 51.58 -22.33
C THR A 467 13.82 52.94 -21.82
N ARG A 468 13.05 53.97 -22.16
CA ARG A 468 13.35 55.35 -21.76
C ARG A 468 12.68 55.76 -20.47
N CYS A 469 12.21 54.81 -19.66
CA CYS A 469 11.44 55.14 -18.46
C CYS A 469 12.32 55.07 -17.22
N LYS A 470 11.83 55.67 -16.14
CA LYS A 470 12.50 55.64 -14.85
C LYS A 470 11.46 55.81 -13.76
N ARG A 471 11.85 55.42 -12.53
CA ARG A 471 10.93 55.51 -11.41
C ARG A 471 10.78 56.94 -10.93
N ARG A 472 9.61 57.22 -10.35
CA ARG A 472 9.31 58.54 -9.81
C ARG A 472 10.16 58.81 -8.57
N VAL A 473 10.03 60.01 -8.04
CA VAL A 473 10.76 60.45 -6.84
C VAL A 473 12.19 59.94 -6.83
N ASN B 3 -23.47 59.31 -11.67
CA ASN B 3 -22.17 58.74 -12.11
C ASN B 3 -21.63 57.74 -11.09
N LEU B 4 -21.49 56.49 -11.52
CA LEU B 4 -21.01 55.42 -10.65
C LEU B 4 -20.02 54.56 -11.42
N TRP B 5 -19.07 53.98 -10.70
CA TRP B 5 -18.08 53.08 -11.27
C TRP B 5 -18.07 51.77 -10.50
N VAL B 6 -17.33 50.80 -11.03
CA VAL B 6 -17.16 49.52 -10.36
C VAL B 6 -16.07 49.65 -9.31
N THR B 7 -16.36 49.14 -8.11
CA THR B 7 -15.36 49.02 -7.06
C THR B 7 -15.43 47.61 -6.50
N VAL B 8 -14.28 47.07 -6.09
CA VAL B 8 -14.16 45.69 -5.67
C VAL B 8 -13.92 45.65 -4.17
N TYR B 9 -14.63 44.77 -3.48
CA TYR B 9 -14.40 44.50 -2.06
C TYR B 9 -13.96 43.05 -1.92
N TYR B 10 -12.97 42.83 -1.06
CA TYR B 10 -12.41 41.50 -0.85
C TYR B 10 -12.63 41.11 0.61
N GLY B 11 -13.21 39.93 0.83
CA GLY B 11 -13.53 39.48 2.16
C GLY B 11 -14.99 39.63 2.54
N VAL B 12 -15.89 39.81 1.58
CA VAL B 12 -17.30 40.01 1.88
C VAL B 12 -17.88 38.71 2.42
N PRO B 13 -18.90 38.75 3.27
CA PRO B 13 -19.57 37.52 3.74
C PRO B 13 -20.60 36.98 2.76
N VAL B 14 -20.12 36.24 1.76
CA VAL B 14 -20.97 35.57 0.79
C VAL B 14 -20.50 34.12 0.65
N TRP B 15 -21.43 33.21 0.42
CA TRP B 15 -21.11 31.80 0.29
C TRP B 15 -22.05 31.14 -0.71
N LYS B 16 -21.71 29.92 -1.09
CA LYS B 16 -22.54 29.14 -1.99
C LYS B 16 -22.34 27.66 -1.66
N ASP B 17 -23.32 26.84 -2.05
CA ASP B 17 -23.25 25.42 -1.77
C ASP B 17 -22.05 24.81 -2.47
N ALA B 18 -21.45 23.82 -1.82
CA ALA B 18 -20.27 23.16 -2.37
C ALA B 18 -20.11 21.80 -1.73
N GLU B 19 -19.16 21.04 -2.25
CA GLU B 19 -18.76 19.75 -1.69
C GLU B 19 -17.25 19.72 -1.59
N THR B 20 -16.74 19.25 -0.45
CA THR B 20 -15.31 19.18 -0.23
C THR B 20 -15.01 18.02 0.72
N THR B 21 -13.74 17.82 1.00
CA THR B 21 -13.28 16.74 1.87
C THR B 21 -13.18 17.27 3.30
N LEU B 22 -13.95 16.69 4.20
CA LEU B 22 -13.92 17.04 5.61
C LEU B 22 -13.05 16.05 6.37
N PHE B 23 -12.28 16.56 7.33
CA PHE B 23 -11.36 15.75 8.10
C PHE B 23 -11.84 15.61 9.53
N CYS B 24 -11.54 14.46 10.13
CA CYS B 24 -12.05 14.11 11.44
C CYS B 24 -11.12 14.62 12.54
N ALA B 25 -11.74 15.03 13.65
CA ALA B 25 -10.99 15.52 14.80
C ALA B 25 -11.67 15.01 16.06
N SER B 26 -10.89 14.41 16.96
CA SER B 26 -11.42 13.83 18.18
C SER B 26 -10.55 14.24 19.36
N ASP B 27 -11.12 14.17 20.55
CA ASP B 27 -10.36 14.45 21.76
C ASP B 27 -9.32 13.36 21.99
N ALA B 28 -8.24 13.73 22.69
CA ALA B 28 -7.10 12.85 22.90
C ALA B 28 -7.27 11.92 24.10
N LYS B 29 -8.46 11.83 24.68
CA LYS B 29 -8.66 10.95 25.82
C LYS B 29 -8.40 9.48 25.45
N ALA B 30 -8.89 9.06 24.29
CA ALA B 30 -8.66 7.69 23.84
C ALA B 30 -7.24 7.48 23.32
N TYR B 31 -6.60 8.54 22.82
CA TYR B 31 -5.24 8.43 22.28
C TYR B 31 -4.19 8.35 23.37
N GLU B 32 -4.38 9.09 24.47
CA GLU B 32 -3.35 9.15 25.51
C GLU B 32 -3.18 7.81 26.22
N THR B 33 -4.20 6.96 26.23
CA THR B 33 -4.12 5.66 26.88
C THR B 33 -4.06 4.50 25.90
N GLU B 34 -4.02 4.79 24.59
CA GLU B 34 -3.82 3.76 23.56
C GLU B 34 -4.96 2.73 23.58
N LYS B 35 -6.18 3.22 23.36
CA LYS B 35 -7.32 2.32 23.21
C LYS B 35 -7.36 1.66 21.85
N HIS B 36 -6.91 2.37 20.80
CA HIS B 36 -6.89 1.84 19.43
C HIS B 36 -8.30 1.44 18.98
N ASN B 37 -9.19 2.42 18.93
CA ASN B 37 -10.51 2.21 18.37
C ASN B 37 -10.43 2.08 16.86
N VAL B 38 -11.34 1.29 16.29
CA VAL B 38 -11.37 1.13 14.84
C VAL B 38 -11.62 2.48 14.17
N TRP B 39 -12.40 3.35 14.81
CA TRP B 39 -12.58 4.72 14.34
C TRP B 39 -11.33 5.50 14.74
N ALA B 40 -10.26 5.25 14.00
CA ALA B 40 -8.92 5.68 14.37
C ALA B 40 -8.90 7.16 14.76
N THR B 41 -8.57 7.42 16.02
CA THR B 41 -8.22 8.77 16.44
C THR B 41 -6.76 9.09 16.18
N HIS B 42 -5.94 8.09 15.89
CA HIS B 42 -4.57 8.35 15.46
C HIS B 42 -4.55 9.12 14.16
N ALA B 43 -5.37 8.70 13.18
CA ALA B 43 -5.49 9.42 11.93
C ALA B 43 -6.11 10.79 12.11
N CYS B 44 -7.15 10.89 12.95
CA CYS B 44 -7.85 12.16 13.13
C CYS B 44 -6.96 13.15 13.89
N VAL B 45 -7.10 14.42 13.51
CA VAL B 45 -6.31 15.51 14.08
C VAL B 45 -6.84 15.85 15.47
N PRO B 46 -6.02 16.40 16.36
CA PRO B 46 -6.55 16.83 17.66
C PRO B 46 -7.62 17.90 17.50
N THR B 47 -8.64 17.82 18.36
CA THR B 47 -9.75 18.74 18.27
C THR B 47 -9.48 19.99 19.11
N ASP B 48 -10.24 21.05 18.82
CA ASP B 48 -10.09 22.29 19.55
C ASP B 48 -10.54 22.12 21.00
N PRO B 49 -9.97 22.90 21.93
CA PRO B 49 -10.38 22.77 23.33
C PRO B 49 -11.86 23.04 23.56
N ASN B 50 -12.45 23.97 22.80
CA ASN B 50 -13.86 24.29 22.96
C ASN B 50 -14.39 24.81 21.63
N PRO B 51 -15.58 24.39 21.19
CA PRO B 51 -16.12 24.90 19.92
C PRO B 51 -16.34 26.40 19.96
N GLN B 52 -16.17 27.03 18.80
CA GLN B 52 -16.45 28.45 18.61
C GLN B 52 -17.57 28.58 17.59
N GLU B 53 -18.76 28.92 18.06
CA GLU B 53 -19.94 29.06 17.22
C GLU B 53 -20.31 30.53 17.11
N ILE B 54 -20.57 30.97 15.88
CA ILE B 54 -20.98 32.33 15.58
C ILE B 54 -22.42 32.28 15.08
N HIS B 55 -23.30 33.03 15.74
CA HIS B 55 -24.69 33.12 15.28
C HIS B 55 -24.81 34.22 14.25
N LEU B 56 -25.31 33.88 13.07
CA LEU B 56 -25.48 34.81 11.96
C LEU B 56 -26.91 35.34 12.00
N GLU B 57 -27.08 36.52 12.61
CA GLU B 57 -28.41 37.08 12.78
C GLU B 57 -29.02 37.44 11.43
N ASN B 58 -30.35 37.53 11.41
CA ASN B 58 -31.07 38.07 10.27
C ASN B 58 -30.93 37.22 9.00
N VAL B 59 -30.29 36.07 9.11
CA VAL B 59 -29.99 35.27 7.93
C VAL B 59 -31.01 34.14 7.80
N THR B 60 -31.37 33.83 6.56
CA THR B 60 -32.23 32.69 6.23
C THR B 60 -31.46 31.77 5.30
N GLU B 61 -31.49 30.48 5.60
CA GLU B 61 -30.77 29.49 4.80
C GLU B 61 -31.71 28.31 4.51
N GLU B 62 -31.52 27.70 3.35
CA GLU B 62 -32.35 26.58 2.90
C GLU B 62 -31.53 25.29 2.97
N PHE B 63 -31.93 24.39 3.86
CA PHE B 63 -31.27 23.11 4.05
C PHE B 63 -32.02 22.00 3.32
N ASN B 64 -31.36 20.85 3.20
CA ASN B 64 -32.01 19.64 2.70
C ASN B 64 -31.23 18.45 3.24
N MET B 65 -31.81 17.73 4.19
CA MET B 65 -31.08 16.64 4.85
C MET B 65 -30.87 15.45 3.93
N TRP B 66 -31.65 15.33 2.85
CA TRP B 66 -31.55 14.18 1.96
C TRP B 66 -30.54 14.39 0.85
N LYS B 67 -30.30 15.63 0.45
CA LYS B 67 -29.28 15.95 -0.54
C LYS B 67 -27.94 16.29 0.10
N ASN B 68 -27.84 16.22 1.42
CA ASN B 68 -26.58 16.48 2.10
C ASN B 68 -25.55 15.45 1.70
N ASN B 69 -24.34 15.91 1.37
CA ASN B 69 -23.28 15.01 0.97
C ASN B 69 -22.40 14.59 2.14
N MET B 70 -22.51 15.25 3.30
CA MET B 70 -21.74 14.82 4.45
C MET B 70 -22.04 13.37 4.79
N VAL B 71 -23.28 12.94 4.58
CA VAL B 71 -23.65 11.57 4.90
C VAL B 71 -22.93 10.60 3.96
N GLU B 72 -22.82 10.97 2.69
CA GLU B 72 -22.17 10.08 1.71
C GLU B 72 -20.66 10.09 1.85
N GLN B 73 -20.09 11.15 2.42
CA GLN B 73 -18.66 11.17 2.70
C GLN B 73 -18.33 10.48 4.02
N MET B 74 -19.22 10.59 5.00
CA MET B 74 -19.04 9.86 6.24
C MET B 74 -19.18 8.36 6.02
N HIS B 75 -20.05 7.96 5.09
CA HIS B 75 -20.20 6.54 4.78
C HIS B 75 -18.89 5.95 4.29
N THR B 76 -18.23 6.61 3.34
CA THR B 76 -16.96 6.12 2.84
C THR B 76 -15.88 6.18 3.91
N ASP B 77 -15.88 7.23 4.74
CA ASP B 77 -14.90 7.32 5.82
C ASP B 77 -15.04 6.13 6.77
N ILE B 78 -16.26 5.84 7.19
CA ILE B 78 -16.47 4.78 8.18
C ILE B 78 -16.02 3.43 7.63
N ILE B 79 -16.39 3.13 6.38
CA ILE B 79 -16.01 1.85 5.77
C ILE B 79 -14.50 1.75 5.64
N SER B 80 -13.86 2.83 5.19
CA SER B 80 -12.41 2.79 4.99
C SER B 80 -11.70 2.55 6.32
N LEU B 81 -12.11 3.25 7.37
CA LEU B 81 -11.50 3.03 8.68
C LEU B 81 -11.70 1.60 9.15
N TRP B 82 -12.80 0.96 8.75
CA TRP B 82 -13.05 -0.42 9.14
C TRP B 82 -12.02 -1.34 8.51
N ASP B 83 -11.82 -1.22 7.20
CA ASP B 83 -10.87 -2.10 6.51
C ASP B 83 -9.46 -1.92 7.04
N GLN B 84 -9.03 -0.67 7.24
CA GLN B 84 -7.66 -0.42 7.65
C GLN B 84 -7.33 -1.11 8.97
N SER B 85 -8.34 -1.30 9.83
CA SER B 85 -8.11 -2.00 11.09
C SER B 85 -7.97 -3.50 10.88
N LEU B 86 -8.65 -4.06 9.89
CA LEU B 86 -8.59 -5.48 9.58
C LEU B 86 -7.43 -5.84 8.65
N LYS B 87 -6.64 -4.87 8.22
CA LYS B 87 -5.55 -5.16 7.30
C LYS B 87 -4.52 -6.10 7.88
N PRO B 88 -4.05 -5.94 9.13
CA PRO B 88 -3.04 -6.85 9.68
C PRO B 88 -3.59 -8.09 10.36
N CYS B 89 -4.88 -8.14 10.69
CA CYS B 89 -5.41 -9.24 11.46
C CYS B 89 -5.34 -10.54 10.66
N VAL B 90 -5.24 -11.66 11.40
CA VAL B 90 -4.95 -12.94 10.77
C VAL B 90 -6.13 -13.40 9.92
N LYS B 91 -5.83 -13.81 8.70
CA LYS B 91 -6.86 -14.38 7.82
C LYS B 91 -7.13 -15.82 8.20
N LEU B 92 -8.39 -16.14 8.46
CA LEU B 92 -8.78 -17.49 8.85
C LEU B 92 -9.02 -18.38 7.64
N THR B 93 -7.99 -18.53 6.81
CA THR B 93 -8.09 -19.43 5.67
C THR B 93 -8.01 -20.89 6.11
N PRO B 94 -7.24 -21.27 7.13
CA PRO B 94 -7.18 -22.69 7.49
C PRO B 94 -8.38 -23.18 8.28
N LEU B 95 -9.37 -22.32 8.54
CA LEU B 95 -10.57 -22.72 9.25
C LEU B 95 -11.62 -23.34 8.33
N CYS B 96 -11.41 -23.29 7.01
CA CYS B 96 -12.34 -23.89 6.06
C CYS B 96 -12.00 -25.36 5.82
N VAL B 97 -12.29 -26.17 6.84
CA VAL B 97 -12.14 -27.61 6.78
C VAL B 97 -13.50 -28.24 7.06
N THR B 98 -13.54 -29.56 7.04
CA THR B 98 -14.77 -30.28 7.35
C THR B 98 -14.86 -30.46 8.86
N LEU B 99 -15.91 -29.91 9.45
CA LEU B 99 -16.12 -30.01 10.88
C LEU B 99 -16.95 -31.26 11.20
N GLN B 100 -16.99 -31.61 12.48
CA GLN B 100 -17.78 -32.74 12.96
C GLN B 100 -18.45 -32.33 14.26
N CYS B 101 -19.69 -31.85 14.16
CA CYS B 101 -20.38 -31.17 15.26
C CYS B 101 -21.43 -32.07 15.89
N THR B 102 -21.68 -31.84 17.17
CA THR B 102 -22.75 -32.50 17.91
C THR B 102 -23.40 -31.48 18.84
N ASN B 103 -24.70 -31.64 19.06
CA ASN B 103 -25.42 -30.69 19.88
C ASN B 103 -24.86 -30.67 21.30
N VAL B 104 -24.87 -29.50 21.91
CA VAL B 104 -24.59 -29.35 23.33
C VAL B 104 -25.91 -29.40 24.07
N THR B 105 -25.97 -30.19 25.14
CA THR B 105 -27.19 -30.31 25.92
C THR B 105 -26.92 -30.33 27.42
N ASN B 106 -25.73 -29.91 27.85
CA ASN B 106 -25.37 -30.00 29.26
C ASN B 106 -26.41 -29.33 30.15
N ASN B 107 -26.74 -28.08 29.83
CA ASN B 107 -27.76 -27.35 30.58
C ASN B 107 -28.66 -26.52 29.67
N ILE B 108 -28.70 -26.81 28.38
CA ILE B 108 -29.37 -25.92 27.45
C ILE B 108 -30.86 -25.90 27.74
N THR B 109 -31.39 -24.71 28.00
CA THR B 109 -32.82 -24.55 28.21
C THR B 109 -33.57 -24.72 26.89
N ASP B 110 -34.85 -25.10 27.00
CA ASP B 110 -35.61 -25.45 25.80
C ASP B 110 -35.62 -24.32 24.78
N ASP B 111 -35.56 -23.07 25.24
CA ASP B 111 -35.61 -21.95 24.30
C ASP B 111 -34.40 -21.95 23.37
N MET B 112 -33.22 -22.23 23.92
CA MET B 112 -31.97 -22.20 23.17
C MET B 112 -31.55 -23.57 22.68
N ARG B 113 -32.39 -24.58 22.84
CA ARG B 113 -32.04 -25.94 22.45
C ARG B 113 -31.75 -26.01 20.96
N GLY B 114 -30.52 -26.36 20.59
CA GLY B 114 -30.14 -26.49 19.20
C GLY B 114 -29.54 -25.25 18.56
N GLU B 115 -29.19 -24.24 19.36
CA GLU B 115 -28.71 -22.98 18.80
C GLU B 115 -27.20 -22.94 18.66
N LEU B 116 -26.48 -23.81 19.37
CA LEU B 116 -25.03 -23.88 19.25
C LEU B 116 -24.59 -25.34 19.21
N LYS B 117 -23.44 -25.56 18.56
CA LYS B 117 -22.95 -26.91 18.29
C LYS B 117 -21.50 -27.03 18.76
N ASN B 118 -21.09 -28.27 19.02
CA ASN B 118 -19.77 -28.61 19.53
C ASN B 118 -19.00 -29.30 18.42
N CYS B 119 -18.13 -28.56 17.73
CA CYS B 119 -17.44 -29.04 16.55
C CYS B 119 -15.98 -29.30 16.83
N SER B 120 -15.42 -30.32 16.16
CA SER B 120 -14.02 -30.67 16.25
C SER B 120 -13.47 -30.89 14.85
N PHE B 121 -12.17 -30.64 14.68
CA PHE B 121 -11.59 -30.62 13.35
C PHE B 121 -10.08 -30.80 13.44
N ASN B 122 -9.50 -31.30 12.35
CA ASN B 122 -8.05 -31.21 12.17
C ASN B 122 -7.66 -29.74 12.14
N MET B 123 -6.40 -29.47 12.47
CA MET B 123 -5.93 -28.08 12.38
C MET B 123 -4.42 -28.06 12.22
N THR B 124 -3.92 -26.96 11.69
CA THR B 124 -2.50 -26.78 11.47
C THR B 124 -1.80 -26.45 12.79
N THR B 125 -0.47 -26.45 12.75
CA THR B 125 0.33 -26.13 13.92
C THR B 125 1.47 -25.22 13.48
N GLU B 126 2.32 -24.87 14.44
CA GLU B 126 3.48 -24.04 14.13
C GLU B 126 4.41 -24.77 13.16
N LEU B 127 4.60 -26.07 13.37
CA LEU B 127 5.45 -26.87 12.50
C LEU B 127 4.66 -27.30 11.27
N ARG B 128 5.33 -27.32 10.12
CA ARG B 128 4.62 -27.53 8.86
C ARG B 128 4.30 -29.01 8.64
N ASP B 129 4.92 -29.91 9.39
CA ASP B 129 4.79 -31.35 9.18
C ASP B 129 3.93 -32.01 10.25
N LYS B 130 3.09 -31.25 10.95
CA LYS B 130 2.29 -31.82 12.02
C LYS B 130 0.95 -31.11 12.05
N LYS B 131 -0.04 -31.77 12.67
CA LYS B 131 -1.38 -31.24 12.78
C LYS B 131 -1.94 -31.60 14.14
N GLN B 132 -2.93 -30.81 14.58
CA GLN B 132 -3.54 -30.96 15.89
C GLN B 132 -5.04 -31.14 15.73
N LYS B 133 -5.64 -31.85 16.68
CA LYS B 133 -7.08 -32.03 16.73
C LYS B 133 -7.63 -31.17 17.86
N VAL B 134 -8.58 -30.30 17.54
CA VAL B 134 -9.11 -29.31 18.46
C VAL B 134 -10.62 -29.25 18.30
N TYR B 135 -11.27 -28.57 19.25
CA TYR B 135 -12.71 -28.39 19.23
C TYR B 135 -13.05 -26.95 19.55
N SER B 136 -14.25 -26.53 19.15
CA SER B 136 -14.72 -25.18 19.42
C SER B 136 -16.23 -25.17 19.29
N LEU B 137 -16.89 -24.33 20.10
CA LEU B 137 -18.33 -24.15 20.02
C LEU B 137 -18.67 -23.09 18.99
N PHE B 138 -19.45 -23.47 18.00
CA PHE B 138 -19.90 -22.56 16.95
C PHE B 138 -21.40 -22.40 17.03
N TYR B 139 -21.88 -21.17 16.90
CA TYR B 139 -23.32 -20.94 16.89
C TYR B 139 -23.94 -21.61 15.68
N ARG B 140 -25.23 -21.89 15.76
CA ARG B 140 -25.89 -22.62 14.68
C ARG B 140 -25.91 -21.82 13.39
N LEU B 141 -26.03 -20.49 13.45
CA LEU B 141 -26.14 -19.69 12.26
C LEU B 141 -24.84 -19.58 11.48
N ASP B 142 -23.73 -20.04 12.05
CA ASP B 142 -22.43 -19.92 11.40
C ASP B 142 -21.87 -21.26 10.93
N VAL B 143 -22.70 -22.29 10.80
CA VAL B 143 -22.30 -23.58 10.25
C VAL B 143 -23.45 -24.14 9.44
N VAL B 144 -23.16 -24.58 8.23
CA VAL B 144 -24.14 -25.18 7.33
C VAL B 144 -23.75 -26.63 7.10
N GLN B 145 -24.72 -27.53 7.27
CA GLN B 145 -24.46 -28.94 7.07
C GLN B 145 -23.99 -29.20 5.64
N ILE B 146 -22.92 -29.98 5.50
CA ILE B 146 -22.29 -30.19 4.21
C ILE B 146 -22.88 -31.43 3.55
N ASN B 147 -23.18 -32.44 4.37
CA ASN B 147 -23.75 -33.72 3.93
C ASN B 147 -23.43 -34.07 2.47
N LYS B 159 -23.50 -35.41 10.02
CA LYS B 159 -22.75 -34.89 11.16
C LYS B 159 -21.42 -34.29 10.69
N GLU B 160 -21.45 -33.65 9.52
CA GLU B 160 -20.32 -32.90 9.02
C GLU B 160 -20.81 -31.55 8.53
N TYR B 161 -20.21 -30.48 9.06
CA TYR B 161 -20.63 -29.12 8.76
C TYR B 161 -19.44 -28.35 8.21
N ARG B 162 -19.67 -27.07 7.91
CA ARG B 162 -18.62 -26.15 7.53
C ARG B 162 -19.07 -24.73 7.85
N LEU B 163 -18.10 -23.84 8.01
CA LEU B 163 -18.43 -22.44 8.20
C LEU B 163 -19.19 -21.93 6.99
N ILE B 164 -20.21 -21.10 7.23
CA ILE B 164 -21.13 -20.70 6.18
C ILE B 164 -20.44 -19.91 5.08
N ASN B 165 -19.29 -19.29 5.38
CA ASN B 165 -18.65 -18.36 4.45
C ASN B 165 -17.68 -19.04 3.49
N CYS B 166 -17.39 -20.32 3.66
CA CYS B 166 -16.24 -20.91 2.98
C CYS B 166 -16.39 -20.91 1.46
N ASN B 167 -17.62 -20.93 0.93
CA ASN B 167 -17.80 -20.96 -0.51
C ASN B 167 -17.82 -19.57 -1.14
N THR B 168 -17.72 -18.52 -0.33
CA THR B 168 -17.74 -17.14 -0.82
C THR B 168 -16.45 -16.39 -0.54
N SER B 169 -15.88 -16.52 0.66
CA SER B 169 -14.62 -15.87 0.98
C SER B 169 -14.19 -16.31 2.37
N ALA B 170 -12.94 -16.02 2.70
CA ALA B 170 -12.36 -16.31 4.01
C ALA B 170 -12.38 -15.04 4.84
N CYS B 171 -12.70 -15.18 6.13
CA CYS B 171 -12.91 -14.04 7.01
C CYS B 171 -11.64 -13.71 7.77
N THR B 172 -11.39 -12.43 7.97
CA THR B 172 -10.33 -11.99 8.87
C THR B 172 -10.88 -11.86 10.29
N GLN B 173 -10.23 -12.52 11.24
CA GLN B 173 -10.68 -12.44 12.61
C GLN B 173 -10.28 -11.09 13.20
N ALA B 174 -11.25 -10.44 13.83
CA ALA B 174 -11.04 -9.11 14.37
C ALA B 174 -9.89 -9.13 15.36
N CYS B 175 -8.86 -8.33 15.11
CA CYS B 175 -7.74 -8.20 16.04
C CYS B 175 -8.31 -7.99 17.44
N PRO B 176 -8.17 -8.94 18.36
CA PRO B 176 -8.80 -8.79 19.68
C PRO B 176 -8.34 -7.55 20.43
N LYS B 177 -7.17 -7.00 20.08
CA LYS B 177 -6.69 -5.82 20.78
C LYS B 177 -7.53 -4.58 20.44
N VAL B 178 -8.08 -4.51 19.23
CA VAL B 178 -8.83 -3.32 18.83
C VAL B 178 -10.22 -3.33 19.48
N SER B 179 -10.89 -2.19 19.41
CA SER B 179 -12.18 -2.01 20.05
C SER B 179 -13.20 -1.50 19.03
N PHE B 180 -14.42 -1.98 19.14
CA PHE B 180 -15.53 -1.54 18.29
C PHE B 180 -16.34 -0.41 18.91
N GLU B 181 -16.05 -0.03 20.14
CA GLU B 181 -16.91 0.93 20.83
C GLU B 181 -16.89 2.28 20.10
N PRO B 182 -18.05 2.81 19.70
CA PRO B 182 -18.05 4.10 19.02
C PRO B 182 -17.49 5.21 19.91
N ILE B 183 -16.76 6.12 19.28
CA ILE B 183 -16.25 7.32 19.95
C ILE B 183 -16.60 8.52 19.09
N PRO B 184 -16.91 9.68 19.67
CA PRO B 184 -17.30 10.82 18.84
C PRO B 184 -16.19 11.24 17.88
N ILE B 185 -16.60 11.62 16.67
CA ILE B 185 -15.69 12.11 15.64
C ILE B 185 -16.31 13.37 15.05
N HIS B 186 -15.57 14.47 15.08
CA HIS B 186 -16.05 15.76 14.61
C HIS B 186 -15.56 16.00 13.19
N TYR B 187 -16.44 16.50 12.33
CA TYR B 187 -16.10 16.81 10.95
C TYR B 187 -15.84 18.31 10.82
N CYS B 188 -14.63 18.67 10.42
CA CYS B 188 -14.20 20.06 10.36
C CYS B 188 -14.06 20.53 8.93
N ALA B 189 -14.31 21.82 8.72
CA ALA B 189 -14.30 22.44 7.40
C ALA B 189 -12.91 22.98 7.06
N PRO B 190 -12.39 22.74 5.85
CA PRO B 190 -11.10 23.33 5.48
C PRO B 190 -11.15 24.84 5.40
N ALA B 191 -10.02 25.47 5.14
CA ALA B 191 -9.99 26.92 4.96
C ALA B 191 -10.78 27.31 3.72
N GLY B 192 -11.47 28.44 3.81
CA GLY B 192 -12.29 28.92 2.72
C GLY B 192 -13.67 28.30 2.66
N PHE B 193 -13.97 27.35 3.54
CA PHE B 193 -15.27 26.72 3.63
C PHE B 193 -15.87 26.98 5.01
N ALA B 194 -17.15 26.65 5.14
CA ALA B 194 -17.85 26.85 6.41
C ALA B 194 -18.94 25.82 6.54
N ILE B 195 -19.34 25.57 7.79
CA ILE B 195 -20.46 24.69 8.12
C ILE B 195 -21.53 25.55 8.79
N LEU B 196 -22.76 25.46 8.29
CA LEU B 196 -23.89 26.22 8.80
C LEU B 196 -24.84 25.27 9.51
N LYS B 197 -25.10 25.52 10.79
CA LYS B 197 -25.97 24.67 11.60
C LYS B 197 -27.32 25.33 11.75
N CYS B 198 -28.39 24.61 11.39
CA CYS B 198 -29.74 25.10 11.60
C CYS B 198 -30.18 24.79 13.03
N LYS B 199 -30.67 25.83 13.71
CA LYS B 199 -31.05 25.72 15.11
C LYS B 199 -32.56 25.83 15.33
N ASP B 200 -33.36 25.68 14.27
CA ASP B 200 -34.81 25.75 14.40
C ASP B 200 -35.34 24.43 14.96
N LYS B 201 -36.05 24.50 16.07
CA LYS B 201 -36.49 23.28 16.76
C LYS B 201 -37.50 22.49 15.92
N LYS B 202 -38.45 23.17 15.28
CA LYS B 202 -39.45 22.51 14.46
C LYS B 202 -38.98 22.30 13.03
N PHE B 203 -37.68 22.29 12.80
CA PHE B 203 -37.14 22.10 11.47
C PHE B 203 -37.35 20.66 11.02
N ASN B 204 -38.06 20.48 9.91
CA ASN B 204 -38.43 19.16 9.43
C ASN B 204 -37.44 18.59 8.43
N GLY B 205 -36.18 19.04 8.47
CA GLY B 205 -35.13 18.51 7.63
C GLY B 205 -35.10 19.06 6.23
N THR B 206 -35.95 20.03 5.89
CA THR B 206 -35.99 20.58 4.55
C THR B 206 -36.58 21.98 4.62
N GLY B 207 -36.23 22.80 3.64
CA GLY B 207 -36.80 24.12 3.52
C GLY B 207 -36.02 25.14 4.32
N PRO B 208 -36.43 26.40 4.22
CA PRO B 208 -35.70 27.48 4.90
C PRO B 208 -35.69 27.28 6.41
N CYS B 209 -34.55 27.61 7.01
CA CYS B 209 -34.38 27.57 8.46
C CYS B 209 -34.15 28.99 8.96
N PRO B 210 -35.14 29.61 9.62
CA PRO B 210 -34.98 31.04 9.98
C PRO B 210 -33.75 31.35 10.82
N SER B 211 -33.38 30.48 11.75
CA SER B 211 -32.26 30.74 12.65
C SER B 211 -31.09 29.86 12.23
N VAL B 212 -29.90 30.46 12.13
CA VAL B 212 -28.72 29.77 11.65
C VAL B 212 -27.51 30.25 12.43
N SER B 213 -26.47 29.41 12.44
CA SER B 213 -25.16 29.77 12.95
C SER B 213 -24.11 29.15 12.04
N THR B 214 -22.85 29.26 12.45
CA THR B 214 -21.75 28.63 11.72
C THR B 214 -20.71 28.12 12.71
N VAL B 215 -20.21 26.91 12.47
CA VAL B 215 -19.28 26.25 13.37
C VAL B 215 -18.10 25.73 12.56
N GLN B 216 -16.94 25.66 13.21
CA GLN B 216 -15.75 25.15 12.54
C GLN B 216 -15.79 23.63 12.43
N CYS B 217 -16.35 22.95 13.43
CA CYS B 217 -16.47 21.50 13.41
C CYS B 217 -17.85 21.12 13.95
N THR B 218 -18.33 19.96 13.50
CA THR B 218 -19.63 19.47 13.96
C THR B 218 -19.53 18.90 15.37
N HIS B 219 -20.69 18.72 15.99
CA HIS B 219 -20.71 18.12 17.31
C HIS B 219 -20.32 16.65 17.23
N GLY B 220 -19.85 16.11 18.35
CA GLY B 220 -19.39 14.73 18.39
C GLY B 220 -20.47 13.76 17.97
N ILE B 221 -20.20 12.97 16.93
CA ILE B 221 -21.15 12.01 16.40
C ILE B 221 -20.56 10.61 16.56
N LYS B 222 -21.22 9.78 17.35
CA LYS B 222 -20.80 8.40 17.52
C LYS B 222 -21.22 7.59 16.31
N PRO B 223 -20.31 6.93 15.59
CA PRO B 223 -20.76 6.10 14.47
C PRO B 223 -21.37 4.77 14.93
N VAL B 224 -22.58 4.86 15.46
CA VAL B 224 -23.28 3.69 15.98
C VAL B 224 -23.92 2.93 14.84
N VAL B 225 -23.59 1.65 14.72
CA VAL B 225 -24.17 0.76 13.71
C VAL B 225 -25.31 0.00 14.37
N SER B 226 -26.49 0.08 13.77
CA SER B 226 -27.67 -0.55 14.33
C SER B 226 -28.69 -0.76 13.21
N THR B 227 -29.89 -1.17 13.58
CA THR B 227 -30.93 -1.46 12.60
C THR B 227 -32.30 -1.49 13.27
N GLN B 228 -33.27 -0.75 12.70
CA GLN B 228 -34.63 -0.66 13.19
C GLN B 228 -34.75 0.18 14.46
N LEU B 229 -33.62 0.59 15.03
CA LEU B 229 -33.64 1.37 16.26
C LEU B 229 -32.32 2.13 16.35
N LEU B 230 -32.41 3.45 16.48
CA LEU B 230 -31.24 4.31 16.56
C LEU B 230 -30.85 4.48 18.03
N LEU B 231 -29.69 3.96 18.39
CA LEU B 231 -29.23 3.93 19.77
C LEU B 231 -28.18 5.00 20.00
N ASN B 232 -28.09 5.45 21.25
CA ASN B 232 -27.03 6.36 21.68
C ASN B 232 -26.92 7.56 20.74
N GLY B 233 -28.05 8.05 20.27
CA GLY B 233 -28.09 9.20 19.39
C GLY B 233 -28.37 10.49 20.12
N SER B 234 -28.66 11.53 19.34
CA SER B 234 -29.00 12.83 19.87
C SER B 234 -30.52 12.97 19.92
N LEU B 235 -31.03 13.46 21.04
CA LEU B 235 -32.47 13.55 21.25
C LEU B 235 -33.01 14.85 20.70
N ALA B 236 -34.27 14.82 20.27
CA ALA B 236 -34.95 16.02 19.82
C ALA B 236 -35.33 16.89 21.02
N GLU B 237 -36.00 18.00 20.74
CA GLU B 237 -36.46 18.92 21.77
C GLU B 237 -37.92 19.26 21.54
N GLU B 238 -38.63 19.51 22.64
CA GLU B 238 -40.04 19.85 22.61
C GLU B 238 -40.90 18.64 22.29
N GLU B 239 -40.95 18.24 21.01
CA GLU B 239 -41.82 17.16 20.59
C GLU B 239 -41.06 16.21 19.68
N VAL B 240 -41.72 15.10 19.35
CA VAL B 240 -41.14 14.06 18.50
C VAL B 240 -41.17 14.55 17.06
N MET B 241 -40.06 14.39 16.35
CA MET B 241 -39.94 14.89 14.99
C MET B 241 -39.96 13.74 13.98
N ILE B 242 -40.84 13.87 12.99
CA ILE B 242 -40.98 12.89 11.92
C ILE B 242 -40.45 13.50 10.64
N ARG B 243 -39.57 12.77 9.95
CA ARG B 243 -38.89 13.27 8.76
C ARG B 243 -38.89 12.21 7.68
N SER B 244 -39.29 12.61 6.47
CA SER B 244 -39.25 11.72 5.32
C SER B 244 -38.92 12.53 4.08
N GLU B 245 -38.31 11.86 3.10
CA GLU B 245 -37.95 12.55 1.86
C GLU B 245 -39.19 12.88 1.04
N ASN B 246 -40.08 11.91 0.87
CA ASN B 246 -41.38 12.12 0.23
C ASN B 246 -42.38 11.32 1.05
N ILE B 247 -42.98 11.99 2.05
CA ILE B 247 -43.80 11.28 3.02
C ILE B 247 -45.08 10.74 2.42
N THR B 248 -45.40 11.10 1.18
CA THR B 248 -46.51 10.49 0.47
C THR B 248 -46.07 9.32 -0.40
N ASN B 249 -44.80 8.94 -0.35
CA ASN B 249 -44.30 7.80 -1.10
C ASN B 249 -44.09 6.62 -0.16
N ASN B 250 -44.54 5.45 -0.59
CA ASN B 250 -44.40 4.25 0.21
C ASN B 250 -43.01 3.63 0.11
N ALA B 251 -42.16 4.16 -0.77
CA ALA B 251 -40.81 3.65 -0.94
C ALA B 251 -39.79 4.38 -0.08
N LYS B 252 -40.19 5.42 0.64
CA LYS B 252 -39.27 6.24 1.42
C LYS B 252 -39.49 5.96 2.91
N ASN B 253 -38.39 5.72 3.62
CA ASN B 253 -38.45 5.41 5.03
C ASN B 253 -38.66 6.68 5.85
N ILE B 254 -39.34 6.51 6.98
CA ILE B 254 -39.66 7.61 7.90
C ILE B 254 -38.67 7.55 9.05
N LEU B 255 -37.92 8.61 9.24
CA LEU B 255 -36.89 8.67 10.29
C LEU B 255 -37.45 9.41 11.49
N VAL B 256 -37.99 8.67 12.46
CA VAL B 256 -38.53 9.25 13.67
C VAL B 256 -37.37 9.67 14.56
N GLN B 257 -37.66 10.57 15.51
CA GLN B 257 -36.67 10.97 16.51
C GLN B 257 -37.41 11.27 17.81
N PHE B 258 -37.21 10.40 18.80
CA PHE B 258 -37.85 10.61 20.10
C PHE B 258 -37.27 11.82 20.80
N ASN B 259 -38.12 12.51 21.55
CA ASN B 259 -37.67 13.61 22.39
C ASN B 259 -37.23 13.16 23.77
N THR B 260 -37.50 11.90 24.14
CA THR B 260 -37.05 11.33 25.39
C THR B 260 -36.44 9.97 25.09
N PRO B 261 -35.37 9.58 25.79
CA PRO B 261 -34.71 8.32 25.47
C PRO B 261 -35.34 7.15 26.19
N VAL B 262 -35.76 6.15 25.42
CA VAL B 262 -36.23 4.88 25.98
C VAL B 262 -35.01 4.02 26.24
N GLN B 263 -34.97 3.40 27.41
CA GLN B 263 -33.79 2.66 27.86
C GLN B 263 -33.97 1.18 27.57
N ILE B 264 -32.93 0.55 27.02
CA ILE B 264 -32.95 -0.86 26.67
C ILE B 264 -31.73 -1.53 27.30
N ASN B 265 -31.95 -2.66 27.96
CA ASN B 265 -30.90 -3.43 28.60
C ASN B 265 -30.66 -4.72 27.82
N CYS B 266 -29.39 -4.97 27.49
CA CYS B 266 -29.00 -6.11 26.69
C CYS B 266 -27.97 -6.94 27.45
N THR B 267 -27.99 -8.25 27.21
CA THR B 267 -27.04 -9.15 27.88
C THR B 267 -27.09 -10.51 27.22
N ARG B 268 -26.06 -11.32 27.50
CA ARG B 268 -26.07 -12.75 27.21
C ARG B 268 -25.58 -13.48 28.45
N PRO B 269 -26.45 -14.17 29.19
CA PRO B 269 -26.02 -14.74 30.48
C PRO B 269 -24.93 -15.79 30.36
N ASN B 270 -24.75 -16.40 29.19
CA ASN B 270 -23.78 -17.48 29.06
C ASN B 270 -22.40 -17.01 29.47
N ASN B 271 -21.78 -17.73 30.40
CA ASN B 271 -20.44 -17.42 30.89
C ASN B 271 -19.40 -18.22 30.10
N ASN B 272 -19.29 -17.88 28.82
CA ASN B 272 -18.42 -18.63 27.92
C ASN B 272 -16.96 -18.29 28.18
N THR B 273 -16.08 -19.22 27.83
CA THR B 273 -14.65 -19.11 28.06
C THR B 273 -13.92 -18.94 26.73
N ARG B 274 -12.81 -18.21 26.76
CA ARG B 274 -11.97 -18.05 25.58
C ARG B 274 -10.84 -19.07 25.60
N LYS B 275 -10.51 -19.59 24.42
CA LYS B 275 -9.43 -20.55 24.25
C LYS B 275 -8.65 -20.15 23.01
N SER B 276 -7.32 -20.12 23.13
CA SER B 276 -6.45 -19.69 22.03
C SER B 276 -5.78 -20.90 21.42
N ILE B 277 -5.87 -21.01 20.09
CA ILE B 277 -5.30 -22.13 19.33
C ILE B 277 -4.31 -21.56 18.33
N ARG B 278 -3.10 -22.11 18.32
CA ARG B 278 -2.04 -21.63 17.44
C ARG B 278 -2.14 -22.34 16.10
N ILE B 279 -2.44 -21.56 15.05
CA ILE B 279 -2.66 -22.09 13.71
C ILE B 279 -1.52 -21.79 12.77
N GLY B 280 -0.37 -21.36 13.30
CA GLY B 280 0.78 -21.07 12.46
C GLY B 280 1.83 -20.27 13.21
N PRO B 281 2.92 -19.93 12.53
CA PRO B 281 3.99 -19.16 13.18
C PRO B 281 3.55 -17.75 13.54
N GLY B 282 3.44 -17.47 14.84
CA GLY B 282 3.06 -16.15 15.28
C GLY B 282 1.59 -15.83 15.18
N GLN B 283 0.77 -16.80 14.78
CA GLN B 283 -0.65 -16.60 14.56
C GLN B 283 -1.45 -17.49 15.50
N ALA B 284 -2.62 -17.00 15.89
CA ALA B 284 -3.47 -17.71 16.84
C ALA B 284 -4.93 -17.57 16.42
N PHE B 285 -5.73 -18.57 16.80
CA PHE B 285 -7.16 -18.57 16.57
C PHE B 285 -7.86 -18.75 17.90
N TYR B 286 -8.85 -17.91 18.17
CA TYR B 286 -9.51 -17.86 19.47
C TYR B 286 -10.80 -18.65 19.40
N ALA B 287 -10.80 -19.84 20.00
CA ALA B 287 -11.97 -20.70 20.02
C ALA B 287 -12.90 -20.31 21.16
N THR B 288 -14.06 -20.97 21.22
CA THR B 288 -15.11 -20.57 22.14
C THR B 288 -15.12 -21.37 23.43
N GLY B 289 -14.23 -22.34 23.60
CA GLY B 289 -14.12 -23.03 24.88
C GLY B 289 -15.43 -23.68 25.28
N ASP B 290 -15.66 -23.77 26.59
CA ASP B 290 -16.88 -24.31 27.16
C ASP B 290 -17.46 -23.31 28.16
N ILE B 291 -18.78 -23.38 28.34
CA ILE B 291 -19.52 -22.38 29.10
C ILE B 291 -19.70 -22.90 30.52
N ILE B 292 -19.25 -22.11 31.49
CA ILE B 292 -19.44 -22.44 32.90
C ILE B 292 -20.88 -22.16 33.29
N GLY B 293 -21.49 -23.10 34.01
CA GLY B 293 -22.84 -22.92 34.45
C GLY B 293 -23.84 -23.29 33.36
N ASP B 294 -25.07 -22.82 33.55
CA ASP B 294 -26.14 -23.15 32.62
C ASP B 294 -26.09 -22.24 31.39
N ILE B 295 -26.52 -22.81 30.26
CA ILE B 295 -26.55 -22.11 28.98
C ILE B 295 -27.99 -21.66 28.74
N ARG B 296 -28.17 -20.37 28.47
CA ARG B 296 -29.50 -19.82 28.25
C ARG B 296 -29.43 -18.78 27.15
N GLN B 297 -30.58 -18.17 26.87
CA GLN B 297 -30.70 -17.29 25.72
C GLN B 297 -30.35 -15.85 26.10
N ALA B 298 -29.81 -15.13 25.12
CA ALA B 298 -29.48 -13.72 25.26
C ALA B 298 -30.68 -12.89 24.85
N HIS B 299 -31.07 -11.95 25.71
CA HIS B 299 -32.29 -11.16 25.50
C HIS B 299 -31.99 -9.69 25.72
N CYS B 300 -32.96 -8.86 25.35
CA CYS B 300 -32.91 -7.43 25.57
C CYS B 300 -34.21 -7.00 26.25
N ASN B 301 -34.09 -6.21 27.32
CA ASN B 301 -35.24 -5.71 28.05
C ASN B 301 -35.50 -4.24 27.73
N VAL B 302 -36.75 -3.84 27.90
CA VAL B 302 -37.15 -2.44 27.81
C VAL B 302 -38.50 -2.31 28.48
N SER B 303 -38.68 -1.24 29.25
CA SER B 303 -39.90 -1.09 30.02
C SER B 303 -41.10 -1.03 29.10
N LYS B 304 -42.15 -1.75 29.46
CA LYS B 304 -43.38 -1.77 28.67
C LYS B 304 -44.22 -0.53 28.86
N ALA B 305 -44.02 0.20 29.96
CA ALA B 305 -44.77 1.43 30.20
C ALA B 305 -44.15 2.62 29.47
N THR B 306 -42.82 2.77 29.55
CA THR B 306 -42.17 3.87 28.86
C THR B 306 -42.21 3.67 27.35
N TRP B 307 -42.27 2.43 26.88
CA TRP B 307 -42.41 2.19 25.45
C TRP B 307 -43.83 2.41 24.98
N ASN B 308 -44.82 2.26 25.87
CA ASN B 308 -46.20 2.49 25.48
C ASN B 308 -46.50 3.97 25.34
N GLU B 309 -45.95 4.80 26.25
CA GLU B 309 -46.16 6.23 26.15
C GLU B 309 -45.47 6.81 24.94
N THR B 310 -44.28 6.30 24.60
CA THR B 310 -43.54 6.83 23.47
C THR B 310 -44.30 6.65 22.16
N LEU B 311 -44.89 5.47 21.95
CA LEU B 311 -45.73 5.27 20.78
C LEU B 311 -46.94 6.17 20.81
N GLY B 312 -47.44 6.49 22.01
CA GLY B 312 -48.53 7.44 22.10
C GLY B 312 -48.13 8.82 21.65
N LYS B 313 -46.87 9.19 21.85
CA LYS B 313 -46.36 10.47 21.36
C LYS B 313 -45.96 10.43 19.90
N VAL B 314 -45.56 9.26 19.40
CA VAL B 314 -45.27 9.11 17.98
C VAL B 314 -46.55 9.16 17.17
N VAL B 315 -47.64 8.58 17.68
CA VAL B 315 -48.85 8.43 16.89
C VAL B 315 -49.49 9.79 16.62
N LYS B 316 -49.48 10.68 17.61
CA LYS B 316 -50.14 11.97 17.44
C LYS B 316 -49.37 12.87 16.47
N GLN B 317 -48.12 12.56 16.18
CA GLN B 317 -47.39 13.26 15.12
C GLN B 317 -47.61 12.61 13.77
N LEU B 318 -47.69 11.27 13.71
CA LEU B 318 -48.04 10.61 12.48
C LEU B 318 -49.45 10.96 12.02
N ARG B 319 -50.31 11.35 12.95
CA ARG B 319 -51.67 11.75 12.57
C ARG B 319 -51.65 12.98 11.68
N LYS B 320 -50.82 13.96 12.00
CA LYS B 320 -50.84 15.23 11.29
C LYS B 320 -50.51 15.05 9.81
N HIS B 321 -49.71 14.04 9.49
CA HIS B 321 -49.33 13.78 8.11
C HIS B 321 -50.23 12.76 7.42
N PHE B 322 -51.17 12.16 8.15
CA PHE B 322 -52.06 11.16 7.56
C PHE B 322 -53.53 11.30 7.96
N GLY B 323 -53.89 12.20 8.87
CA GLY B 323 -55.28 12.41 9.21
C GLY B 323 -55.60 12.08 10.66
N ASN B 324 -56.62 12.75 11.22
CA ASN B 324 -57.02 12.51 12.60
C ASN B 324 -57.83 11.23 12.76
N ASN B 325 -58.59 10.82 11.75
CA ASN B 325 -59.45 9.66 11.86
C ASN B 325 -58.79 8.36 11.44
N THR B 326 -57.51 8.40 11.06
CA THR B 326 -56.83 7.20 10.61
C THR B 326 -56.54 6.27 11.78
N ILE B 327 -56.66 4.97 11.52
CA ILE B 327 -56.30 3.94 12.50
C ILE B 327 -54.84 3.60 12.27
N ILE B 328 -53.97 4.06 13.17
CA ILE B 328 -52.54 3.84 13.06
C ILE B 328 -52.19 2.52 13.72
N ARG B 329 -51.65 1.59 12.94
CA ARG B 329 -51.35 0.24 13.39
C ARG B 329 -49.87 -0.04 13.15
N PHE B 330 -49.31 -0.90 13.99
CA PHE B 330 -47.93 -1.32 13.85
C PHE B 330 -47.85 -2.82 13.60
N ALA B 331 -46.78 -3.23 12.92
CA ALA B 331 -46.55 -4.64 12.65
C ALA B 331 -45.06 -4.90 12.79
N ASN B 332 -44.70 -6.18 12.69
CA ASN B 332 -43.30 -6.56 12.71
C ASN B 332 -42.77 -6.66 11.28
N SER B 333 -41.45 -6.80 11.17
CA SER B 333 -40.80 -6.66 9.87
C SER B 333 -41.37 -7.66 8.87
N SER B 334 -41.49 -7.21 7.62
CA SER B 334 -42.08 -8.01 6.55
C SER B 334 -41.09 -9.00 5.98
N GLY B 335 -40.54 -9.86 6.84
CA GLY B 335 -39.67 -10.91 6.39
C GLY B 335 -38.44 -10.43 5.66
N GLY B 336 -37.60 -11.36 5.23
CA GLY B 336 -36.35 -11.03 4.57
C GLY B 336 -35.15 -11.68 5.23
N ASP B 337 -33.99 -11.03 5.14
CA ASP B 337 -32.79 -11.57 5.75
C ASP B 337 -32.82 -11.36 7.26
N LEU B 338 -31.98 -12.14 7.96
CA LEU B 338 -31.84 -11.93 9.39
C LEU B 338 -31.27 -10.55 9.70
N GLU B 339 -30.28 -10.10 8.92
CA GLU B 339 -29.62 -8.84 9.22
C GLU B 339 -30.52 -7.63 9.03
N VAL B 340 -31.69 -7.80 8.42
CA VAL B 340 -32.61 -6.69 8.17
C VAL B 340 -33.95 -6.86 8.86
N THR B 341 -34.38 -8.08 9.18
CA THR B 341 -35.66 -8.31 9.85
C THR B 341 -35.55 -8.21 11.36
N THR B 342 -34.39 -7.82 11.88
CA THR B 342 -34.15 -7.84 13.31
C THR B 342 -33.34 -6.61 13.68
N HIS B 343 -33.41 -6.25 14.96
CA HIS B 343 -32.64 -5.13 15.50
C HIS B 343 -31.21 -5.60 15.75
N SER B 344 -30.38 -5.45 14.72
CA SER B 344 -29.00 -5.91 14.80
C SER B 344 -28.09 -4.77 15.24
N PHE B 345 -27.35 -5.00 16.33
CA PHE B 345 -26.41 -4.01 16.84
C PHE B 345 -25.18 -4.72 17.36
N ASN B 346 -24.34 -3.98 18.07
CA ASN B 346 -23.12 -4.52 18.67
C ASN B 346 -22.92 -3.89 20.05
N CYS B 347 -22.57 -4.72 21.02
CA CYS B 347 -22.19 -4.23 22.35
C CYS B 347 -21.23 -5.23 22.96
N GLY B 348 -20.05 -4.75 23.33
CA GLY B 348 -19.07 -5.61 23.97
C GLY B 348 -18.36 -6.57 23.05
N GLY B 349 -18.40 -6.34 21.74
CA GLY B 349 -17.82 -7.24 20.79
C GLY B 349 -18.71 -8.40 20.37
N GLU B 350 -19.93 -8.47 20.91
CA GLU B 350 -20.90 -9.50 20.56
C GLU B 350 -21.99 -8.87 19.70
N PHE B 351 -22.29 -9.52 18.58
CA PHE B 351 -23.24 -8.99 17.60
C PHE B 351 -24.60 -9.61 17.85
N PHE B 352 -25.52 -8.80 18.36
CA PHE B 352 -26.88 -9.25 18.64
C PHE B 352 -27.77 -9.02 17.42
N TYR B 353 -28.82 -9.84 17.32
CA TYR B 353 -29.78 -9.78 16.22
C TYR B 353 -31.20 -9.88 16.79
N CYS B 354 -31.50 -9.05 17.79
CA CYS B 354 -32.72 -9.19 18.55
C CYS B 354 -33.96 -9.09 17.67
N ASN B 355 -34.99 -9.85 18.07
CA ASN B 355 -36.24 -9.95 17.34
C ASN B 355 -37.24 -8.96 17.92
N THR B 356 -37.53 -7.91 17.16
CA THR B 356 -38.34 -6.79 17.64
C THR B 356 -39.82 -6.95 17.32
N SER B 357 -40.30 -8.17 17.07
CA SER B 357 -41.71 -8.35 16.78
C SER B 357 -42.60 -8.07 17.97
N GLY B 358 -42.02 -7.93 19.17
CA GLY B 358 -42.80 -7.59 20.34
C GLY B 358 -42.93 -6.10 20.62
N LEU B 359 -42.14 -5.27 19.94
CA LEU B 359 -42.20 -3.83 20.12
C LEU B 359 -43.22 -3.19 19.18
N PHE B 360 -43.27 -3.66 17.93
CA PHE B 360 -44.15 -3.07 16.91
C PHE B 360 -45.35 -3.99 16.74
N ASN B 361 -46.30 -3.90 17.67
CA ASN B 361 -47.51 -4.71 17.62
C ASN B 361 -48.58 -3.96 18.43
N SER B 362 -49.45 -3.24 17.73
CA SER B 362 -50.39 -2.35 18.40
C SER B 362 -51.42 -1.88 17.38
N THR B 363 -52.49 -1.27 17.90
CA THR B 363 -53.49 -0.61 17.06
C THR B 363 -54.01 0.60 17.81
N TRP B 364 -53.92 1.77 17.18
CA TRP B 364 -54.37 3.02 17.77
C TRP B 364 -55.47 3.60 16.91
N ILE B 365 -56.67 3.74 17.49
CA ILE B 365 -57.87 4.13 16.75
C ILE B 365 -58.34 5.53 17.13
N SER B 366 -57.70 6.17 18.09
CA SER B 366 -58.10 7.49 18.55
C SER B 366 -59.50 7.44 19.17
N ASN B 379 -43.93 -2.27 38.12
CA ASN B 379 -43.25 -2.14 36.84
C ASN B 379 -43.34 -3.43 36.04
N ASP B 380 -42.99 -3.35 34.76
CA ASP B 380 -42.99 -4.51 33.89
C ASP B 380 -42.09 -4.23 32.70
N SER B 381 -41.69 -5.29 32.00
CA SER B 381 -40.80 -5.18 30.86
C SER B 381 -41.28 -6.09 29.74
N ILE B 382 -40.89 -5.75 28.53
CA ILE B 382 -41.13 -6.57 27.35
C ILE B 382 -39.78 -7.11 26.88
N THR B 383 -39.68 -8.43 26.76
CA THR B 383 -38.41 -9.10 26.50
C THR B 383 -38.30 -9.49 25.04
N LEU B 384 -37.11 -9.31 24.48
CA LEU B 384 -36.85 -9.58 23.06
C LEU B 384 -35.80 -10.68 22.95
N PRO B 385 -36.14 -11.87 22.45
CA PRO B 385 -35.10 -12.88 22.24
C PRO B 385 -34.07 -12.39 21.22
N CYS B 386 -32.80 -12.71 21.46
CA CYS B 386 -31.72 -12.24 20.62
C CYS B 386 -30.82 -13.41 20.27
N ARG B 387 -30.43 -13.48 18.99
CA ARG B 387 -29.47 -14.47 18.53
C ARG B 387 -28.09 -13.85 18.49
N ILE B 388 -27.08 -14.69 18.24
CA ILE B 388 -25.70 -14.24 18.13
C ILE B 388 -25.02 -15.03 17.02
N LYS B 389 -24.14 -14.36 16.29
CA LYS B 389 -23.33 -15.00 15.26
C LYS B 389 -21.99 -14.29 15.21
N GLN B 390 -20.99 -15.00 14.67
CA GLN B 390 -19.64 -14.48 14.63
C GLN B 390 -19.08 -14.29 13.23
N ILE B 391 -19.66 -14.94 12.22
CA ILE B 391 -19.33 -14.65 10.82
C ILE B 391 -20.19 -13.46 10.43
N ILE B 392 -19.56 -12.31 10.21
CA ILE B 392 -20.27 -11.03 10.07
C ILE B 392 -19.91 -10.42 8.73
N ASN B 393 -20.93 -9.96 8.01
CA ASN B 393 -20.76 -9.26 6.73
C ASN B 393 -21.32 -7.85 6.91
N MET B 394 -20.45 -6.93 7.31
CA MET B 394 -20.86 -5.56 7.57
C MET B 394 -21.06 -4.80 6.26
N TRP B 395 -21.73 -3.66 6.37
CA TRP B 395 -21.90 -2.70 5.28
C TRP B 395 -22.59 -3.32 4.07
N GLN B 396 -23.32 -4.42 4.28
CA GLN B 396 -24.05 -5.10 3.21
C GLN B 396 -23.13 -5.53 2.07
N ARG B 397 -21.84 -5.65 2.33
CA ARG B 397 -20.91 -6.16 1.34
C ARG B 397 -20.95 -7.68 1.30
N ILE B 398 -20.39 -8.25 0.23
CA ILE B 398 -20.35 -9.69 0.03
C ILE B 398 -18.90 -10.09 -0.22
N GLY B 399 -18.46 -11.17 0.43
CA GLY B 399 -17.11 -11.65 0.27
C GLY B 399 -16.07 -10.97 1.12
N GLN B 400 -16.48 -10.22 2.14
CA GLN B 400 -15.57 -9.51 3.02
C GLN B 400 -15.97 -9.72 4.48
N CYS B 401 -16.21 -10.97 4.85
CA CYS B 401 -16.70 -11.27 6.18
C CYS B 401 -15.63 -11.01 7.22
N MET B 402 -16.06 -10.93 8.48
CA MET B 402 -15.18 -10.78 9.63
C MET B 402 -15.62 -11.77 10.69
N TYR B 403 -14.65 -12.28 11.46
CA TYR B 403 -14.90 -13.21 12.55
C TYR B 403 -14.63 -12.51 13.86
N ALA B 404 -15.65 -12.41 14.71
CA ALA B 404 -15.53 -11.72 15.98
C ALA B 404 -15.12 -12.70 17.06
N PRO B 405 -13.98 -12.54 17.72
CA PRO B 405 -13.56 -13.52 18.70
C PRO B 405 -14.56 -13.62 19.83
N PRO B 406 -14.69 -14.79 20.46
CA PRO B 406 -15.53 -14.88 21.65
C PRO B 406 -14.95 -14.07 22.80
N ILE B 407 -15.84 -13.58 23.65
CA ILE B 407 -15.48 -12.70 24.75
C ILE B 407 -15.56 -13.46 26.05
N GLN B 408 -14.70 -13.09 27.00
CA GLN B 408 -14.67 -13.75 28.30
C GLN B 408 -15.83 -13.29 29.17
N GLY B 409 -16.51 -14.26 29.79
CA GLY B 409 -17.53 -13.93 30.76
C GLY B 409 -18.84 -13.49 30.14
N VAL B 410 -19.66 -12.86 30.98
CA VAL B 410 -20.97 -12.40 30.55
C VAL B 410 -20.89 -10.95 30.08
N ILE B 411 -21.82 -10.58 29.21
CA ILE B 411 -21.87 -9.24 28.62
C ILE B 411 -23.18 -8.59 29.02
N ARG B 412 -23.12 -7.29 29.29
CA ARG B 412 -24.29 -6.50 29.62
C ARG B 412 -24.05 -5.07 29.14
N CYS B 413 -25.14 -4.38 28.79
CA CYS B 413 -25.03 -3.02 28.29
C CYS B 413 -26.40 -2.37 28.28
N VAL B 414 -26.44 -1.07 28.56
CA VAL B 414 -27.68 -0.30 28.58
C VAL B 414 -27.48 0.93 27.69
N SER B 415 -28.53 1.32 26.97
CA SER B 415 -28.43 2.37 25.98
C SER B 415 -29.76 3.10 25.84
N ASN B 416 -29.69 4.29 25.25
CA ASN B 416 -30.91 4.98 24.85
C ASN B 416 -31.55 4.27 23.66
N ILE B 417 -32.79 4.65 23.38
CA ILE B 417 -33.42 4.43 22.07
C ILE B 417 -33.97 5.77 21.63
N THR B 418 -33.30 6.40 20.66
CA THR B 418 -33.57 7.80 20.34
C THR B 418 -34.07 7.97 18.92
N GLY B 419 -34.86 7.03 18.42
CA GLY B 419 -35.41 7.16 17.09
C GLY B 419 -35.67 5.81 16.46
N LEU B 420 -36.42 5.85 15.37
CA LEU B 420 -36.82 4.65 14.63
C LEU B 420 -36.59 4.87 13.14
N ILE B 421 -36.67 3.77 12.39
CA ILE B 421 -36.74 3.80 10.94
C ILE B 421 -37.96 2.97 10.55
N LEU B 422 -38.97 3.62 9.99
CA LEU B 422 -40.24 3.00 9.68
C LEU B 422 -40.47 2.98 8.17
N THR B 423 -41.45 2.17 7.75
CA THR B 423 -41.87 2.12 6.35
C THR B 423 -43.35 1.76 6.31
N ARG B 424 -44.08 2.35 5.37
CA ARG B 424 -45.48 2.02 5.18
C ARG B 424 -45.59 0.78 4.29
N ASP B 425 -46.82 0.45 3.90
CA ASP B 425 -47.07 -0.67 2.99
C ASP B 425 -48.53 -0.62 2.55
N GLY B 426 -48.77 -0.94 1.29
CA GLY B 426 -50.14 -1.08 0.80
C GLY B 426 -50.74 0.24 0.34
N GLY B 427 -51.60 0.14 -0.66
CA GLY B 427 -52.32 1.30 -1.17
C GLY B 427 -53.76 0.97 -1.50
N SER B 428 -54.35 0.04 -0.74
CA SER B 428 -55.70 -0.42 -1.05
C SER B 428 -56.72 0.72 -1.00
N THR B 429 -56.53 1.68 -0.09
CA THR B 429 -57.47 2.77 0.11
C THR B 429 -56.70 4.08 0.18
N ASN B 430 -57.39 5.18 -0.10
CA ASN B 430 -56.76 6.50 0.01
C ASN B 430 -56.27 6.74 1.43
N SER B 431 -57.17 6.67 2.42
CA SER B 431 -56.76 6.74 3.82
C SER B 431 -57.82 6.04 4.66
N THR B 432 -57.52 4.82 5.08
CA THR B 432 -58.33 4.11 6.07
C THR B 432 -57.49 3.59 7.21
N THR B 433 -56.46 2.79 6.93
CA THR B 433 -55.60 2.21 7.95
C THR B 433 -54.17 2.19 7.44
N GLU B 434 -53.26 2.77 8.23
CA GLU B 434 -51.85 2.83 7.88
C GLU B 434 -51.06 1.94 8.83
N THR B 435 -50.29 1.01 8.27
CA THR B 435 -49.44 0.12 9.04
C THR B 435 -47.98 0.47 8.74
N PHE B 436 -47.21 0.76 9.79
CA PHE B 436 -45.83 1.17 9.68
C PHE B 436 -44.93 0.07 10.24
N ARG B 437 -44.14 -0.54 9.39
CA ARG B 437 -43.22 -1.58 9.81
C ARG B 437 -41.82 -1.01 10.03
N PRO B 438 -40.99 -1.66 10.83
CA PRO B 438 -39.60 -1.23 10.95
C PRO B 438 -38.81 -1.53 9.68
N GLY B 439 -37.80 -0.71 9.42
CA GLY B 439 -36.99 -0.84 8.23
C GLY B 439 -35.51 -0.88 8.53
N GLY B 440 -34.71 -0.19 7.73
CA GLY B 440 -33.28 -0.16 7.96
C GLY B 440 -32.48 -0.82 6.85
N GLY B 441 -33.00 -0.76 5.62
CA GLY B 441 -32.32 -1.38 4.49
C GLY B 441 -31.07 -0.66 4.05
N ASP B 442 -30.86 0.57 4.52
CA ASP B 442 -29.70 1.36 4.15
C ASP B 442 -29.02 1.87 5.41
N MET B 443 -27.68 1.81 5.43
CA MET B 443 -26.94 2.13 6.63
C MET B 443 -26.70 3.62 6.78
N ARG B 444 -26.94 4.40 5.73
CA ARG B 444 -26.69 5.84 5.80
C ARG B 444 -27.72 6.54 6.68
N ASP B 445 -28.94 6.00 6.75
CA ASP B 445 -29.98 6.64 7.54
C ASP B 445 -29.61 6.77 9.01
N ASN B 446 -28.77 5.86 9.53
CA ASN B 446 -28.29 6.01 10.89
C ASN B 446 -27.51 7.30 11.07
N TRP B 447 -26.94 7.84 9.99
CA TRP B 447 -26.13 9.04 10.04
C TRP B 447 -26.84 10.27 9.46
N ARG B 448 -27.88 10.08 8.65
CA ARG B 448 -28.72 11.20 8.26
C ARG B 448 -29.48 11.79 9.44
N SER B 449 -29.61 11.06 10.54
CA SER B 449 -30.31 11.55 11.73
C SER B 449 -29.39 12.33 12.65
N GLU B 450 -28.12 12.50 12.27
CA GLU B 450 -27.17 13.30 13.03
C GLU B 450 -26.67 14.52 12.28
N LEU B 451 -26.54 14.44 10.95
CA LEU B 451 -26.02 15.52 10.13
C LEU B 451 -27.13 16.33 9.47
N TYR B 452 -28.39 16.10 9.85
CA TYR B 452 -29.48 16.84 9.25
C TYR B 452 -29.41 18.33 9.55
N LYS B 453 -28.63 18.74 10.56
CA LYS B 453 -28.51 20.14 10.93
C LYS B 453 -27.44 20.89 10.15
N TYR B 454 -26.54 20.18 9.48
CA TYR B 454 -25.34 20.79 8.92
C TYR B 454 -25.36 20.77 7.40
N LYS B 455 -24.79 21.81 6.80
CA LYS B 455 -24.53 21.87 5.37
C LYS B 455 -23.21 22.60 5.14
N VAL B 456 -22.48 22.15 4.13
CA VAL B 456 -21.15 22.68 3.81
C VAL B 456 -21.29 23.70 2.70
N VAL B 457 -20.65 24.86 2.88
CA VAL B 457 -20.75 25.98 1.95
C VAL B 457 -19.35 26.43 1.55
N LYS B 458 -19.26 27.08 0.40
CA LYS B 458 -18.02 27.63 -0.12
C LYS B 458 -18.09 29.15 -0.04
N ILE B 459 -17.05 29.77 0.48
CA ILE B 459 -17.01 31.22 0.67
C ILE B 459 -16.36 31.87 -0.53
N GLU B 460 -17.04 32.87 -1.11
CA GLU B 460 -16.55 33.62 -2.26
C GLU B 460 -16.31 35.06 -1.82
N PRO B 461 -15.07 35.42 -1.48
CA PRO B 461 -14.84 36.72 -0.83
C PRO B 461 -14.88 37.91 -1.77
N LEU B 462 -14.74 37.71 -3.07
CA LEU B 462 -14.75 38.85 -4.00
C LEU B 462 -16.17 39.36 -4.20
N GLY B 463 -16.31 40.66 -4.37
CA GLY B 463 -17.59 41.29 -4.57
C GLY B 463 -17.47 42.69 -5.14
N VAL B 464 -18.28 43.00 -6.15
CA VAL B 464 -18.21 44.27 -6.87
C VAL B 464 -19.55 44.96 -6.79
N ALA B 465 -19.55 46.22 -6.38
CA ALA B 465 -20.76 47.01 -6.20
C ALA B 465 -20.48 48.44 -6.64
N PRO B 466 -21.52 49.21 -6.93
CA PRO B 466 -21.32 50.60 -7.34
C PRO B 466 -21.10 51.52 -6.15
N THR B 467 -20.14 52.43 -6.31
CA THR B 467 -19.89 53.45 -5.31
C THR B 467 -19.32 54.68 -6.01
N ARG B 468 -19.42 55.82 -5.33
CA ARG B 468 -18.88 57.08 -5.84
C ARG B 468 -17.41 57.15 -5.48
N CYS B 469 -16.59 56.57 -6.34
CA CYS B 469 -15.14 56.54 -6.13
C CYS B 469 -14.47 56.13 -7.44
N LYS B 470 -13.48 56.92 -7.84
CA LYS B 470 -12.71 56.64 -9.06
C LYS B 470 -11.24 56.77 -8.73
N ARG B 471 -10.41 55.98 -9.38
CA ARG B 471 -8.98 56.00 -9.10
C ARG B 471 -8.39 57.33 -9.53
N ARG B 472 -7.62 57.93 -8.62
CA ARG B 472 -6.97 59.21 -8.90
C ARG B 472 -5.79 59.01 -9.86
N VAL B 473 -5.25 60.12 -10.33
CA VAL B 473 -4.09 60.10 -11.21
C VAL B 473 -4.40 59.31 -12.47
N ASN C 3 5.68 60.55 19.25
CA ASN C 3 7.16 60.76 19.16
C ASN C 3 7.80 59.65 18.33
N LEU C 4 7.34 58.42 18.56
CA LEU C 4 7.83 57.25 17.84
C LEU C 4 6.64 56.45 17.35
N TRP C 5 6.87 55.69 16.28
CA TRP C 5 5.81 54.92 15.64
C TRP C 5 6.26 53.49 15.42
N VAL C 6 5.29 52.61 15.18
CA VAL C 6 5.58 51.20 14.94
C VAL C 6 6.08 51.02 13.51
N THR C 7 7.25 50.43 13.36
CA THR C 7 7.82 50.11 12.07
C THR C 7 8.01 48.61 11.99
N VAL C 8 7.47 47.99 10.94
CA VAL C 8 7.50 46.54 10.78
C VAL C 8 8.57 46.18 9.76
N TYR C 9 9.44 45.25 10.13
CA TYR C 9 10.51 44.76 9.27
C TYR C 9 10.26 43.31 8.93
N TYR C 10 10.38 42.96 7.65
CA TYR C 10 10.15 41.61 7.16
C TYR C 10 11.46 41.05 6.66
N GLY C 11 12.05 40.13 7.42
CA GLY C 11 13.31 39.51 7.04
C GLY C 11 14.35 39.55 8.15
N VAL C 12 13.94 39.88 9.37
CA VAL C 12 14.88 40.02 10.47
C VAL C 12 15.42 38.65 10.84
N PRO C 13 16.70 38.53 11.24
CA PRO C 13 17.25 37.22 11.65
C PRO C 13 16.90 36.81 13.08
N VAL C 14 15.72 36.24 13.24
CA VAL C 14 15.22 35.76 14.53
C VAL C 14 14.72 34.34 14.35
N TRP C 15 15.00 33.49 15.34
CA TRP C 15 14.62 32.09 15.28
C TRP C 15 14.18 31.63 16.66
N LYS C 16 13.39 30.55 16.68
CA LYS C 16 12.99 29.89 17.91
C LYS C 16 13.09 28.39 17.72
N ASP C 17 13.39 27.68 18.81
CA ASP C 17 13.49 26.23 18.75
C ASP C 17 12.18 25.63 18.27
N ALA C 18 12.29 24.67 17.36
CA ALA C 18 11.11 24.01 16.81
C ALA C 18 11.50 22.60 16.37
N GLU C 19 10.49 21.81 16.04
CA GLU C 19 10.69 20.45 15.56
C GLU C 19 9.88 20.26 14.29
N THR C 20 10.53 19.76 13.24
CA THR C 20 9.89 19.52 11.96
C THR C 20 10.48 18.25 11.35
N THR C 21 10.17 18.02 10.08
CA THR C 21 10.61 16.83 9.37
C THR C 21 11.79 17.21 8.46
N LEU C 22 12.94 16.60 8.71
CA LEU C 22 14.08 16.74 7.84
C LEU C 22 14.01 15.69 6.73
N PHE C 23 14.74 15.93 5.64
CA PHE C 23 14.76 15.03 4.51
C PHE C 23 16.19 14.66 4.14
N CYS C 24 16.33 13.46 3.59
CA CYS C 24 17.63 12.86 3.32
C CYS C 24 18.31 13.52 2.12
N ALA C 25 19.61 13.27 2.02
CA ALA C 25 20.40 13.69 0.87
C ALA C 25 21.73 12.95 0.89
N SER C 26 22.10 12.36 -0.24
CA SER C 26 23.28 11.53 -0.36
C SER C 26 24.24 12.14 -1.38
N ASP C 27 25.50 11.71 -1.32
CA ASP C 27 26.53 12.26 -2.17
C ASP C 27 26.29 11.98 -3.66
N ALA C 28 25.44 11.02 -3.99
CA ALA C 28 25.06 10.78 -5.38
C ALA C 28 26.27 10.47 -6.26
N LYS C 29 26.82 11.50 -6.93
CA LYS C 29 27.88 11.26 -7.91
C LYS C 29 29.08 10.59 -7.28
N ALA C 30 29.33 10.83 -5.99
CA ALA C 30 30.47 10.19 -5.33
C ALA C 30 30.38 8.68 -5.37
N TYR C 31 29.18 8.12 -5.50
CA TYR C 31 28.95 6.68 -5.54
C TYR C 31 28.25 6.29 -6.83
N GLU C 32 28.74 6.81 -7.96
CA GLU C 32 28.14 6.49 -9.25
C GLU C 32 28.14 4.97 -9.46
N THR C 33 27.38 4.52 -10.46
CA THR C 33 27.11 3.11 -10.66
C THR C 33 26.46 2.53 -9.40
N GLU C 34 25.46 3.24 -8.89
CA GLU C 34 24.84 2.90 -7.62
C GLU C 34 24.17 1.53 -7.68
N LYS C 35 24.10 0.89 -6.52
CA LYS C 35 23.41 -0.39 -6.37
C LYS C 35 22.44 -0.30 -5.20
N HIS C 36 21.36 -1.05 -5.29
CA HIS C 36 20.29 -0.93 -4.30
C HIS C 36 20.77 -1.37 -2.92
N ASN C 37 20.26 -0.69 -1.90
CA ASN C 37 20.58 -1.04 -0.52
C ASN C 37 19.52 -0.42 0.38
N VAL C 38 19.47 -0.92 1.63
CA VAL C 38 18.62 -0.29 2.62
C VAL C 38 19.09 1.15 2.84
N TRP C 39 18.24 1.94 3.48
CA TRP C 39 18.38 3.39 3.50
C TRP C 39 18.75 3.87 2.10
N ALA C 40 17.80 3.64 1.18
CA ALA C 40 18.04 3.77 -0.25
C ALA C 40 18.81 5.03 -0.58
N THR C 41 19.95 4.85 -1.27
CA THR C 41 20.68 5.99 -1.79
C THR C 41 19.82 6.77 -2.78
N HIS C 42 19.09 6.07 -3.64
CA HIS C 42 18.11 6.73 -4.49
C HIS C 42 16.91 7.16 -3.66
N ALA C 43 16.14 8.10 -4.20
CA ALA C 43 15.02 8.78 -3.57
C ALA C 43 15.50 9.83 -2.56
N CYS C 44 16.81 9.95 -2.34
CA CYS C 44 17.37 11.02 -1.55
C CYS C 44 17.83 12.14 -2.46
N VAL C 45 17.39 13.36 -2.17
CA VAL C 45 17.79 14.50 -3.02
C VAL C 45 19.32 14.58 -3.04
N PRO C 46 19.96 14.62 -4.21
CA PRO C 46 21.42 14.67 -4.22
C PRO C 46 21.93 15.91 -3.50
N THR C 47 23.01 15.73 -2.75
CA THR C 47 23.56 16.83 -1.97
C THR C 47 24.46 17.69 -2.85
N ASP C 48 24.51 18.98 -2.53
CA ASP C 48 25.32 19.90 -3.31
C ASP C 48 26.80 19.56 -3.17
N PRO C 49 27.60 19.78 -4.22
CA PRO C 49 29.03 19.45 -4.13
C PRO C 49 29.78 20.25 -3.09
N ASN C 50 29.26 21.41 -2.69
CA ASN C 50 29.94 22.27 -1.72
C ASN C 50 28.89 22.99 -0.87
N PRO C 51 28.41 22.33 0.18
CA PRO C 51 27.46 23.01 1.08
C PRO C 51 28.06 24.27 1.67
N GLN C 52 27.22 25.29 1.83
CA GLN C 52 27.65 26.60 2.30
C GLN C 52 27.40 26.68 3.81
N GLU C 53 28.47 26.65 4.59
CA GLU C 53 28.39 26.84 6.03
C GLU C 53 28.75 28.28 6.38
N ILE C 54 27.91 28.91 7.18
CA ILE C 54 28.06 30.32 7.54
C ILE C 54 28.27 30.42 9.04
N HIS C 55 29.36 31.07 9.44
CA HIS C 55 29.67 31.22 10.86
C HIS C 55 29.08 32.52 11.38
N LEU C 56 28.33 32.42 12.47
CA LEU C 56 27.63 33.55 13.06
C LEU C 56 28.47 34.15 14.17
N GLU C 57 28.71 35.45 14.10
CA GLU C 57 29.67 36.11 14.99
C GLU C 57 29.01 36.47 16.32
N ASN C 58 29.67 36.08 17.40
CA ASN C 58 29.22 36.32 18.78
C ASN C 58 27.71 36.21 18.91
N VAL C 59 27.19 35.04 18.55
CA VAL C 59 25.84 34.63 18.89
C VAL C 59 25.93 33.36 19.71
N THR C 60 25.32 33.37 20.89
CA THR C 60 25.38 32.26 21.82
C THR C 60 24.04 31.53 21.84
N GLU C 61 24.07 30.22 21.60
CA GLU C 61 22.88 29.39 21.57
C GLU C 61 23.01 28.30 22.62
N GLU C 62 21.88 27.93 23.22
CA GLU C 62 21.83 26.88 24.24
C GLU C 62 21.39 25.59 23.58
N PHE C 63 22.33 24.65 23.47
CA PHE C 63 22.07 23.35 22.85
C PHE C 63 21.66 22.33 23.91
N ASN C 64 21.13 21.21 23.45
CA ASN C 64 20.78 20.09 24.33
C ASN C 64 20.71 18.83 23.48
N MET C 65 21.62 17.89 23.72
CA MET C 65 21.69 16.69 22.89
C MET C 65 20.75 15.59 23.35
N TRP C 66 20.23 15.65 24.58
CA TRP C 66 19.39 14.59 25.10
C TRP C 66 17.91 14.86 24.85
N LYS C 67 17.52 16.11 24.70
CA LYS C 67 16.18 16.48 24.28
C LYS C 67 16.09 16.74 22.78
N ASN C 68 17.12 16.35 22.03
CA ASN C 68 17.12 16.57 20.59
C ASN C 68 16.06 15.73 19.91
N ASN C 69 15.40 16.32 18.92
CA ASN C 69 14.37 15.62 18.16
C ASN C 69 14.89 15.05 16.85
N MET C 70 16.07 15.48 16.39
CA MET C 70 16.66 14.87 15.20
C MET C 70 17.01 13.41 15.46
N VAL C 71 17.31 13.07 16.72
CA VAL C 71 17.57 11.68 17.06
C VAL C 71 16.29 10.86 16.95
N GLU C 72 15.19 11.37 17.51
CA GLU C 72 13.95 10.61 17.51
C GLU C 72 13.42 10.39 16.11
N GLN C 73 13.59 11.37 15.23
CA GLN C 73 13.12 11.21 13.85
C GLN C 73 14.03 10.28 13.07
N MET C 74 15.33 10.30 13.36
CA MET C 74 16.25 9.39 12.69
C MET C 74 15.92 7.94 13.04
N HIS C 75 15.57 7.69 14.30
CA HIS C 75 15.25 6.32 14.72
C HIS C 75 14.03 5.79 13.97
N THR C 76 12.93 6.54 14.00
CA THR C 76 11.75 6.13 13.25
C THR C 76 12.00 6.10 11.75
N ASP C 77 13.03 6.78 11.28
CA ASP C 77 13.35 6.85 9.85
C ASP C 77 14.26 5.71 9.41
N ILE C 78 15.28 5.37 10.20
CA ILE C 78 16.12 4.23 9.86
C ILE C 78 15.32 2.95 9.92
N ILE C 79 14.46 2.82 10.93
CA ILE C 79 13.60 1.64 11.04
C ILE C 79 12.72 1.51 9.80
N SER C 80 12.08 2.62 9.40
CA SER C 80 11.16 2.55 8.27
C SER C 80 11.87 2.11 7.00
N LEU C 81 13.06 2.65 6.73
CA LEU C 81 13.82 2.22 5.57
C LEU C 81 14.20 0.75 5.68
N TRP C 82 14.42 0.24 6.89
CA TRP C 82 14.77 -1.17 7.07
C TRP C 82 13.59 -2.06 6.73
N ASP C 83 12.40 -1.74 7.26
CA ASP C 83 11.26 -2.63 7.09
C ASP C 83 10.75 -2.62 5.66
N GLN C 84 10.81 -1.47 4.98
CA GLN C 84 10.30 -1.40 3.61
C GLN C 84 11.20 -2.13 2.62
N SER C 85 12.41 -2.50 3.03
CA SER C 85 13.30 -3.27 2.16
C SER C 85 13.08 -4.77 2.28
N LEU C 86 12.59 -5.23 3.44
CA LEU C 86 12.24 -6.63 3.61
C LEU C 86 10.87 -6.98 3.04
N LYS C 87 10.06 -5.97 2.70
CA LYS C 87 8.71 -6.23 2.19
C LYS C 87 8.69 -7.13 0.97
N PRO C 88 9.54 -6.94 -0.05
CA PRO C 88 9.46 -7.78 -1.25
C PRO C 88 10.21 -9.10 -1.20
N CYS C 89 10.97 -9.37 -0.14
CA CYS C 89 11.83 -10.54 -0.14
C CYS C 89 11.06 -11.78 0.32
N VAL C 90 11.76 -12.92 0.32
CA VAL C 90 11.10 -14.20 0.58
C VAL C 90 10.74 -14.32 2.06
N LYS C 91 9.60 -14.94 2.32
CA LYS C 91 9.14 -15.24 3.67
C LYS C 91 9.32 -16.72 3.92
N LEU C 92 10.07 -17.07 4.97
CA LEU C 92 10.50 -18.46 5.19
C LEU C 92 9.53 -19.20 6.10
N THR C 93 8.25 -19.16 5.74
CA THR C 93 7.26 -19.98 6.41
C THR C 93 7.56 -21.46 6.20
N PRO C 94 7.82 -21.89 4.96
CA PRO C 94 8.07 -23.32 4.72
C PRO C 94 9.25 -23.87 5.49
N LEU C 95 10.09 -23.02 6.06
CA LEU C 95 11.26 -23.49 6.81
C LEU C 95 10.92 -23.81 8.26
N CYS C 96 9.72 -23.48 8.73
CA CYS C 96 9.31 -23.81 10.09
C CYS C 96 8.74 -25.22 10.10
N VAL C 97 9.66 -26.18 10.00
CA VAL C 97 9.34 -27.59 9.95
C VAL C 97 10.23 -28.31 10.95
N THR C 98 9.96 -29.59 11.16
CA THR C 98 10.75 -30.41 12.07
C THR C 98 12.09 -30.71 11.43
N LEU C 99 13.17 -30.40 12.14
CA LEU C 99 14.52 -30.64 11.65
C LEU C 99 15.16 -31.79 12.43
N GLN C 100 16.03 -32.53 11.74
CA GLN C 100 16.81 -33.59 12.37
C GLN C 100 18.28 -33.24 12.24
N CYS C 101 18.91 -32.86 13.36
CA CYS C 101 20.24 -32.28 13.36
C CYS C 101 21.22 -33.19 14.07
N THR C 102 22.46 -33.21 13.55
CA THR C 102 23.54 -33.95 14.15
C THR C 102 24.75 -33.03 14.28
N ASN C 103 25.58 -33.29 15.29
CA ASN C 103 26.73 -32.44 15.53
C ASN C 103 27.66 -32.40 14.33
N VAL C 104 28.34 -31.28 14.16
CA VAL C 104 29.36 -31.12 13.14
C VAL C 104 30.71 -31.43 13.80
N THR C 105 31.41 -32.42 13.25
CA THR C 105 32.70 -32.84 13.80
C THR C 105 33.78 -32.94 12.73
N ASN C 106 33.47 -32.55 11.49
CA ASN C 106 34.42 -32.66 10.39
C ASN C 106 35.49 -31.59 10.57
N ASN C 107 36.64 -31.99 11.10
CA ASN C 107 37.78 -31.09 11.29
C ASN C 107 37.34 -29.84 12.06
N ILE C 108 36.93 -30.06 13.30
CA ILE C 108 36.38 -29.02 14.16
C ILE C 108 37.30 -28.81 15.35
N THR C 109 37.52 -27.56 15.72
CA THR C 109 38.39 -27.24 16.85
C THR C 109 37.62 -27.36 18.16
N ASP C 110 38.36 -27.55 19.25
CA ASP C 110 37.72 -27.74 20.54
C ASP C 110 36.92 -26.50 20.96
N ASP C 111 37.41 -25.32 20.60
CA ASP C 111 36.68 -24.10 20.95
C ASP C 111 35.30 -24.08 20.30
N MET C 112 35.20 -24.54 19.06
CA MET C 112 33.95 -24.59 18.31
C MET C 112 33.39 -26.01 18.28
N ARG C 113 33.47 -26.72 19.41
CA ARG C 113 33.11 -28.13 19.44
C ARG C 113 31.70 -28.38 18.93
N GLY C 114 30.71 -27.66 19.47
CA GLY C 114 29.33 -27.91 19.13
C GLY C 114 28.52 -26.66 18.85
N GLU C 115 29.13 -25.67 18.22
CA GLU C 115 28.45 -24.39 18.00
C GLU C 115 27.60 -24.37 16.73
N LEU C 116 27.78 -25.33 15.82
CA LEU C 116 26.97 -25.39 14.63
C LEU C 116 26.55 -26.83 14.36
N LYS C 117 25.26 -27.02 14.13
CA LYS C 117 24.65 -28.32 13.89
C LYS C 117 24.60 -28.60 12.40
N ASN C 118 24.06 -29.76 12.04
CA ASN C 118 23.93 -30.19 10.66
C ASN C 118 22.57 -30.87 10.52
N CYS C 119 21.62 -30.14 9.94
CA CYS C 119 20.21 -30.52 9.97
C CYS C 119 19.73 -30.97 8.59
N SER C 120 18.84 -31.95 8.57
CA SER C 120 18.14 -32.38 7.38
C SER C 120 16.64 -32.25 7.63
N PHE C 121 15.90 -31.82 6.62
CA PHE C 121 14.48 -31.60 6.77
C PHE C 121 13.78 -31.79 5.44
N ASN C 122 12.47 -32.01 5.50
CA ASN C 122 11.67 -32.14 4.28
C ASN C 122 11.06 -30.79 3.90
N MET C 123 10.96 -30.56 2.60
CA MET C 123 10.39 -29.33 2.09
C MET C 123 9.87 -29.59 0.69
N THR C 124 8.84 -28.84 0.30
CA THR C 124 8.30 -28.98 -1.04
C THR C 124 9.25 -28.34 -2.05
N THR C 125 8.99 -28.61 -3.32
CA THR C 125 9.76 -28.05 -4.43
C THR C 125 8.83 -27.20 -5.28
N GLU C 126 9.33 -26.77 -6.45
CA GLU C 126 8.53 -25.91 -7.32
C GLU C 126 7.15 -26.51 -7.59
N LEU C 127 7.07 -27.82 -7.79
CA LEU C 127 5.80 -28.50 -7.93
C LEU C 127 5.27 -28.84 -6.54
N ARG C 128 4.02 -28.45 -6.27
CA ARG C 128 3.52 -28.51 -4.91
C ARG C 128 3.23 -29.94 -4.45
N ASP C 129 2.95 -30.85 -5.38
CA ASP C 129 2.57 -32.21 -5.01
C ASP C 129 3.76 -33.13 -4.79
N LYS C 130 4.98 -32.63 -4.97
CA LYS C 130 6.20 -33.41 -4.76
C LYS C 130 7.08 -32.72 -3.73
N LYS C 131 7.72 -33.52 -2.89
CA LYS C 131 8.61 -33.01 -1.86
C LYS C 131 10.05 -33.37 -2.16
N GLN C 132 10.96 -32.66 -1.52
CA GLN C 132 12.40 -32.90 -1.61
C GLN C 132 12.95 -32.97 -0.20
N LYS C 133 14.01 -33.77 -0.02
CA LYS C 133 14.69 -33.85 1.26
C LYS C 133 16.00 -33.08 1.14
N VAL C 134 16.16 -32.06 1.98
CA VAL C 134 17.27 -31.12 1.88
C VAL C 134 17.96 -31.05 3.25
N TYR C 135 19.16 -30.48 3.25
CA TYR C 135 19.93 -30.34 4.48
C TYR C 135 20.69 -29.02 4.45
N SER C 136 21.04 -28.54 5.64
CA SER C 136 21.73 -27.26 5.77
C SER C 136 22.46 -27.24 7.10
N LEU C 137 23.44 -26.35 7.19
CA LEU C 137 24.18 -26.14 8.43
C LEU C 137 23.59 -24.94 9.17
N PHE C 138 23.24 -25.16 10.44
CA PHE C 138 22.64 -24.13 11.27
C PHE C 138 23.48 -23.93 12.52
N TYR C 139 23.69 -22.68 12.89
CA TYR C 139 24.38 -22.37 14.13
C TYR C 139 23.51 -22.76 15.32
N ARG C 140 24.15 -23.21 16.39
CA ARG C 140 23.42 -23.73 17.54
C ARG C 140 22.56 -22.67 18.22
N LEU C 141 22.87 -21.39 18.03
CA LEU C 141 22.05 -20.33 18.59
C LEU C 141 20.72 -20.16 17.88
N ASP C 142 20.56 -20.73 16.69
CA ASP C 142 19.35 -20.55 15.89
C ASP C 142 18.33 -21.64 16.05
N VAL C 143 18.69 -22.80 16.62
CA VAL C 143 17.80 -23.95 16.68
C VAL C 143 17.53 -24.31 18.14
N VAL C 144 16.33 -24.83 18.39
CA VAL C 144 15.90 -25.27 19.71
C VAL C 144 15.37 -26.69 19.60
N GLN C 145 15.68 -27.51 20.59
CA GLN C 145 15.18 -28.88 20.60
C GLN C 145 13.66 -28.89 20.77
N ILE C 146 13.02 -29.86 20.13
CA ILE C 146 11.59 -30.05 20.26
C ILE C 146 11.22 -31.02 21.37
N ASN C 147 12.03 -32.06 21.57
CA ASN C 147 11.74 -33.08 22.57
C ASN C 147 10.39 -33.73 22.28
N LYS C 159 16.91 -35.35 19.14
CA LYS C 159 17.55 -35.22 17.85
C LYS C 159 16.77 -34.25 16.96
N GLU C 160 15.54 -33.94 17.36
CA GLU C 160 14.65 -33.09 16.59
C GLU C 160 14.73 -31.66 17.11
N TYR C 161 15.07 -30.73 16.22
CA TYR C 161 15.19 -29.32 16.56
C TYR C 161 14.24 -28.52 15.68
N ARG C 162 13.94 -27.31 16.12
CA ARG C 162 13.17 -26.35 15.35
C ARG C 162 13.85 -24.99 15.43
N LEU C 163 13.65 -24.17 14.41
CA LEU C 163 14.19 -22.82 14.43
C LEU C 163 13.58 -22.03 15.57
N ILE C 164 14.41 -21.21 16.23
CA ILE C 164 14.02 -20.58 17.48
C ILE C 164 12.83 -19.66 17.33
N ASN C 165 12.50 -19.23 16.11
CA ASN C 165 11.51 -18.20 15.90
C ASN C 165 10.13 -18.73 15.51
N CYS C 166 9.97 -20.05 15.38
CA CYS C 166 8.74 -20.55 14.77
C CYS C 166 7.51 -20.32 15.64
N ASN C 167 7.68 -20.26 16.96
CA ASN C 167 6.56 -20.03 17.86
C ASN C 167 6.34 -18.56 18.16
N THR C 168 7.02 -17.67 17.44
CA THR C 168 6.84 -16.23 17.61
C THR C 168 6.53 -15.51 16.31
N SER C 169 7.13 -15.93 15.19
CA SER C 169 6.93 -15.25 13.92
C SER C 169 7.67 -16.01 12.83
N ALA C 170 7.28 -15.75 11.59
CA ALA C 170 7.94 -16.31 10.42
C ALA C 170 8.88 -15.25 9.83
N CYS C 171 10.15 -15.59 9.73
CA CYS C 171 11.16 -14.61 9.32
C CYS C 171 11.15 -14.44 7.81
N THR C 172 11.52 -13.24 7.37
CA THR C 172 11.72 -12.97 5.95
C THR C 172 13.20 -13.07 5.61
N GLN C 173 13.50 -13.73 4.51
CA GLN C 173 14.88 -13.85 4.05
C GLN C 173 15.33 -12.55 3.41
N ALA C 174 16.39 -11.96 3.95
CA ALA C 174 16.91 -10.73 3.39
C ALA C 174 17.33 -10.96 1.95
N CYS C 175 16.91 -10.06 1.06
CA CYS C 175 17.28 -10.19 -0.34
C CYS C 175 18.81 -10.12 -0.47
N PRO C 176 19.42 -10.98 -1.28
CA PRO C 176 20.89 -10.96 -1.39
C PRO C 176 21.42 -9.78 -2.19
N LYS C 177 20.59 -9.13 -3.02
CA LYS C 177 21.05 -8.03 -3.84
C LYS C 177 21.11 -6.70 -3.10
N VAL C 178 20.58 -6.62 -1.88
CA VAL C 178 20.55 -5.40 -1.10
C VAL C 178 21.56 -5.54 0.04
N SER C 179 22.40 -4.54 0.21
CA SER C 179 23.49 -4.58 1.17
C SER C 179 23.12 -3.82 2.44
N PHE C 180 23.85 -4.12 3.50
CA PHE C 180 23.70 -3.44 4.79
C PHE C 180 24.75 -2.37 5.00
N GLU C 181 25.56 -2.08 3.99
CA GLU C 181 26.65 -1.13 4.14
C GLU C 181 26.10 0.23 4.58
N PRO C 182 26.64 0.84 5.64
CA PRO C 182 26.11 2.15 6.08
C PRO C 182 26.53 3.29 5.16
N ILE C 183 25.78 3.51 4.10
CA ILE C 183 26.04 4.67 3.22
C ILE C 183 25.77 5.94 4.00
N PRO C 184 26.63 6.96 3.94
CA PRO C 184 26.37 8.18 4.70
C PRO C 184 25.09 8.87 4.26
N ILE C 185 24.46 9.55 5.22
CA ILE C 185 23.23 10.30 5.00
C ILE C 185 23.43 11.72 5.51
N HIS C 186 22.79 12.68 4.85
CA HIS C 186 22.81 14.08 5.26
C HIS C 186 21.38 14.52 5.52
N TYR C 187 21.08 14.92 6.74
CA TYR C 187 19.75 15.39 7.11
C TYR C 187 19.65 16.88 6.82
N CYS C 188 18.67 17.26 6.01
CA CYS C 188 18.48 18.63 5.57
C CYS C 188 17.17 19.17 6.14
N ALA C 189 17.20 20.44 6.55
CA ALA C 189 15.98 21.09 7.00
C ALA C 189 15.32 21.83 5.84
N PRO C 190 13.99 21.90 5.83
CA PRO C 190 13.29 22.49 4.67
C PRO C 190 13.35 24.00 4.65
N ALA C 191 12.68 24.61 3.67
CA ALA C 191 12.62 26.06 3.59
C ALA C 191 11.89 26.63 4.80
N GLY C 192 12.36 27.77 5.28
CA GLY C 192 11.81 28.37 6.47
C GLY C 192 12.44 27.88 7.76
N PHE C 193 13.38 26.95 7.68
CA PHE C 193 14.07 26.40 8.85
C PHE C 193 15.58 26.46 8.63
N ALA C 194 16.32 26.22 9.71
CA ALA C 194 17.78 26.21 9.67
C ALA C 194 18.30 25.21 10.68
N ILE C 195 19.55 24.80 10.48
CA ILE C 195 20.22 23.85 11.36
C ILE C 195 21.46 24.51 11.95
N LEU C 196 21.54 24.54 13.27
CA LEU C 196 22.64 25.19 13.97
C LEU C 196 23.68 24.17 14.40
N LYS C 197 24.91 24.35 13.93
CA LYS C 197 26.04 23.53 14.34
C LYS C 197 26.80 24.24 15.45
N CYS C 198 27.25 23.47 16.43
CA CYS C 198 28.07 23.99 17.53
C CYS C 198 29.52 23.70 17.20
N LYS C 199 30.33 24.75 17.11
CA LYS C 199 31.71 24.64 16.69
C LYS C 199 32.69 24.52 17.86
N ASP C 200 32.20 24.50 19.09
CA ASP C 200 33.08 24.48 20.24
C ASP C 200 33.73 23.11 20.38
N LYS C 201 35.03 23.11 20.66
CA LYS C 201 35.78 21.86 20.77
C LYS C 201 35.41 21.10 22.04
N LYS C 202 35.12 21.81 23.12
CA LYS C 202 34.90 21.21 24.43
C LYS C 202 33.43 21.24 24.86
N PHE C 203 32.52 21.25 23.90
CA PHE C 203 31.09 21.32 24.23
C PHE C 203 30.61 19.97 24.74
N ASN C 204 30.09 19.96 25.97
CA ASN C 204 29.71 18.72 26.64
C ASN C 204 28.27 18.31 26.36
N GLY C 205 27.67 18.81 25.28
CA GLY C 205 26.37 18.35 24.84
C GLY C 205 25.19 19.09 25.42
N THR C 206 25.41 20.00 26.36
CA THR C 206 24.32 20.76 26.95
C THR C 206 24.87 22.07 27.49
N GLY C 207 24.02 23.10 27.48
CA GLY C 207 24.41 24.42 27.91
C GLY C 207 24.84 25.28 26.74
N PRO C 208 25.15 26.54 27.02
CA PRO C 208 25.54 27.46 25.94
C PRO C 208 26.75 26.96 25.16
N CYS C 209 26.70 27.14 23.85
CA CYS C 209 27.84 26.87 22.96
C CYS C 209 28.28 28.19 22.34
N PRO C 210 29.35 28.82 22.82
CA PRO C 210 29.69 30.16 22.33
C PRO C 210 29.85 30.25 20.82
N SER C 211 30.43 29.24 20.18
CA SER C 211 30.65 29.26 18.75
C SER C 211 29.52 28.52 18.05
N VAL C 212 28.83 29.21 17.14
CA VAL C 212 27.67 28.66 16.45
C VAL C 212 27.83 28.91 14.96
N SER C 213 27.11 28.11 14.18
CA SER C 213 27.09 28.24 12.72
C SER C 213 25.79 27.62 12.21
N THR C 214 25.50 27.88 10.94
CA THR C 214 24.30 27.36 10.29
C THR C 214 24.68 26.67 8.99
N VAL C 215 24.08 25.50 8.75
CA VAL C 215 24.36 24.71 7.56
C VAL C 215 23.05 24.31 6.90
N GLN C 216 23.14 23.97 5.62
CA GLN C 216 21.96 23.49 4.89
C GLN C 216 21.63 22.06 5.30
N CYS C 217 22.64 21.20 5.43
CA CYS C 217 22.44 19.80 5.79
C CYS C 217 23.56 19.39 6.73
N THR C 218 23.31 18.34 7.49
CA THR C 218 24.30 17.81 8.41
C THR C 218 25.38 17.05 7.64
N HIS C 219 26.52 16.84 8.30
CA HIS C 219 27.61 16.10 7.68
C HIS C 219 27.20 14.64 7.46
N GLY C 220 28.07 13.89 6.80
CA GLY C 220 27.79 12.50 6.50
C GLY C 220 27.68 11.64 7.73
N ILE C 221 26.47 11.17 8.03
CA ILE C 221 26.21 10.32 9.20
C ILE C 221 25.92 8.91 8.71
N LYS C 222 26.76 7.96 9.10
CA LYS C 222 26.59 6.57 8.71
C LYS C 222 25.78 5.84 9.76
N PRO C 223 24.65 5.22 9.42
CA PRO C 223 23.86 4.52 10.46
C PRO C 223 24.44 3.16 10.81
N VAL C 224 25.59 3.17 11.48
CA VAL C 224 26.25 1.94 11.90
C VAL C 224 25.58 1.48 13.18
N VAL C 225 24.88 0.34 13.10
CA VAL C 225 24.21 -0.24 14.25
C VAL C 225 25.17 -1.19 14.95
N SER C 226 25.47 -0.89 16.22
CA SER C 226 26.37 -1.73 17.01
C SER C 226 25.91 -1.66 18.45
N THR C 227 26.77 -2.14 19.34
CA THR C 227 26.46 -2.19 20.77
C THR C 227 27.72 -2.05 21.59
N GLN C 228 27.64 -1.22 22.63
CA GLN C 228 28.69 -1.01 23.63
C GLN C 228 30.06 -0.74 23.01
N LEU C 229 30.09 -0.33 21.74
CA LEU C 229 31.31 0.16 21.10
C LEU C 229 30.86 0.89 19.85
N LEU C 230 31.16 2.18 19.75
CA LEU C 230 30.73 2.98 18.61
C LEU C 230 31.76 2.84 17.51
N LEU C 231 31.35 2.27 16.38
CA LEU C 231 32.26 1.97 15.29
C LEU C 231 32.14 3.01 14.18
N ASN C 232 33.28 3.34 13.57
CA ASN C 232 33.31 4.20 12.39
C ASN C 232 32.61 5.53 12.65
N GLY C 233 32.86 6.09 13.84
CA GLY C 233 32.23 7.33 14.25
C GLY C 233 33.17 8.52 14.13
N SER C 234 32.61 9.70 14.40
CA SER C 234 33.37 10.94 14.37
C SER C 234 34.16 11.10 15.65
N LEU C 235 35.40 11.57 15.53
CA LEU C 235 36.28 11.67 16.67
C LEU C 235 36.17 13.03 17.33
N ALA C 236 36.47 13.07 18.63
CA ALA C 236 36.62 14.33 19.33
C ALA C 236 37.84 15.06 18.81
N GLU C 237 37.72 16.38 18.65
CA GLU C 237 38.73 17.13 17.91
C GLU C 237 40.01 17.33 18.72
N GLU C 238 39.90 17.38 20.04
CA GLU C 238 41.05 17.66 20.90
C GLU C 238 41.28 16.64 22.00
N GLU C 239 40.21 16.12 22.61
CA GLU C 239 40.35 15.37 23.84
C GLU C 239 39.21 14.36 23.94
N VAL C 240 39.44 13.30 24.74
CA VAL C 240 38.36 12.37 25.04
C VAL C 240 37.29 13.10 25.84
N MET C 241 36.05 13.04 25.37
CA MET C 241 34.95 13.79 25.95
C MET C 241 33.96 12.82 26.58
N ILE C 242 33.66 13.04 27.85
CA ILE C 242 32.67 12.26 28.59
C ILE C 242 31.36 13.02 28.58
N ARG C 243 30.31 12.40 28.07
CA ARG C 243 29.01 13.05 27.92
C ARG C 243 27.93 12.17 28.51
N SER C 244 27.15 12.72 29.45
CA SER C 244 26.00 12.02 30.00
C SER C 244 24.99 13.08 30.44
N GLU C 245 23.72 12.65 30.54
CA GLU C 245 22.68 13.59 30.92
C GLU C 245 22.84 14.04 32.37
N ASN C 246 23.10 13.09 33.27
CA ASN C 246 23.29 13.40 34.68
C ASN C 246 24.37 12.45 35.19
N ILE C 247 25.61 12.93 35.26
CA ILE C 247 26.74 12.06 35.57
C ILE C 247 26.56 11.40 36.93
N THR C 248 25.94 12.10 37.88
CA THR C 248 25.71 11.58 39.22
C THR C 248 24.56 10.58 39.27
N ASN C 249 24.01 10.20 38.13
CA ASN C 249 22.91 9.26 38.05
C ASN C 249 23.42 7.93 37.53
N ASN C 250 23.10 6.85 38.24
CA ASN C 250 23.54 5.53 37.81
C ASN C 250 22.73 5.00 36.64
N ALA C 251 21.44 5.34 36.59
CA ALA C 251 20.55 4.83 35.55
C ALA C 251 20.72 5.52 34.21
N LYS C 252 21.77 6.30 34.03
CA LYS C 252 22.03 7.01 32.78
C LYS C 252 23.33 6.49 32.17
N ASN C 253 23.25 6.09 30.90
CA ASN C 253 24.43 5.61 30.20
C ASN C 253 25.42 6.74 29.97
N ILE C 254 26.70 6.43 30.14
CA ILE C 254 27.77 7.41 30.05
C ILE C 254 28.39 7.26 28.66
N LEU C 255 28.08 8.18 27.76
CA LEU C 255 28.70 8.18 26.45
C LEU C 255 30.14 8.64 26.54
N VAL C 256 31.01 8.02 25.75
CA VAL C 256 32.42 8.37 25.69
C VAL C 256 32.81 8.51 24.22
N GLN C 257 33.66 9.49 23.94
CA GLN C 257 34.15 9.74 22.59
C GLN C 257 35.67 9.78 22.62
N PHE C 258 36.29 9.15 21.62
CA PHE C 258 37.74 9.08 21.55
C PHE C 258 38.28 10.17 20.65
N ASN C 259 39.49 10.64 20.97
CA ASN C 259 40.23 11.54 20.10
C ASN C 259 41.20 10.80 19.20
N THR C 260 41.22 9.47 19.27
CA THR C 260 42.11 8.65 18.46
C THR C 260 41.43 7.31 18.21
N PRO C 261 41.33 6.84 16.96
CA PRO C 261 40.66 5.57 16.72
C PRO C 261 41.49 4.39 17.19
N VAL C 262 40.80 3.28 17.43
CA VAL C 262 41.43 2.03 17.87
C VAL C 262 41.07 0.95 16.85
N GLN C 263 42.05 0.52 16.07
CA GLN C 263 41.81 -0.50 15.06
C GLN C 263 41.29 -1.78 15.69
N ILE C 264 40.29 -2.39 15.05
CA ILE C 264 39.75 -3.68 15.46
C ILE C 264 39.64 -4.53 14.20
N ASN C 265 40.51 -5.53 14.06
CA ASN C 265 40.44 -6.45 12.94
C ASN C 265 39.58 -7.64 13.32
N CYS C 266 38.47 -7.84 12.61
CA CYS C 266 37.58 -8.95 12.87
C CYS C 266 37.35 -9.74 11.59
N THR C 267 37.18 -11.05 11.75
CA THR C 267 37.14 -11.96 10.62
C THR C 267 36.30 -13.18 10.96
N ARG C 268 35.89 -13.89 9.91
CA ARG C 268 35.29 -15.22 10.03
C ARG C 268 36.17 -16.19 9.27
N PRO C 269 36.95 -17.04 9.95
CA PRO C 269 37.98 -17.81 9.25
C PRO C 269 37.48 -19.07 8.55
N ASN C 270 36.17 -19.21 8.39
CA ASN C 270 35.60 -20.39 7.75
C ASN C 270 35.35 -20.10 6.28
N ASN C 271 35.54 -21.12 5.45
CA ASN C 271 35.29 -21.02 4.01
C ASN C 271 33.91 -21.63 3.71
N ASN C 272 32.88 -20.87 4.06
CA ASN C 272 31.52 -21.33 3.87
C ASN C 272 31.12 -21.30 2.40
N THR C 273 30.25 -22.24 2.03
CA THR C 273 29.66 -22.31 0.70
C THR C 273 28.16 -22.10 0.80
N ARG C 274 27.59 -21.44 -0.20
CA ARG C 274 26.17 -21.17 -0.25
C ARG C 274 25.49 -22.13 -1.21
N LYS C 275 24.26 -22.51 -0.89
CA LYS C 275 23.49 -23.48 -1.66
C LYS C 275 22.06 -22.97 -1.77
N SER C 276 21.50 -23.09 -2.98
CA SER C 276 20.17 -22.54 -3.27
C SER C 276 19.16 -23.69 -3.30
N ILE C 277 18.14 -23.59 -2.46
CA ILE C 277 17.07 -24.57 -2.39
C ILE C 277 15.79 -23.90 -2.89
N ARG C 278 15.18 -24.50 -3.91
CA ARG C 278 14.00 -23.93 -4.56
C ARG C 278 12.76 -24.37 -3.79
N ILE C 279 12.08 -23.42 -3.17
CA ILE C 279 10.91 -23.70 -2.33
C ILE C 279 9.60 -23.29 -2.97
N GLY C 280 9.63 -22.65 -4.13
CA GLY C 280 8.43 -22.25 -4.82
C GLY C 280 8.77 -21.59 -6.14
N PRO C 281 7.76 -21.19 -6.90
CA PRO C 281 8.02 -20.49 -8.16
C PRO C 281 8.77 -19.18 -7.94
N GLY C 282 10.02 -19.12 -8.39
CA GLY C 282 10.81 -17.91 -8.28
C GLY C 282 11.36 -17.64 -6.89
N GLN C 283 11.27 -18.59 -5.97
CA GLN C 283 11.71 -18.41 -4.60
C GLN C 283 12.80 -19.42 -4.28
N ALA C 284 13.86 -18.94 -3.63
CA ALA C 284 14.98 -19.79 -3.23
C ALA C 284 15.41 -19.44 -1.82
N PHE C 285 15.71 -20.46 -1.02
CA PHE C 285 16.24 -20.30 0.33
C PHE C 285 17.69 -20.73 0.30
N TYR C 286 18.59 -19.80 0.64
CA TYR C 286 20.02 -20.02 0.48
C TYR C 286 20.55 -20.72 1.73
N ALA C 287 20.71 -22.04 1.63
CA ALA C 287 21.24 -22.82 2.73
C ALA C 287 22.76 -22.76 2.76
N THR C 288 23.32 -23.13 3.90
CA THR C 288 24.77 -23.17 4.08
C THR C 288 25.26 -24.54 3.60
N GLY C 289 25.75 -24.58 2.37
CA GLY C 289 26.14 -25.84 1.74
C GLY C 289 27.06 -26.70 2.57
N ASP C 290 28.29 -26.26 2.76
CA ASP C 290 29.28 -27.05 3.50
C ASP C 290 30.53 -26.20 3.68
N ILE C 291 31.29 -26.51 4.73
CA ILE C 291 32.48 -25.77 5.10
C ILE C 291 33.69 -26.47 4.51
N ILE C 292 34.50 -25.72 3.77
CA ILE C 292 35.66 -26.26 3.07
C ILE C 292 36.90 -26.00 3.92
N GLY C 293 37.39 -27.04 4.56
CA GLY C 293 38.59 -26.94 5.39
C GLY C 293 38.29 -27.06 6.87
N ASP C 294 39.15 -26.45 7.66
CA ASP C 294 39.03 -26.51 9.11
C ASP C 294 37.99 -25.52 9.61
N ILE C 295 37.36 -25.88 10.72
CA ILE C 295 36.27 -25.09 11.31
C ILE C 295 36.80 -24.40 12.55
N ARG C 296 36.91 -23.08 12.50
CA ARG C 296 37.42 -22.28 13.60
C ARG C 296 36.48 -21.11 13.85
N GLN C 297 36.50 -20.60 15.07
CA GLN C 297 35.58 -19.56 15.46
C GLN C 297 36.01 -18.20 14.90
N ALA C 298 35.05 -17.28 14.83
CA ALA C 298 35.33 -15.91 14.47
C ALA C 298 35.92 -15.17 15.66
N HIS C 299 36.54 -14.02 15.39
CA HIS C 299 37.18 -13.27 16.45
C HIS C 299 37.57 -11.88 15.92
N CYS C 300 37.75 -10.96 16.85
CA CYS C 300 38.29 -9.64 16.56
C CYS C 300 39.62 -9.47 17.27
N ASN C 301 40.52 -8.69 16.68
CA ASN C 301 41.79 -8.36 17.30
C ASN C 301 41.86 -6.86 17.61
N VAL C 302 42.60 -6.52 18.64
CA VAL C 302 42.86 -5.11 18.98
C VAL C 302 44.17 -5.04 19.75
N SER C 303 45.04 -4.11 19.37
CA SER C 303 46.36 -4.04 19.95
C SER C 303 46.27 -3.78 21.45
N LYS C 304 47.02 -4.57 22.22
CA LYS C 304 46.99 -4.41 23.68
C LYS C 304 47.56 -3.07 24.11
N ALA C 305 48.62 -2.61 23.45
CA ALA C 305 49.25 -1.35 23.84
C ALA C 305 48.41 -0.16 23.39
N THR C 306 47.73 -0.27 22.25
CA THR C 306 46.89 0.82 21.78
C THR C 306 45.67 1.01 22.68
N TRP C 307 45.01 -0.09 23.04
CA TRP C 307 43.81 0.00 23.85
C TRP C 307 44.13 0.43 25.28
N ASN C 308 45.16 -0.17 25.88
CA ASN C 308 45.52 0.16 27.25
C ASN C 308 45.88 1.64 27.38
N GLU C 309 46.33 2.27 26.29
CA GLU C 309 46.56 3.70 26.30
C GLU C 309 45.24 4.46 26.26
N THR C 310 44.29 3.98 25.44
CA THR C 310 43.01 4.67 25.32
C THR C 310 42.24 4.66 26.63
N LEU C 311 42.20 3.51 27.31
CA LEU C 311 41.53 3.46 28.61
C LEU C 311 42.23 4.36 29.61
N GLY C 312 43.52 4.61 29.43
CA GLY C 312 44.21 5.54 30.32
C GLY C 312 43.64 6.94 30.23
N LYS C 313 43.37 7.40 29.02
CA LYS C 313 42.76 8.73 28.85
C LYS C 313 41.34 8.75 29.39
N VAL C 314 40.57 7.69 29.17
CA VAL C 314 39.19 7.66 29.65
C VAL C 314 39.17 7.83 31.17
N VAL C 315 40.08 7.15 31.87
CA VAL C 315 40.15 7.29 33.32
C VAL C 315 40.62 8.70 33.69
N LYS C 316 41.57 9.24 32.92
CA LYS C 316 42.08 10.58 33.22
C LYS C 316 40.98 11.62 33.17
N GLN C 317 39.91 11.36 32.41
CA GLN C 317 38.80 12.29 32.29
C GLN C 317 37.63 11.93 33.20
N LEU C 318 37.35 10.64 33.38
CA LEU C 318 36.35 10.23 34.35
C LEU C 318 36.69 10.77 35.74
N ARG C 319 37.99 10.96 36.02
CA ARG C 319 38.39 11.48 37.32
C ARG C 319 37.87 12.89 37.53
N LYS C 320 37.84 13.72 36.48
CA LYS C 320 37.34 15.09 36.61
C LYS C 320 35.94 15.11 37.22
N HIS C 321 35.12 14.12 36.86
CA HIS C 321 33.75 14.09 37.38
C HIS C 321 33.65 13.30 38.68
N PHE C 322 34.56 12.34 38.91
CA PHE C 322 34.50 11.49 40.09
C PHE C 322 35.70 11.66 41.01
N GLY C 323 36.52 12.67 40.80
CA GLY C 323 37.56 13.02 41.74
C GLY C 323 38.93 12.50 41.35
N ASN C 324 39.95 13.07 42.00
CA ASN C 324 41.32 12.66 41.73
C ASN C 324 41.60 11.27 42.29
N ASN C 325 41.22 11.03 43.55
CA ASN C 325 41.67 9.84 44.28
C ASN C 325 40.86 8.59 43.96
N THR C 326 39.68 8.72 43.35
CA THR C 326 38.82 7.57 43.15
C THR C 326 39.51 6.49 42.34
N ILE C 327 39.41 5.26 42.80
CA ILE C 327 39.88 4.11 42.04
C ILE C 327 38.77 3.71 41.06
N ILE C 328 39.13 3.53 39.79
CA ILE C 328 38.17 3.29 38.73
C ILE C 328 38.46 1.92 38.14
N ARG C 329 37.49 1.01 38.26
CA ARG C 329 37.59 -0.34 37.75
C ARG C 329 36.59 -0.54 36.62
N PHE C 330 37.07 -1.08 35.50
CA PHE C 330 36.20 -1.52 34.43
C PHE C 330 35.89 -3.00 34.61
N ALA C 331 34.64 -3.38 34.32
CA ALA C 331 34.24 -4.76 34.42
C ALA C 331 33.34 -5.09 33.24
N ASN C 332 33.28 -6.37 32.90
CA ASN C 332 32.50 -6.78 31.75
C ASN C 332 31.00 -6.65 32.05
N SER C 333 30.20 -6.79 31.01
CA SER C 333 28.78 -6.49 31.11
C SER C 333 28.14 -7.27 32.25
N SER C 334 27.03 -6.72 32.77
CA SER C 334 26.35 -7.33 33.90
C SER C 334 25.65 -8.62 33.48
N GLY C 335 24.75 -8.55 32.52
CA GLY C 335 24.05 -9.73 32.07
C GLY C 335 22.86 -9.33 31.22
N GLY C 336 22.09 -10.34 30.84
CA GLY C 336 20.92 -10.18 30.01
C GLY C 336 21.00 -11.08 28.80
N ASP C 337 20.25 -10.73 27.76
CA ASP C 337 20.27 -11.50 26.54
C ASP C 337 21.51 -11.16 25.71
N LEU C 338 21.83 -12.05 24.78
CA LEU C 338 23.02 -11.86 23.96
C LEU C 338 22.98 -10.53 23.21
N GLU C 339 21.78 -10.07 22.83
CA GLU C 339 21.69 -8.87 22.01
C GLU C 339 22.16 -7.63 22.73
N VAL C 340 22.22 -7.67 24.07
CA VAL C 340 22.58 -6.48 24.85
C VAL C 340 23.86 -6.66 25.65
N THR C 341 24.29 -7.89 25.92
CA THR C 341 25.44 -8.15 26.77
C THR C 341 26.72 -8.41 25.98
N THR C 342 26.68 -8.28 24.66
CA THR C 342 27.87 -8.49 23.84
C THR C 342 27.96 -7.40 22.79
N HIS C 343 29.18 -7.19 22.29
CA HIS C 343 29.43 -6.20 21.24
C HIS C 343 28.89 -6.73 19.91
N SER C 344 27.58 -6.53 19.73
CA SER C 344 26.94 -6.97 18.50
C SER C 344 27.10 -5.93 17.42
N PHE C 345 27.32 -6.38 16.19
CA PHE C 345 27.49 -5.48 15.06
C PHE C 345 27.30 -6.28 13.77
N ASN C 346 27.61 -5.64 12.65
CA ASN C 346 27.53 -6.26 11.33
C ASN C 346 28.87 -6.08 10.63
N CYS C 347 29.33 -7.14 9.97
CA CYS C 347 30.62 -7.11 9.29
C CYS C 347 30.48 -7.83 7.95
N GLY C 348 30.23 -7.07 6.89
CA GLY C 348 30.13 -7.66 5.56
C GLY C 348 28.82 -8.36 5.29
N GLY C 349 27.81 -8.16 6.12
CA GLY C 349 26.55 -8.86 6.00
C GLY C 349 26.34 -9.98 7.00
N GLU C 350 27.41 -10.43 7.66
CA GLU C 350 27.32 -11.42 8.72
C GLU C 350 27.23 -10.71 10.06
N PHE C 351 26.44 -11.25 10.97
CA PHE C 351 26.14 -10.62 12.24
C PHE C 351 26.93 -11.30 13.35
N PHE C 352 27.79 -10.54 14.01
CA PHE C 352 28.69 -11.05 15.03
C PHE C 352 28.21 -10.64 16.42
N TYR C 353 28.64 -11.41 17.42
CA TYR C 353 28.34 -11.11 18.82
C TYR C 353 29.59 -11.48 19.63
N CYS C 354 30.45 -10.50 19.85
CA CYS C 354 31.75 -10.75 20.45
C CYS C 354 31.70 -10.56 21.96
N ASN C 355 32.44 -11.40 22.66
CA ASN C 355 32.48 -11.41 24.12
C ASN C 355 33.59 -10.48 24.56
N THR C 356 33.22 -9.27 24.97
CA THR C 356 34.17 -8.18 25.22
C THR C 356 34.75 -8.21 26.63
N SER C 357 34.74 -9.34 27.31
CA SER C 357 35.26 -9.38 28.67
C SER C 357 36.77 -9.18 28.73
N GLY C 358 37.46 -9.24 27.59
CA GLY C 358 38.89 -8.97 27.57
C GLY C 358 39.26 -7.51 27.45
N LEU C 359 38.32 -6.67 27.02
CA LEU C 359 38.56 -5.22 26.94
C LEU C 359 38.34 -4.55 28.30
N PHE C 360 37.14 -4.71 28.86
CA PHE C 360 36.78 -4.07 30.11
C PHE C 360 37.13 -4.98 31.28
N ASN C 361 38.41 -4.96 31.63
CA ASN C 361 38.93 -5.79 32.71
C ASN C 361 40.20 -5.10 33.22
N SER C 362 40.08 -4.36 34.31
CA SER C 362 41.20 -3.61 34.84
C SER C 362 40.77 -2.91 36.12
N THR C 363 41.77 -2.52 36.92
CA THR C 363 41.56 -1.67 38.09
C THR C 363 42.58 -0.56 38.05
N TRP C 364 42.11 0.68 38.13
CA TRP C 364 42.96 1.86 37.96
C TRP C 364 43.02 2.64 39.27
N ILE C 365 44.24 2.88 39.75
CA ILE C 365 44.47 3.63 40.98
C ILE C 365 45.12 4.95 40.60
N SER C 366 44.87 5.97 41.41
CA SER C 366 45.38 7.30 41.14
C SER C 366 46.91 7.30 41.09
N ASN C 379 52.04 -4.60 20.34
CA ASN C 379 52.38 -5.77 19.55
C ASN C 379 51.37 -6.89 19.80
N ASP C 380 51.25 -7.31 21.05
CA ASP C 380 50.28 -8.34 21.40
C ASP C 380 48.87 -7.81 21.20
N SER C 381 48.03 -8.64 20.58
CA SER C 381 46.66 -8.27 20.24
C SER C 381 45.70 -9.03 21.13
N ILE C 382 44.77 -8.29 21.73
CA ILE C 382 43.71 -8.90 22.53
C ILE C 382 42.66 -9.47 21.59
N THR C 383 42.37 -10.76 21.73
CA THR C 383 41.44 -11.45 20.85
C THR C 383 40.13 -11.69 21.58
N LEU C 384 39.02 -11.36 20.91
CA LEU C 384 37.69 -11.50 21.49
C LEU C 384 36.95 -12.63 20.77
N PRO C 385 36.59 -13.72 21.44
CA PRO C 385 35.76 -14.73 20.76
C PRO C 385 34.43 -14.13 20.32
N CYS C 386 33.98 -14.53 19.14
CA CYS C 386 32.77 -13.98 18.55
C CYS C 386 31.89 -15.10 18.05
N ARG C 387 30.58 -14.94 18.24
CA ARG C 387 29.59 -15.91 17.78
C ARG C 387 28.91 -15.37 16.53
N ILE C 388 28.05 -16.18 15.93
CA ILE C 388 27.34 -15.82 14.71
C ILE C 388 25.87 -16.24 14.86
N LYS C 389 25.01 -15.53 14.13
CA LYS C 389 23.59 -15.84 14.12
C LYS C 389 23.05 -15.55 12.72
N GLN C 390 21.90 -16.14 12.43
CA GLN C 390 21.19 -15.87 11.19
C GLN C 390 19.74 -15.50 11.39
N ILE C 391 19.21 -15.63 12.60
CA ILE C 391 17.86 -15.17 12.94
C ILE C 391 18.03 -13.89 13.75
N ILE C 392 17.85 -12.74 13.11
CA ILE C 392 18.21 -11.44 13.68
C ILE C 392 16.94 -10.69 14.05
N ASN C 393 16.91 -10.16 15.27
CA ASN C 393 15.90 -9.21 15.72
C ASN C 393 16.60 -7.89 15.98
N MET C 394 16.42 -6.93 15.07
CA MET C 394 17.27 -5.76 15.03
C MET C 394 16.93 -4.76 16.14
N TRP C 395 15.71 -4.22 16.11
CA TRP C 395 15.36 -3.05 16.89
C TRP C 395 14.64 -3.40 18.19
N GLN C 396 15.00 -4.52 18.80
CA GLN C 396 14.45 -4.97 20.06
C GLN C 396 12.96 -5.27 19.98
N ARG C 397 12.39 -5.31 18.79
CA ARG C 397 10.99 -5.63 18.62
C ARG C 397 10.77 -7.14 18.78
N ILE C 398 9.52 -7.55 18.69
CA ILE C 398 9.12 -8.96 18.82
C ILE C 398 8.26 -9.32 17.63
N GLY C 399 8.63 -10.42 16.96
CA GLY C 399 7.84 -10.94 15.87
C GLY C 399 8.26 -10.48 14.49
N GLN C 400 9.40 -9.83 14.35
CA GLN C 400 9.89 -9.31 13.07
C GLN C 400 11.31 -9.78 12.83
N CYS C 401 11.54 -11.08 12.98
CA CYS C 401 12.86 -11.64 12.72
C CYS C 401 13.19 -11.55 11.23
N MET C 402 14.48 -11.58 10.95
CA MET C 402 15.01 -11.58 9.58
C MET C 402 16.04 -12.68 9.47
N TYR C 403 16.08 -13.33 8.30
CA TYR C 403 17.04 -14.38 8.02
C TYR C 403 18.10 -13.83 7.07
N ALA C 404 19.31 -13.65 7.59
CA ALA C 404 20.41 -13.16 6.78
C ALA C 404 21.03 -14.33 6.03
N PRO C 405 20.98 -14.36 4.69
CA PRO C 405 21.53 -15.51 3.98
C PRO C 405 23.02 -15.62 4.19
N PRO C 406 23.58 -16.84 4.13
CA PRO C 406 25.02 -16.98 4.32
C PRO C 406 25.81 -16.34 3.20
N ILE C 407 27.03 -15.95 3.51
CA ILE C 407 27.93 -15.30 2.57
C ILE C 407 29.08 -16.25 2.29
N GLN C 408 29.41 -16.42 1.00
CA GLN C 408 30.39 -17.41 0.60
C GLN C 408 31.79 -16.82 0.62
N GLY C 409 32.72 -17.59 1.19
CA GLY C 409 34.11 -17.17 1.26
C GLY C 409 34.58 -16.96 2.69
N VAL C 410 35.46 -15.99 2.90
CA VAL C 410 35.94 -15.61 4.22
C VAL C 410 35.69 -14.12 4.40
N ILE C 411 35.07 -13.77 5.54
CA ILE C 411 34.67 -12.40 5.83
C ILE C 411 35.77 -11.74 6.63
N ARG C 412 35.93 -10.43 6.45
CA ARG C 412 36.90 -9.66 7.22
C ARG C 412 36.52 -8.19 7.19
N CYS C 413 36.66 -7.52 8.34
CA CYS C 413 36.41 -6.10 8.46
C CYS C 413 37.51 -5.47 9.29
N VAL C 414 37.87 -4.22 8.94
CA VAL C 414 38.97 -3.54 9.60
C VAL C 414 38.50 -2.18 10.11
N SER C 415 37.25 -2.10 10.56
CA SER C 415 36.73 -0.89 11.17
C SER C 415 37.59 -0.47 12.35
N ASN C 416 37.48 0.78 12.80
CA ASN C 416 38.18 1.24 13.99
C ASN C 416 37.22 1.92 14.95
N ILE C 417 37.52 1.78 16.25
CA ILE C 417 36.59 2.17 17.31
C ILE C 417 36.75 3.64 17.64
N THR C 418 35.63 4.29 17.97
CA THR C 418 35.65 5.71 18.30
C THR C 418 34.74 6.10 19.45
N GLY C 419 34.34 5.18 20.32
CA GLY C 419 33.51 5.54 21.45
C GLY C 419 33.12 4.32 22.26
N LEU C 420 32.46 4.60 23.39
CA LEU C 420 31.96 3.57 24.28
C LEU C 420 30.59 3.99 24.81
N ILE C 421 29.82 3.01 25.27
CA ILE C 421 28.58 3.25 26.02
C ILE C 421 28.74 2.51 27.34
N LEU C 422 28.96 3.27 28.41
CA LEU C 422 29.26 2.70 29.73
C LEU C 422 28.06 2.88 30.64
N THR C 423 28.15 2.23 31.81
CA THR C 423 27.21 2.42 32.90
C THR C 423 27.97 2.19 34.20
N ARG C 424 27.44 2.74 35.28
CA ARG C 424 28.04 2.57 36.60
C ARG C 424 27.00 2.03 37.57
N ASP C 425 27.47 1.66 38.76
CA ASP C 425 26.63 1.00 39.74
C ASP C 425 27.24 1.17 41.12
N GLY C 426 26.43 0.90 42.14
CA GLY C 426 26.90 0.86 43.51
C GLY C 426 27.02 2.24 44.13
N GLY C 427 27.20 2.25 45.45
CA GLY C 427 27.41 3.47 46.18
C GLY C 427 26.14 4.06 46.75
N SER C 428 26.09 4.23 48.08
CA SER C 428 24.94 4.84 48.73
C SER C 428 25.42 5.44 50.04
N THR C 429 25.66 6.75 50.07
CA THR C 429 26.16 7.51 51.20
C THR C 429 27.62 7.20 51.52
N ASN C 430 28.26 6.30 50.78
CA ASN C 430 29.66 5.97 51.02
C ASN C 430 30.23 5.20 49.84
N SER C 431 31.32 5.70 49.27
CA SER C 431 31.94 5.06 48.12
C SER C 431 33.39 5.51 48.01
N THR C 432 34.25 4.60 47.56
CA THR C 432 35.65 4.91 47.35
C THR C 432 36.20 4.34 46.05
N THR C 433 35.40 3.60 45.28
CA THR C 433 35.88 2.96 44.06
C THR C 433 34.70 2.74 43.13
N GLU C 434 34.63 3.53 42.06
CA GLU C 434 33.54 3.43 41.11
C GLU C 434 33.84 2.36 40.06
N THR C 435 32.83 1.54 39.77
CA THR C 435 32.94 0.47 38.79
C THR C 435 32.08 0.82 37.58
N PHE C 436 32.64 0.66 36.38
CA PHE C 436 31.95 0.92 35.15
C PHE C 436 31.85 -0.36 34.33
N ARG C 437 30.72 -0.53 33.64
CA ARG C 437 30.51 -1.69 32.78
C ARG C 437 29.96 -1.23 31.44
N PRO C 438 30.25 -1.95 30.37
CA PRO C 438 29.63 -1.64 29.08
C PRO C 438 28.16 -2.00 29.09
N GLY C 439 27.42 -1.38 28.18
CA GLY C 439 26.00 -1.66 28.08
C GLY C 439 25.33 -0.73 27.09
N GLY C 440 24.00 -0.82 27.07
CA GLY C 440 23.20 -0.02 26.18
C GLY C 440 22.79 -0.77 24.94
N GLY C 441 21.55 -1.23 24.90
CA GLY C 441 21.02 -1.89 23.73
C GLY C 441 20.14 -0.94 22.91
N ASP C 442 19.77 0.18 23.52
CA ASP C 442 19.01 1.22 22.85
C ASP C 442 19.85 1.77 21.69
N MET C 443 19.24 1.95 20.53
CA MET C 443 20.00 2.30 19.35
C MET C 443 20.07 3.81 19.15
N ARG C 444 19.09 4.56 19.66
CA ARG C 444 19.15 6.01 19.50
C ARG C 444 20.32 6.61 20.26
N ASP C 445 20.88 5.87 21.22
CA ASP C 445 22.13 6.28 21.85
C ASP C 445 23.31 6.14 20.90
N ASN C 446 23.14 5.42 19.79
CA ASN C 446 24.23 5.24 18.85
C ASN C 446 24.33 6.42 17.89
N TRP C 447 23.18 7.01 17.53
CA TRP C 447 23.16 8.18 16.67
C TRP C 447 23.14 9.48 17.45
N ARG C 448 22.84 9.44 18.74
CA ARG C 448 22.97 10.62 19.59
C ARG C 448 24.42 11.08 19.69
N SER C 449 25.38 10.22 19.33
CA SER C 449 26.78 10.59 19.34
C SER C 449 27.19 11.38 18.10
N GLU C 450 26.34 11.40 17.06
CA GLU C 450 26.65 12.12 15.84
C GLU C 450 25.89 13.44 15.76
N LEU C 451 24.69 13.50 16.31
CA LEU C 451 23.82 14.66 16.22
C LEU C 451 23.85 15.51 17.48
N TYR C 452 24.87 15.33 18.32
CA TYR C 452 24.97 16.13 19.54
C TYR C 452 25.34 17.58 19.26
N LYS C 453 25.82 17.89 18.05
CA LYS C 453 26.22 19.24 17.67
C LYS C 453 25.33 19.78 16.55
N TYR C 454 24.02 19.55 16.68
CA TYR C 454 23.05 20.02 15.70
C TYR C 454 21.72 20.29 16.40
N LYS C 455 20.99 21.27 15.89
CA LYS C 455 19.61 21.52 16.32
C LYS C 455 18.92 22.30 15.22
N VAL C 456 17.59 22.18 15.18
CA VAL C 456 16.78 22.75 14.12
C VAL C 456 15.93 23.86 14.71
N VAL C 457 15.89 25.00 14.02
CA VAL C 457 15.12 26.16 14.43
C VAL C 457 14.35 26.69 13.23
N LYS C 458 13.23 27.37 13.51
CA LYS C 458 12.39 27.96 12.49
C LYS C 458 12.55 29.47 12.50
N ILE C 459 12.72 30.05 11.31
CA ILE C 459 12.98 31.47 11.19
C ILE C 459 11.66 32.24 11.29
N GLU C 460 11.71 33.38 11.99
CA GLU C 460 10.54 34.23 12.21
C GLU C 460 10.84 35.61 11.65
N PRO C 461 10.40 35.92 10.43
CA PRO C 461 10.89 37.13 9.75
C PRO C 461 10.17 38.42 10.12
N LEU C 462 9.05 38.36 10.85
CA LEU C 462 8.31 39.56 11.17
C LEU C 462 8.80 40.17 12.47
N GLY C 463 9.17 41.44 12.43
CA GLY C 463 9.61 42.15 13.61
C GLY C 463 9.08 43.56 13.62
N VAL C 464 8.67 44.02 14.79
CA VAL C 464 8.15 45.36 14.99
C VAL C 464 9.03 46.08 16.00
N ALA C 465 9.54 47.24 15.61
CA ALA C 465 10.39 48.04 16.47
C ALA C 465 10.08 49.51 16.26
N PRO C 466 10.24 50.35 17.29
CA PRO C 466 9.92 51.76 17.15
C PRO C 466 10.92 52.49 16.26
N THR C 467 10.44 53.53 15.59
CA THR C 467 11.26 54.40 14.77
C THR C 467 10.58 55.75 14.66
N ARG C 468 11.35 56.75 14.25
CA ARG C 468 10.83 58.11 14.16
C ARG C 468 10.00 58.37 12.91
N CYS C 469 10.03 57.48 11.92
CA CYS C 469 9.28 57.71 10.70
C CYS C 469 7.78 57.62 10.96
N LYS C 470 7.01 58.21 10.05
CA LYS C 470 5.56 58.11 10.07
C LYS C 470 5.06 57.91 8.65
N ARG C 471 3.90 57.28 8.53
CA ARG C 471 3.29 57.12 7.22
C ARG C 471 2.75 58.47 6.72
N ARG C 472 2.83 58.67 5.41
CA ARG C 472 2.46 59.97 4.85
C ARG C 472 0.99 60.29 5.10
N VAL C 473 0.11 59.31 4.93
CA VAL C 473 -1.31 59.53 5.12
C VAL C 473 -1.98 58.25 5.59
N LEU D 9 -4.06 36.66 -30.63
CA LEU D 9 -4.75 36.49 -29.32
C LEU D 9 -4.69 35.04 -28.87
N GLY D 10 -4.96 34.80 -27.60
CA GLY D 10 -4.89 33.49 -27.01
C GLY D 10 -3.63 33.31 -26.16
N PHE D 11 -3.58 32.19 -25.46
CA PHE D 11 -2.43 31.86 -24.63
C PHE D 11 -1.21 31.65 -25.52
N LEU D 12 -0.18 32.47 -25.31
CA LEU D 12 1.04 32.43 -26.11
C LEU D 12 0.79 32.74 -27.57
N GLY D 13 -0.32 33.42 -27.88
CA GLY D 13 -0.65 33.74 -29.25
C GLY D 13 0.15 34.87 -29.84
N ALA D 14 1.07 35.46 -29.06
CA ALA D 14 1.91 36.55 -29.52
C ALA D 14 3.39 36.18 -29.56
N ALA D 15 3.70 34.88 -29.56
CA ALA D 15 5.09 34.45 -29.54
C ALA D 15 5.83 34.80 -30.82
N GLY D 16 5.10 35.05 -31.91
CA GLY D 16 5.73 35.37 -33.18
C GLY D 16 5.50 36.80 -33.61
N SER D 17 4.83 37.59 -32.76
CA SER D 17 4.68 39.00 -33.02
C SER D 17 5.93 39.75 -32.59
N THR D 18 6.02 41.01 -33.01
CA THR D 18 7.13 41.85 -32.59
C THR D 18 7.10 42.05 -31.09
N MET D 19 8.29 42.21 -30.50
CA MET D 19 8.38 42.34 -29.05
C MET D 19 7.52 43.49 -28.53
N GLY D 20 7.36 44.54 -29.34
CA GLY D 20 6.49 45.64 -28.92
C GLY D 20 5.03 45.24 -28.87
N ALA D 21 4.59 44.44 -29.84
CA ALA D 21 3.19 44.01 -29.86
C ALA D 21 2.92 42.93 -28.82
N ALA D 22 3.92 42.11 -28.50
CA ALA D 22 3.74 41.08 -27.49
C ALA D 22 3.60 41.67 -26.09
N SER D 23 4.08 42.89 -25.87
CA SER D 23 4.00 43.52 -24.56
C SER D 23 2.59 44.01 -24.23
N MET D 24 1.68 44.03 -25.19
CA MET D 24 0.33 44.51 -24.97
C MET D 24 -0.65 43.38 -24.65
N THR D 25 -0.16 42.14 -24.53
CA THR D 25 -0.99 40.99 -24.23
C THR D 25 -0.34 40.15 -23.14
N LEU D 26 0.16 40.82 -22.11
CA LEU D 26 0.80 40.12 -21.00
C LEU D 26 -0.21 39.36 -20.14
N THR D 27 -1.39 39.95 -19.91
CA THR D 27 -2.31 39.38 -18.94
C THR D 27 -2.74 37.96 -19.31
N VAL D 28 -3.01 37.73 -20.59
CA VAL D 28 -3.58 36.44 -21.00
C VAL D 28 -2.60 35.31 -20.69
N GLN D 29 -1.30 35.60 -20.65
CA GLN D 29 -0.30 34.58 -20.36
C GLN D 29 0.04 34.50 -18.89
N ALA D 30 -0.22 35.56 -18.12
CA ALA D 30 -0.02 35.49 -16.67
C ALA D 30 -1.14 34.70 -15.99
N ARG D 31 -2.37 34.82 -16.48
CA ARG D 31 -3.49 34.14 -15.85
C ARG D 31 -3.37 32.63 -15.91
N ASN D 32 -2.60 32.09 -16.85
CA ASN D 32 -2.49 30.65 -17.06
C ASN D 32 -1.30 30.03 -16.35
N LEU D 33 -0.68 30.76 -15.43
CA LEU D 33 0.53 30.28 -14.75
C LEU D 33 0.22 29.50 -13.47
N LEU D 34 -1.05 29.27 -13.16
CA LEU D 34 -1.40 28.41 -12.03
C LEU D 34 -2.85 27.99 -12.18
N SER D 35 -3.11 26.68 -12.02
CA SER D 35 -4.45 26.13 -12.12
C SER D 35 -5.16 26.63 -13.38
N THR D 58 -3.22 4.70 -7.38
CA THR D 58 -2.88 6.12 -7.40
C THR D 58 -1.80 6.39 -8.44
N VAL D 59 -1.96 5.80 -9.62
CA VAL D 59 -0.99 6.01 -10.70
C VAL D 59 -1.04 7.46 -11.19
N TRP D 60 -2.25 7.99 -11.33
CA TRP D 60 -2.46 9.38 -11.69
C TRP D 60 -2.99 10.21 -10.52
N GLY D 61 -2.79 9.74 -9.29
CA GLY D 61 -3.33 10.41 -8.13
C GLY D 61 -2.27 11.11 -7.29
N ILE D 62 -1.09 10.52 -7.18
CA ILE D 62 -0.02 11.12 -6.37
C ILE D 62 0.84 12.04 -7.21
N LYS D 63 0.98 11.75 -8.50
CA LYS D 63 1.64 12.69 -9.41
C LYS D 63 0.86 13.98 -9.53
N GLN D 64 -0.42 13.97 -9.18
CA GLN D 64 -1.21 15.20 -9.21
C GLN D 64 -0.72 16.18 -8.15
N LEU D 65 -0.53 15.71 -6.93
CA LEU D 65 -0.06 16.60 -5.87
C LEU D 65 1.33 17.12 -6.17
N GLN D 66 2.16 16.32 -6.84
CA GLN D 66 3.47 16.80 -7.27
C GLN D 66 3.32 17.87 -8.36
N ALA D 67 2.38 17.66 -9.28
CA ALA D 67 2.18 18.64 -10.35
C ALA D 67 1.47 19.87 -9.83
N ARG D 68 0.46 19.70 -8.98
CA ARG D 68 -0.28 20.83 -8.45
C ARG D 68 0.64 21.77 -7.67
N VAL D 69 1.45 21.21 -6.77
CA VAL D 69 2.28 22.03 -5.91
C VAL D 69 3.34 22.76 -6.71
N LEU D 70 3.97 22.07 -7.67
CA LEU D 70 5.04 22.69 -8.44
C LEU D 70 4.54 23.95 -9.15
N ALA D 71 3.24 24.00 -9.46
CA ALA D 71 2.68 25.23 -10.01
C ALA D 71 2.76 26.37 -9.00
N VAL D 72 2.43 26.09 -7.74
CA VAL D 72 2.46 27.14 -6.72
C VAL D 72 3.89 27.55 -6.42
N GLU D 73 4.79 26.57 -6.23
CA GLU D 73 6.16 26.89 -5.89
C GLU D 73 6.84 27.71 -6.98
N ARG D 74 6.49 27.47 -8.25
CA ARG D 74 7.05 28.27 -9.33
C ARG D 74 6.38 29.63 -9.42
N TYR D 75 5.07 29.69 -9.17
CA TYR D 75 4.35 30.96 -9.27
C TYR D 75 4.78 31.93 -8.18
N LEU D 76 5.08 31.41 -6.99
CA LEU D 76 5.51 32.28 -5.90
C LEU D 76 6.95 32.74 -6.09
N ARG D 77 7.75 31.98 -6.83
CA ARG D 77 9.12 32.41 -7.12
C ARG D 77 9.11 33.72 -7.91
N ASP D 78 8.28 33.80 -8.94
CA ASP D 78 8.22 35.02 -9.74
C ASP D 78 7.70 36.18 -8.91
N GLN D 79 6.68 35.96 -8.10
CA GLN D 79 6.10 37.05 -7.31
C GLN D 79 7.09 37.60 -6.31
N GLN D 80 7.87 36.73 -5.68
CA GLN D 80 8.84 37.19 -4.68
C GLN D 80 9.86 38.12 -5.31
N LEU D 81 10.38 37.77 -6.50
CA LEU D 81 11.35 38.63 -7.15
C LEU D 81 10.76 40.00 -7.45
N LEU D 82 9.52 40.03 -7.94
CA LEU D 82 8.85 41.31 -8.16
C LEU D 82 8.60 42.07 -6.88
N GLY D 83 8.72 41.42 -5.72
CA GLY D 83 8.55 42.09 -4.45
C GLY D 83 9.81 42.80 -4.00
N ILE D 84 10.93 42.08 -4.02
CA ILE D 84 12.21 42.70 -3.64
C ILE D 84 12.57 43.80 -4.63
N TRP D 85 12.36 43.56 -5.93
CA TRP D 85 12.65 44.58 -6.94
C TRP D 85 11.72 45.78 -6.84
N GLY D 86 10.65 45.69 -6.07
CA GLY D 86 9.72 46.79 -5.96
C GLY D 86 8.67 46.84 -7.04
N CYS D 87 8.56 45.79 -7.86
CA CYS D 87 7.62 45.75 -8.97
C CYS D 87 6.38 44.93 -8.66
N SER D 88 6.09 44.68 -7.39
CA SER D 88 4.94 43.86 -7.03
C SER D 88 3.65 44.49 -7.51
N GLY D 89 2.72 43.64 -7.96
CA GLY D 89 1.41 44.10 -8.38
C GLY D 89 1.37 44.83 -9.70
N LYS D 90 2.38 44.66 -10.55
CA LYS D 90 2.43 45.31 -11.84
C LYS D 90 2.90 44.34 -12.91
N LEU D 91 2.48 44.60 -14.14
CA LEU D 91 2.91 43.79 -15.28
C LEU D 91 4.00 44.48 -16.09
N ILE D 92 3.99 45.80 -16.15
CA ILE D 92 5.09 46.58 -16.71
C ILE D 92 5.61 47.49 -15.60
N CYS D 93 6.89 47.37 -15.30
CA CYS D 93 7.51 48.08 -14.18
C CYS D 93 8.83 48.69 -14.62
N CYS D 94 9.09 49.90 -14.17
CA CYS D 94 10.32 50.63 -14.49
C CYS D 94 11.20 50.71 -13.26
N THR D 95 12.51 50.83 -13.47
CA THR D 95 13.48 50.77 -12.41
C THR D 95 14.46 51.93 -12.54
N ASN D 96 15.41 51.99 -11.60
CA ASN D 96 16.46 53.00 -11.62
C ASN D 96 17.76 52.48 -12.21
N VAL D 97 17.88 51.18 -12.45
CA VAL D 97 19.12 50.60 -12.96
C VAL D 97 19.39 51.12 -14.36
N PRO D 98 20.51 51.77 -14.62
CA PRO D 98 20.86 52.12 -15.99
C PRO D 98 21.20 50.87 -16.79
N TRP D 99 21.00 50.98 -18.11
CA TRP D 99 21.24 49.86 -19.01
C TRP D 99 22.69 49.87 -19.45
N ASN D 100 23.48 48.95 -18.92
CA ASN D 100 24.86 48.80 -19.35
C ASN D 100 24.89 48.44 -20.83
N SER D 101 25.58 49.27 -21.62
CA SER D 101 25.58 49.07 -23.07
C SER D 101 26.16 47.72 -23.45
N SER D 102 27.12 47.22 -22.67
CA SER D 102 27.74 45.93 -22.98
C SER D 102 26.74 44.79 -22.95
N TRP D 103 25.63 44.95 -22.23
CA TRP D 103 24.63 43.88 -22.16
C TRP D 103 24.07 43.57 -23.54
N SER D 104 23.74 44.62 -24.31
CA SER D 104 23.24 44.44 -25.67
C SER D 104 23.35 45.77 -26.39
N ASN D 105 24.09 45.79 -27.50
CA ASN D 105 24.31 47.02 -28.24
C ASN D 105 23.14 47.39 -29.15
N ARG D 106 22.14 46.53 -29.29
CA ARG D 106 21.01 46.83 -30.16
C ARG D 106 20.33 48.12 -29.74
N ASN D 107 20.01 48.96 -30.72
CA ASN D 107 19.35 50.23 -30.46
C ASN D 107 17.88 49.99 -30.11
N LEU D 108 17.23 51.04 -29.64
CA LEU D 108 15.85 50.95 -29.16
C LEU D 108 14.85 50.69 -30.29
N SER D 109 15.28 50.83 -31.54
CA SER D 109 14.41 50.57 -32.69
C SER D 109 14.43 49.12 -33.15
N GLU D 110 15.60 48.49 -33.23
CA GLU D 110 15.66 47.09 -33.60
C GLU D 110 14.76 46.26 -32.69
N ILE D 111 14.70 46.60 -31.41
CA ILE D 111 13.81 45.91 -30.48
C ILE D 111 12.50 46.68 -30.37
N TRP D 112 11.45 45.95 -30.00
CA TRP D 112 10.09 46.46 -29.92
C TRP D 112 9.48 46.64 -31.32
N ASP D 113 10.26 46.40 -32.37
CA ASP D 113 9.77 46.53 -33.75
C ASP D 113 10.28 45.45 -34.70
N ASN D 114 11.45 44.85 -34.45
CA ASN D 114 11.98 43.81 -35.32
C ASN D 114 12.54 42.65 -34.52
N MET D 115 11.83 42.23 -33.47
CA MET D 115 12.34 41.18 -32.61
C MET D 115 11.19 40.55 -31.84
N THR D 116 11.47 39.39 -31.25
CA THR D 116 10.51 38.63 -30.48
C THR D 116 11.12 38.25 -29.14
N TRP D 117 10.26 37.97 -28.17
CA TRP D 117 10.75 37.76 -26.81
C TRP D 117 11.70 36.57 -26.72
N LEU D 118 11.37 35.47 -27.40
CA LEU D 118 12.32 34.36 -27.47
C LEU D 118 13.60 34.81 -28.14
N GLN D 119 13.49 35.53 -29.26
CA GLN D 119 14.68 36.03 -29.94
C GLN D 119 15.43 37.03 -29.07
N TRP D 120 14.71 37.78 -28.23
CA TRP D 120 15.38 38.68 -27.29
C TRP D 120 15.97 37.91 -26.13
N ASP D 121 15.29 36.86 -25.67
CA ASP D 121 15.79 36.07 -24.55
C ASP D 121 17.13 35.42 -24.89
N LYS D 122 17.28 34.94 -26.12
CA LYS D 122 18.49 34.21 -26.50
C LYS D 122 19.74 35.07 -26.48
N GLU D 123 19.62 36.40 -26.43
CA GLU D 123 20.77 37.28 -26.44
C GLU D 123 21.18 37.78 -25.07
N ILE D 124 20.25 37.81 -24.11
CA ILE D 124 20.52 38.33 -22.77
C ILE D 124 20.75 37.19 -21.77
N SER D 125 20.95 35.97 -22.25
CA SER D 125 21.01 34.82 -21.35
C SER D 125 22.14 34.97 -20.33
N ASN D 126 23.32 35.38 -20.79
CA ASN D 126 24.47 35.45 -19.90
C ASN D 126 24.25 36.48 -18.79
N TYR D 127 23.74 37.66 -19.14
CA TYR D 127 23.65 38.76 -18.21
C TYR D 127 22.44 38.68 -17.27
N THR D 128 21.53 37.73 -17.50
CA THR D 128 20.29 37.72 -16.73
C THR D 128 20.54 37.57 -15.24
N GLN D 129 21.48 36.71 -14.86
CA GLN D 129 21.69 36.41 -13.44
C GLN D 129 22.25 37.60 -12.66
N ILE D 130 22.92 38.53 -13.34
CA ILE D 130 23.56 39.66 -12.65
C ILE D 130 22.59 40.83 -12.62
N ILE D 131 21.78 40.98 -13.68
CA ILE D 131 20.80 42.06 -13.69
C ILE D 131 19.82 41.89 -12.54
N TYR D 132 19.41 40.65 -12.27
CA TYR D 132 18.52 40.40 -11.16
C TYR D 132 19.11 40.85 -9.84
N GLY D 133 20.44 40.95 -9.74
CA GLY D 133 21.06 41.40 -8.52
C GLY D 133 21.10 42.90 -8.41
N LEU D 134 21.34 43.57 -9.55
CA LEU D 134 21.30 45.03 -9.57
C LEU D 134 19.92 45.54 -9.20
N LEU D 135 18.87 44.87 -9.67
CA LEU D 135 17.52 45.23 -9.28
C LEU D 135 17.29 44.99 -7.80
N GLU D 136 17.77 43.86 -7.29
CA GLU D 136 17.51 43.51 -5.89
C GLU D 136 18.22 44.45 -4.93
N GLU D 137 19.31 45.08 -5.38
CA GLU D 137 20.06 45.97 -4.51
C GLU D 137 19.61 47.42 -4.68
N SER D 138 19.24 47.81 -5.90
CA SER D 138 18.85 49.19 -6.17
C SER D 138 17.51 49.55 -5.54
N GLN D 139 16.74 48.56 -5.07
CA GLN D 139 15.46 48.85 -4.44
C GLN D 139 15.55 48.81 -2.92
N ASN D 140 16.47 48.02 -2.37
CA ASN D 140 16.73 48.10 -0.94
C ASN D 140 17.35 49.44 -0.59
N GLN D 141 18.08 50.03 -1.53
CA GLN D 141 18.52 51.42 -1.37
C GLN D 141 17.33 52.35 -1.26
N GLN D 142 16.28 52.08 -2.05
CA GLN D 142 15.08 52.91 -1.99
C GLN D 142 14.39 52.81 -0.64
N GLU D 143 14.39 51.61 -0.04
CA GLU D 143 13.63 51.40 1.19
C GLU D 143 14.17 52.26 2.32
N LYS D 144 15.48 52.19 2.59
CA LYS D 144 16.04 53.01 3.66
C LYS D 144 15.93 54.49 3.31
N ASN D 145 16.17 54.85 2.05
CA ASN D 145 16.05 56.24 1.65
C ASN D 145 14.64 56.76 1.87
N GLU D 146 13.64 55.95 1.51
CA GLU D 146 12.25 56.36 1.73
C GLU D 146 11.95 56.51 3.22
N GLN D 147 12.40 55.55 4.02
CA GLN D 147 12.09 55.59 5.45
C GLN D 147 12.76 56.79 6.12
N ASP D 148 13.99 57.11 5.71
CA ASP D 148 14.68 58.25 6.31
C ASP D 148 13.93 59.55 6.03
N LEU D 149 13.42 59.72 4.81
CA LEU D 149 12.72 60.94 4.46
C LEU D 149 11.48 61.14 5.31
N LEU D 150 10.74 60.06 5.57
CA LEU D 150 9.51 60.18 6.35
C LEU D 150 9.79 60.73 7.74
N ALA D 151 11.00 60.48 8.26
CA ALA D 151 11.38 61.01 9.57
C ALA D 151 12.14 62.32 9.44
N LEU D 152 13.02 62.43 8.44
CA LEU D 152 13.81 63.64 8.27
C LEU D 152 12.91 64.84 7.97
N ASP D 153 11.90 64.65 7.13
CA ASP D 153 10.99 65.73 6.77
C ASP D 153 9.99 65.98 7.89
N LEU E 9 -20.13 39.68 15.10
CA LEU E 9 -18.75 40.19 15.39
C LEU E 9 -17.69 39.17 15.00
N GLY E 10 -18.06 37.89 15.06
CA GLY E 10 -17.14 36.83 14.74
C GLY E 10 -16.97 36.62 13.26
N PHE E 11 -16.17 35.61 12.91
CA PHE E 11 -15.92 35.29 11.51
C PHE E 11 -17.23 35.03 10.78
N LEU E 12 -17.49 35.84 9.75
CA LEU E 12 -18.68 35.69 8.92
C LEU E 12 -19.94 36.17 9.63
N GLY E 13 -19.78 36.86 10.76
CA GLY E 13 -20.92 37.25 11.58
C GLY E 13 -21.71 38.44 11.08
N ALA E 14 -21.27 39.08 10.00
CA ALA E 14 -21.98 40.19 9.40
C ALA E 14 -22.86 39.77 8.24
N ALA E 15 -23.06 38.45 8.06
CA ALA E 15 -23.75 37.95 6.88
C ALA E 15 -25.16 38.51 6.74
N GLY E 16 -25.82 38.83 7.83
CA GLY E 16 -27.20 39.31 7.76
C GLY E 16 -27.31 40.82 7.74
N SER E 17 -26.23 41.52 8.06
CA SER E 17 -26.21 42.97 8.05
C SER E 17 -26.03 43.48 6.63
N THR E 18 -26.45 44.73 6.42
CA THR E 18 -26.46 45.31 5.09
C THR E 18 -25.05 45.56 4.60
N MET E 19 -24.94 45.77 3.28
CA MET E 19 -23.64 45.88 2.64
C MET E 19 -22.79 46.97 3.28
N GLY E 20 -23.41 48.04 3.76
CA GLY E 20 -22.65 49.09 4.42
C GLY E 20 -21.97 48.60 5.68
N ALA E 21 -22.70 47.88 6.53
CA ALA E 21 -22.15 47.36 7.77
C ALA E 21 -21.28 46.15 7.55
N ALA E 22 -21.53 45.38 6.48
CA ALA E 22 -20.69 44.23 6.18
C ALA E 22 -19.34 44.66 5.63
N SER E 23 -19.33 45.71 4.80
CA SER E 23 -18.08 46.20 4.23
C SER E 23 -17.14 46.81 5.26
N MET E 24 -17.62 47.04 6.48
CA MET E 24 -16.79 47.61 7.54
C MET E 24 -16.05 46.56 8.34
N THR E 25 -16.21 45.29 8.01
CA THR E 25 -15.59 44.18 8.74
C THR E 25 -15.02 43.17 7.76
N LEU E 26 -14.35 43.66 6.72
CA LEU E 26 -13.83 42.77 5.69
C LEU E 26 -12.66 41.95 6.21
N THR E 27 -11.87 42.50 7.13
CA THR E 27 -10.62 41.86 7.51
C THR E 27 -10.85 40.51 8.17
N VAL E 28 -11.93 40.39 8.95
CA VAL E 28 -12.15 39.16 9.72
C VAL E 28 -12.27 37.97 8.79
N GLN E 29 -13.01 38.11 7.69
CA GLN E 29 -13.12 37.03 6.72
C GLN E 29 -11.80 36.76 6.02
N ALA E 30 -11.08 37.82 5.65
CA ALA E 30 -9.86 37.67 4.87
C ALA E 30 -8.83 36.82 5.60
N ARG E 31 -8.78 36.93 6.93
CA ARG E 31 -7.82 36.15 7.70
C ARG E 31 -8.24 34.70 7.83
N ASN E 32 -9.49 34.36 7.49
CA ASN E 32 -10.00 33.00 7.59
C ASN E 32 -9.91 32.22 6.29
N LEU E 33 -9.64 32.88 5.17
CA LEU E 33 -9.52 32.21 3.89
C LEU E 33 -8.24 31.41 3.75
N LEU E 34 -7.44 31.31 4.82
CA LEU E 34 -6.17 30.62 4.74
C LEU E 34 -5.84 30.03 6.11
N SER E 35 -5.12 28.91 6.12
CA SER E 35 -4.66 28.26 7.34
C SER E 35 -5.84 27.90 8.25
N GLY E 36 -6.68 27.01 7.74
CA GLY E 36 -7.87 26.57 8.45
C GLY E 36 -7.74 25.29 9.23
N ILE E 37 -6.53 24.78 9.42
CA ILE E 37 -6.29 23.53 10.13
C ILE E 37 -5.14 23.76 11.11
N VAL E 38 -5.03 22.87 12.09
CA VAL E 38 -3.94 22.95 13.07
C VAL E 38 -2.60 22.93 12.37
N GLN E 39 -2.48 22.19 11.26
CA GLN E 39 -1.24 22.13 10.50
C GLN E 39 -1.55 22.10 9.01
N THR E 58 -0.62 4.91 5.75
CA THR E 58 -0.79 6.32 6.05
C THR E 58 -1.36 7.09 4.85
N VAL E 59 -1.65 6.36 3.77
CA VAL E 59 -2.18 6.99 2.57
C VAL E 59 -3.54 7.64 2.79
N TRP E 60 -4.23 7.28 3.86
CA TRP E 60 -5.51 7.91 4.17
C TRP E 60 -5.38 9.43 4.27
N GLY E 61 -4.27 9.91 4.82
CA GLY E 61 -4.11 11.33 5.07
C GLY E 61 -4.18 12.19 3.82
N ILE E 62 -3.94 11.59 2.64
CA ILE E 62 -3.96 12.37 1.40
C ILE E 62 -5.29 13.09 1.24
N LYS E 63 -6.35 12.60 1.90
CA LYS E 63 -7.58 13.37 1.97
C LYS E 63 -7.31 14.77 2.52
N GLN E 64 -6.77 14.85 3.73
CA GLN E 64 -6.50 16.14 4.35
C GLN E 64 -5.39 16.91 3.62
N LEU E 65 -4.35 16.22 3.15
CA LEU E 65 -3.27 16.92 2.46
C LEU E 65 -3.79 17.65 1.24
N GLN E 66 -4.64 17.00 0.44
CA GLN E 66 -5.23 17.66 -0.72
C GLN E 66 -6.12 18.81 -0.29
N ALA E 67 -6.62 18.79 0.94
CA ALA E 67 -7.41 19.90 1.44
C ALA E 67 -6.54 21.14 1.66
N ARG E 68 -5.36 20.95 2.26
CA ARG E 68 -4.46 22.08 2.46
C ARG E 68 -4.05 22.70 1.14
N VAL E 69 -3.71 21.86 0.15
CA VAL E 69 -3.31 22.38 -1.15
C VAL E 69 -4.48 23.10 -1.81
N LEU E 70 -5.70 22.62 -1.60
CA LEU E 70 -6.86 23.26 -2.21
C LEU E 70 -7.03 24.68 -1.71
N ALA E 71 -6.85 24.89 -0.40
CA ALA E 71 -7.00 26.23 0.15
C ALA E 71 -5.96 27.19 -0.42
N VAL E 72 -4.71 26.73 -0.53
CA VAL E 72 -3.66 27.56 -1.10
C VAL E 72 -3.93 27.84 -2.57
N GLU E 73 -4.44 26.83 -3.30
CA GLU E 73 -4.63 26.99 -4.73
C GLU E 73 -5.74 27.98 -5.04
N ARG E 74 -6.79 28.01 -4.21
CA ARG E 74 -7.86 28.99 -4.40
C ARG E 74 -7.41 30.38 -3.97
N TYR E 75 -6.70 30.46 -2.85
CA TYR E 75 -6.30 31.76 -2.31
C TYR E 75 -5.45 32.53 -3.32
N LEU E 76 -4.49 31.85 -3.95
CA LEU E 76 -3.62 32.53 -4.90
C LEU E 76 -4.40 32.97 -6.15
N ARG E 77 -5.52 32.32 -6.43
CA ARG E 77 -6.32 32.71 -7.59
C ARG E 77 -7.04 34.03 -7.32
N ASP E 78 -7.64 34.16 -6.13
CA ASP E 78 -8.29 35.43 -5.77
C ASP E 78 -7.28 36.56 -5.69
N GLN E 79 -6.12 36.31 -5.07
CA GLN E 79 -5.11 37.36 -4.97
C GLN E 79 -4.61 37.77 -6.34
N GLN E 80 -4.32 36.80 -7.21
CA GLN E 80 -3.85 37.13 -8.54
C GLN E 80 -4.90 37.92 -9.32
N LEU E 81 -6.16 37.49 -9.24
CA LEU E 81 -7.20 38.15 -10.00
C LEU E 81 -7.30 39.63 -9.62
N LEU E 82 -7.14 39.95 -8.34
CA LEU E 82 -7.07 41.35 -7.93
C LEU E 82 -5.90 42.05 -8.61
N GLY E 83 -4.74 41.40 -8.65
CA GLY E 83 -3.54 42.06 -9.14
C GLY E 83 -3.69 42.58 -10.56
N ILE E 84 -4.26 41.77 -11.44
CA ILE E 84 -4.42 42.18 -12.84
C ILE E 84 -5.50 43.22 -13.01
N TRP E 85 -6.20 43.59 -11.94
CA TRP E 85 -7.10 44.74 -11.95
C TRP E 85 -6.46 46.00 -11.40
N GLY E 86 -5.27 45.91 -10.82
CA GLY E 86 -4.66 47.03 -10.15
C GLY E 86 -5.07 47.18 -8.70
N CYS E 87 -5.82 46.23 -8.15
CA CYS E 87 -6.31 46.29 -6.78
C CYS E 87 -5.44 45.47 -5.82
N SER E 88 -4.22 45.13 -6.21
CA SER E 88 -3.37 44.31 -5.36
C SER E 88 -3.16 44.97 -4.00
N GLY E 89 -3.33 44.18 -2.95
CA GLY E 89 -2.99 44.62 -1.61
C GLY E 89 -3.99 45.51 -0.92
N LYS E 90 -5.23 45.58 -1.40
CA LYS E 90 -6.26 46.44 -0.82
C LYS E 90 -7.53 45.64 -0.60
N LEU E 91 -8.19 45.89 0.54
CA LEU E 91 -9.49 45.27 0.79
C LEU E 91 -10.59 46.02 0.06
N ILE E 92 -10.59 47.34 0.15
CA ILE E 92 -11.51 48.20 -0.57
C ILE E 92 -10.70 48.92 -1.64
N CYS E 93 -11.03 48.67 -2.90
CA CYS E 93 -10.29 49.21 -4.03
C CYS E 93 -11.26 49.82 -5.04
N CYS E 94 -10.96 51.04 -5.46
CA CYS E 94 -11.75 51.74 -6.45
C CYS E 94 -11.14 51.54 -7.83
N THR E 95 -11.99 51.57 -8.86
CA THR E 95 -11.53 51.44 -10.24
C THR E 95 -12.04 52.61 -11.06
N ASN E 96 -11.85 52.55 -12.39
CA ASN E 96 -12.32 53.62 -13.27
C ASN E 96 -13.10 53.08 -14.47
N VAL E 97 -13.70 51.91 -14.32
CA VAL E 97 -14.55 51.37 -15.39
C VAL E 97 -16.01 51.75 -15.08
N PRO E 98 -16.69 52.45 -15.99
CA PRO E 98 -18.02 52.97 -15.65
C PRO E 98 -19.01 51.86 -15.31
N TRP E 99 -19.88 52.17 -14.35
CA TRP E 99 -20.90 51.24 -13.88
C TRP E 99 -22.10 51.32 -14.82
N ASN E 100 -22.25 50.30 -15.66
CA ASN E 100 -23.40 50.26 -16.57
C ASN E 100 -24.69 50.28 -15.77
N SER E 101 -25.59 51.21 -16.13
CA SER E 101 -26.85 51.33 -15.40
C SER E 101 -27.77 50.15 -15.63
N SER E 102 -27.58 49.42 -16.74
CA SER E 102 -28.42 48.26 -17.00
C SER E 102 -28.33 47.23 -15.88
N TRP E 103 -27.16 47.08 -15.28
CA TRP E 103 -26.95 46.01 -14.30
C TRP E 103 -27.91 46.15 -13.13
N SER E 104 -28.07 47.36 -12.60
CA SER E 104 -29.05 47.60 -11.55
C SER E 104 -29.23 49.10 -11.39
N ASN E 105 -30.46 49.57 -11.61
CA ASN E 105 -30.78 50.98 -11.47
C ASN E 105 -31.09 51.37 -10.04
N ARG E 106 -30.90 50.46 -9.09
CA ARG E 106 -31.22 50.74 -7.70
C ARG E 106 -30.40 51.90 -7.16
N ASN E 107 -31.02 52.69 -6.30
CA ASN E 107 -30.36 53.86 -5.74
C ASN E 107 -29.31 53.44 -4.71
N LEU E 108 -28.23 54.22 -4.65
CA LEU E 108 -27.22 53.98 -3.60
C LEU E 108 -27.84 54.02 -2.21
N SER E 109 -28.90 54.80 -2.04
CA SER E 109 -29.61 54.83 -0.77
C SER E 109 -30.30 53.51 -0.44
N GLU E 110 -30.41 52.61 -1.41
CA GLU E 110 -31.00 51.29 -1.20
C GLU E 110 -29.96 50.18 -1.23
N ILE E 111 -28.96 50.29 -2.12
CA ILE E 111 -27.99 49.21 -2.28
C ILE E 111 -27.21 48.99 -0.99
N TRP E 112 -26.79 50.09 -0.36
CA TRP E 112 -25.89 50.02 0.79
C TRP E 112 -26.60 50.16 2.14
N ASP E 113 -27.89 50.49 2.15
CA ASP E 113 -28.60 50.79 3.38
C ASP E 113 -29.62 49.72 3.75
N ASN E 114 -30.35 49.18 2.79
CA ASN E 114 -31.38 48.18 3.05
C ASN E 114 -31.23 46.96 2.13
N MET E 115 -30.01 46.45 2.01
CA MET E 115 -29.75 45.26 1.21
C MET E 115 -28.47 44.61 1.69
N THR E 116 -28.36 43.31 1.44
CA THR E 116 -27.27 42.49 1.95
C THR E 116 -26.43 41.93 0.80
N TRP E 117 -25.17 41.61 1.12
CA TRP E 117 -24.31 40.99 0.11
C TRP E 117 -24.89 39.68 -0.39
N LEU E 118 -25.33 38.81 0.52
CA LEU E 118 -25.98 37.57 0.12
C LEU E 118 -27.17 37.85 -0.79
N GLN E 119 -27.88 38.95 -0.54
CA GLN E 119 -28.93 39.37 -1.47
C GLN E 119 -28.34 40.00 -2.72
N TRP E 120 -27.29 40.80 -2.57
CA TRP E 120 -26.75 41.53 -3.71
C TRP E 120 -26.17 40.59 -4.75
N ASP E 121 -25.47 39.54 -4.31
CA ASP E 121 -24.81 38.65 -5.26
C ASP E 121 -25.80 38.03 -6.23
N LYS E 122 -27.04 37.84 -5.80
CA LYS E 122 -28.04 37.27 -6.71
C LYS E 122 -28.33 38.19 -7.88
N GLU E 123 -28.33 39.50 -7.64
CA GLU E 123 -28.61 40.44 -8.73
C GLU E 123 -27.51 40.41 -9.79
N ILE E 124 -26.26 40.54 -9.36
CA ILE E 124 -25.15 40.77 -10.27
C ILE E 124 -24.42 39.48 -10.63
N SER E 125 -25.03 38.33 -10.39
CA SER E 125 -24.39 37.07 -10.75
C SER E 125 -24.21 36.98 -12.26
N ASN E 126 -25.22 37.38 -13.03
CA ASN E 126 -25.17 37.23 -14.47
C ASN E 126 -24.03 38.04 -15.08
N TYR E 127 -23.85 39.28 -14.62
CA TYR E 127 -22.92 40.21 -15.26
C TYR E 127 -21.51 40.11 -14.70
N THR E 128 -21.28 39.28 -13.69
CA THR E 128 -19.98 39.29 -13.01
C THR E 128 -18.85 38.97 -13.97
N GLN E 129 -19.03 37.94 -14.81
CA GLN E 129 -17.96 37.56 -15.72
C GLN E 129 -17.60 38.67 -16.70
N ILE E 130 -18.56 39.51 -17.08
CA ILE E 130 -18.26 40.63 -17.96
C ILE E 130 -17.45 41.68 -17.23
N ILE E 131 -17.79 41.95 -15.98
CA ILE E 131 -17.07 42.97 -15.22
C ILE E 131 -15.60 42.59 -15.08
N TYR E 132 -15.33 41.31 -14.81
CA TYR E 132 -13.95 40.86 -14.63
C TYR E 132 -13.10 41.07 -15.87
N GLY E 133 -13.72 41.27 -17.04
CA GLY E 133 -12.97 41.58 -18.24
C GLY E 133 -12.73 43.07 -18.39
N LEU E 134 -13.72 43.88 -18.04
CA LEU E 134 -13.54 45.33 -18.11
C LEU E 134 -12.43 45.78 -17.17
N LEU E 135 -12.38 45.22 -15.96
CA LEU E 135 -11.36 45.60 -15.01
C LEU E 135 -9.96 45.27 -15.52
N GLU E 136 -9.79 44.08 -16.10
CA GLU E 136 -8.50 43.71 -16.65
C GLU E 136 -8.17 44.53 -17.89
N GLU E 137 -9.21 45.02 -18.58
CA GLU E 137 -8.97 45.86 -19.75
C GLU E 137 -8.53 47.26 -19.34
N SER E 138 -9.15 47.83 -18.31
CA SER E 138 -8.76 49.15 -17.84
C SER E 138 -7.36 49.12 -17.23
N GLN E 139 -7.04 48.06 -16.51
CA GLN E 139 -5.74 48.00 -15.85
C GLN E 139 -4.60 47.97 -16.86
N ASN E 140 -4.76 47.23 -17.94
CA ASN E 140 -3.70 47.17 -18.94
C ASN E 140 -3.40 48.55 -19.51
N GLN E 141 -4.40 49.43 -19.53
CA GLN E 141 -4.18 50.79 -20.02
C GLN E 141 -3.33 51.60 -19.05
N GLN E 142 -3.53 51.41 -17.74
CA GLN E 142 -2.76 52.16 -16.76
C GLN E 142 -1.27 51.87 -16.88
N GLU E 143 -0.92 50.59 -17.05
CA GLU E 143 0.49 50.25 -17.24
C GLU E 143 1.05 50.92 -18.49
N LYS E 144 0.29 50.88 -19.59
CA LYS E 144 0.69 51.58 -20.80
C LYS E 144 0.74 53.09 -20.56
N ASN E 145 -0.29 53.63 -19.91
CA ASN E 145 -0.33 55.07 -19.66
C ASN E 145 0.83 55.49 -18.76
N GLU E 146 1.10 54.71 -17.70
CA GLU E 146 2.19 55.06 -16.80
C GLU E 146 3.53 54.96 -17.51
N GLN E 147 3.72 53.94 -18.35
CA GLN E 147 4.98 53.76 -19.04
C GLN E 147 5.29 54.96 -19.94
N ASP E 148 4.30 55.40 -20.71
CA ASP E 148 4.53 56.52 -21.62
C ASP E 148 4.86 57.80 -20.85
N LEU E 149 4.15 58.05 -19.75
CA LEU E 149 4.38 59.28 -18.99
C LEU E 149 5.80 59.30 -18.41
N LEU E 150 6.24 58.20 -17.82
CA LEU E 150 7.59 58.15 -17.27
C LEU E 150 8.64 58.30 -18.36
N ALA E 151 8.31 57.90 -19.59
CA ALA E 151 9.26 58.03 -20.69
C ALA E 151 9.57 59.50 -20.99
N LEU E 152 8.58 60.37 -20.86
CA LEU E 152 8.77 61.78 -21.21
C LEU E 152 9.82 62.46 -20.34
N ASP E 153 10.13 61.91 -19.17
CA ASP E 153 11.12 62.50 -18.29
C ASP E 153 12.44 62.74 -19.02
N VAL F 7 31.44 41.08 4.67
CA VAL F 7 31.10 41.68 3.36
C VAL F 7 29.79 41.10 2.85
N PHE F 8 29.66 39.78 2.93
CA PHE F 8 28.48 39.09 2.42
C PHE F 8 27.46 38.83 3.52
N LEU F 9 27.87 38.19 4.61
CA LEU F 9 26.98 37.83 5.71
C LEU F 9 25.70 37.18 5.16
N GLY F 10 25.86 35.96 4.68
CA GLY F 10 24.78 35.25 4.04
C GLY F 10 23.62 34.97 4.96
N PHE F 11 22.76 34.04 4.56
CA PHE F 11 21.55 33.69 5.31
C PHE F 11 21.83 33.61 6.80
N LEU F 12 21.09 34.39 7.58
CA LEU F 12 21.23 34.50 9.03
C LEU F 12 22.59 35.04 9.45
N GLY F 13 23.42 35.47 8.50
CA GLY F 13 24.77 35.87 8.82
C GLY F 13 24.88 37.05 9.76
N ALA F 14 23.85 37.90 9.81
CA ALA F 14 23.84 39.09 10.65
C ALA F 14 23.08 38.86 11.95
N ALA F 15 23.03 37.61 12.43
CA ALA F 15 22.25 37.31 13.63
C ALA F 15 22.81 38.01 14.86
N GLY F 16 24.13 38.20 14.91
CA GLY F 16 24.77 38.86 16.02
C GLY F 16 25.14 40.31 15.78
N SER F 17 24.82 40.86 14.61
CA SER F 17 25.12 42.24 14.32
C SER F 17 24.13 43.17 15.03
N THR F 18 24.59 44.39 15.28
CA THR F 18 23.71 45.40 15.87
C THR F 18 22.46 45.54 15.04
N MET F 19 21.33 45.81 15.72
CA MET F 19 20.04 45.79 15.05
C MET F 19 20.02 46.72 13.85
N GLY F 20 20.78 47.81 13.89
CA GLY F 20 20.87 48.68 12.73
C GLY F 20 21.58 48.01 11.56
N ALA F 21 22.65 47.28 11.85
CA ALA F 21 23.39 46.59 10.79
C ALA F 21 22.66 45.32 10.33
N ALA F 22 21.85 44.72 11.20
CA ALA F 22 21.07 43.56 10.80
C ALA F 22 19.87 43.98 9.94
N SER F 23 19.39 45.21 10.14
CA SER F 23 18.31 45.76 9.33
C SER F 23 18.74 46.11 7.92
N MET F 24 20.05 46.06 7.63
CA MET F 24 20.55 46.47 6.33
C MET F 24 20.61 45.31 5.33
N THR F 25 20.29 44.09 5.76
CA THR F 25 20.46 42.90 4.93
C THR F 25 19.20 42.04 4.94
N LEU F 26 18.03 42.67 4.98
CA LEU F 26 16.78 41.92 5.07
C LEU F 26 16.58 41.01 3.86
N THR F 27 17.07 41.42 2.69
CA THR F 27 16.68 40.74 1.45
C THR F 27 17.25 39.33 1.36
N VAL F 28 18.21 38.97 2.21
CA VAL F 28 18.82 37.64 2.13
C VAL F 28 18.06 36.66 3.00
N GLN F 29 17.50 37.12 4.12
CA GLN F 29 16.63 36.26 4.90
C GLN F 29 15.29 36.06 4.20
N ALA F 30 14.70 37.13 3.68
CA ALA F 30 13.40 37.04 3.06
C ALA F 30 13.40 36.17 1.80
N ARG F 31 14.56 36.01 1.17
CA ARG F 31 14.65 35.20 -0.04
C ARG F 31 14.87 33.73 0.22
N ASN F 32 15.26 33.35 1.45
CA ASN F 32 15.52 31.97 1.80
C ASN F 32 14.36 31.34 2.56
N LEU F 33 13.22 32.01 2.64
CA LEU F 33 12.04 31.48 3.30
C LEU F 33 11.13 30.73 2.35
N LEU F 34 11.63 30.34 1.18
CA LEU F 34 10.81 29.73 0.15
C LEU F 34 11.68 28.90 -0.77
N SER F 35 11.18 27.73 -1.14
CA SER F 35 11.91 26.84 -2.04
C SER F 35 13.25 26.42 -1.45
N GLY F 36 13.91 25.46 -2.09
CA GLY F 36 15.19 24.97 -1.63
C GLY F 36 15.18 23.49 -1.36
N THR F 58 10.06 4.88 -0.76
CA THR F 58 8.96 5.85 -0.82
C THR F 58 8.77 6.53 0.54
N VAL F 59 9.67 6.23 1.49
CA VAL F 59 9.60 6.87 2.79
C VAL F 59 9.79 8.37 2.66
N TRP F 60 10.73 8.79 1.82
CA TRP F 60 10.96 10.22 1.61
C TRP F 60 9.87 10.87 0.75
N GLY F 61 8.90 10.11 0.27
CA GLY F 61 7.86 10.68 -0.56
C GLY F 61 7.00 11.68 0.19
N ILE F 62 6.63 11.36 1.42
CA ILE F 62 5.85 12.30 2.23
C ILE F 62 6.73 13.20 3.08
N LYS F 63 8.01 12.85 3.25
CA LYS F 63 8.97 13.80 3.81
C LYS F 63 9.18 14.99 2.89
N GLN F 64 8.72 14.90 1.64
CA GLN F 64 8.83 16.00 0.70
C GLN F 64 7.60 16.90 0.75
N LEU F 65 6.43 16.34 0.49
CA LEU F 65 5.24 17.16 0.30
C LEU F 65 4.88 17.92 1.56
N GLN F 66 4.96 17.27 2.73
CA GLN F 66 4.61 17.95 3.97
C GLN F 66 5.49 19.17 4.19
N ALA F 67 6.80 19.02 3.98
CA ALA F 67 7.70 20.16 4.09
C ALA F 67 7.39 21.21 3.04
N ARG F 68 7.16 20.79 1.79
CA ARG F 68 6.93 21.75 0.72
C ARG F 68 5.62 22.50 0.92
N VAL F 69 4.54 21.78 1.24
CA VAL F 69 3.25 22.44 1.45
C VAL F 69 3.31 23.34 2.68
N LEU F 70 3.95 22.87 3.75
CA LEU F 70 4.08 23.68 4.95
C LEU F 70 4.86 24.96 4.67
N ALA F 71 5.92 24.87 3.87
CA ALA F 71 6.71 26.06 3.57
C ALA F 71 5.86 27.11 2.89
N VAL F 72 4.96 26.69 2.00
CA VAL F 72 4.06 27.64 1.34
C VAL F 72 3.07 28.20 2.35
N GLU F 73 2.49 27.33 3.18
CA GLU F 73 1.45 27.77 4.11
C GLU F 73 1.98 28.82 5.08
N ARG F 74 3.18 28.62 5.60
CA ARG F 74 3.73 29.58 6.56
C ARG F 74 4.15 30.87 5.86
N TYR F 75 4.61 30.78 4.61
CA TYR F 75 5.01 31.98 3.89
C TYR F 75 3.81 32.86 3.58
N LEU F 76 2.74 32.27 3.05
CA LEU F 76 1.56 33.05 2.72
C LEU F 76 0.89 33.63 3.96
N ARG F 77 1.14 33.01 5.13
CA ARG F 77 0.58 33.54 6.36
C ARG F 77 1.25 34.86 6.74
N ASP F 78 2.56 34.97 6.51
CA ASP F 78 3.25 36.22 6.82
C ASP F 78 2.90 37.31 5.82
N GLN F 79 2.83 36.96 4.53
CA GLN F 79 2.39 37.93 3.53
C GLN F 79 0.93 38.30 3.73
N GLN F 80 0.11 37.38 4.23
CA GLN F 80 -1.26 37.69 4.57
C GLN F 80 -1.32 38.77 5.64
N LEU F 81 -0.60 38.56 6.74
CA LEU F 81 -0.54 39.59 7.78
C LEU F 81 0.04 40.88 7.23
N LEU F 82 1.15 40.78 6.49
CA LEU F 82 1.83 41.96 5.99
C LEU F 82 1.01 42.73 4.96
N GLY F 83 -0.07 42.12 4.44
CA GLY F 83 -0.91 42.79 3.48
C GLY F 83 -2.05 43.56 4.12
N ILE F 84 -2.65 43.00 5.17
CA ILE F 84 -3.73 43.67 5.86
C ILE F 84 -3.24 44.79 6.77
N TRP F 85 -1.93 44.96 6.89
CA TRP F 85 -1.37 46.08 7.66
C TRP F 85 -1.07 47.28 6.79
N GLY F 86 -1.15 47.15 5.47
CA GLY F 86 -0.78 48.23 4.57
C GLY F 86 0.69 48.22 4.25
N CYS F 87 1.27 47.03 4.08
CA CYS F 87 2.69 46.90 3.85
C CYS F 87 3.02 45.84 2.79
N SER F 88 2.16 45.66 1.78
CA SER F 88 2.37 44.58 0.83
C SER F 88 3.60 44.84 -0.02
N GLY F 89 4.58 43.92 0.06
CA GLY F 89 5.76 43.99 -0.77
C GLY F 89 6.88 44.85 -0.24
N LYS F 90 6.68 45.55 0.87
CA LYS F 90 7.68 46.45 1.44
C LYS F 90 8.44 45.73 2.54
N LEU F 91 9.77 45.80 2.47
CA LEU F 91 10.59 45.17 3.51
C LEU F 91 10.69 46.06 4.74
N ILE F 92 10.55 47.38 4.56
CA ILE F 92 10.55 48.33 5.67
C ILE F 92 9.33 49.21 5.50
N CYS F 93 8.43 49.20 6.48
CA CYS F 93 7.11 49.80 6.33
C CYS F 93 6.79 50.60 7.59
N CYS F 94 6.63 51.91 7.42
CA CYS F 94 6.25 52.78 8.54
C CYS F 94 4.75 52.86 8.65
N THR F 95 4.24 52.66 9.86
CA THR F 95 2.81 52.59 10.12
C THR F 95 2.38 53.78 10.95
N ASN F 96 1.07 53.98 11.06
CA ASN F 96 0.52 55.10 11.80
C ASN F 96 0.40 54.83 13.29
N VAL F 97 0.26 53.58 13.71
CA VAL F 97 0.02 53.25 15.11
C VAL F 97 1.17 53.80 15.95
N PRO F 98 0.90 54.60 16.97
CA PRO F 98 1.99 55.13 17.80
C PRO F 98 2.60 54.06 18.69
N TRP F 99 3.85 54.27 19.06
CA TRP F 99 4.54 53.37 19.96
C TRP F 99 4.03 53.57 21.39
N ASN F 100 4.51 52.73 22.30
CA ASN F 100 4.20 52.84 23.72
C ASN F 100 5.47 52.73 24.52
N SER F 101 5.55 53.53 25.60
CA SER F 101 6.70 53.43 26.50
C SER F 101 6.61 52.17 27.37
N SER F 102 5.40 51.70 27.65
CA SER F 102 5.25 50.48 28.42
C SER F 102 5.84 49.28 27.69
N TRP F 103 5.66 49.22 26.38
CA TRP F 103 6.24 48.11 25.60
C TRP F 103 7.75 48.10 25.72
N SER F 104 8.39 49.26 25.66
CA SER F 104 9.82 49.37 25.87
C SER F 104 10.12 50.75 26.43
N ASN F 105 10.88 50.79 27.53
CA ASN F 105 11.20 52.05 28.19
C ASN F 105 12.54 52.63 27.76
N ARG F 106 13.41 51.83 27.15
CA ARG F 106 14.75 52.28 26.82
C ARG F 106 14.72 53.26 25.64
N ASN F 107 15.81 54.02 25.50
CA ASN F 107 15.89 55.03 24.47
C ASN F 107 15.95 54.39 23.08
N LEU F 108 16.04 55.24 22.07
CA LEU F 108 16.07 54.77 20.69
C LEU F 108 17.48 54.46 20.23
N SER F 109 18.49 55.14 20.78
CA SER F 109 19.87 54.85 20.40
C SER F 109 20.28 53.45 20.83
N GLU F 110 19.85 53.03 22.03
CA GLU F 110 20.21 51.72 22.52
C GLU F 110 19.62 50.62 21.66
N ILE F 111 18.37 50.81 21.20
CA ILE F 111 17.69 49.76 20.45
C ILE F 111 18.44 49.46 19.16
N TRP F 112 18.84 50.48 18.41
CA TRP F 112 19.40 50.30 17.08
C TRP F 112 20.92 50.22 17.07
N ASP F 113 21.58 50.42 18.20
CA ASP F 113 23.03 50.33 18.26
C ASP F 113 23.55 49.55 19.45
N ASN F 114 22.68 49.12 20.37
CA ASN F 114 23.11 48.35 21.54
C ASN F 114 22.17 47.19 21.83
N MET F 115 21.56 46.63 20.78
CA MET F 115 20.76 45.42 20.92
C MET F 115 20.75 44.71 19.58
N THR F 116 20.38 43.44 19.62
CA THR F 116 20.26 42.61 18.43
C THR F 116 18.87 42.01 18.36
N TRP F 117 18.46 41.63 17.14
CA TRP F 117 17.09 41.20 16.92
C TRP F 117 16.70 40.04 17.83
N LEU F 118 17.61 39.08 18.01
CA LEU F 118 17.30 37.98 18.92
C LEU F 118 17.11 38.46 20.34
N GLN F 119 17.88 39.45 20.78
CA GLN F 119 17.67 40.05 22.08
C GLN F 119 16.37 40.84 22.14
N TRP F 120 16.01 41.52 21.04
CA TRP F 120 14.88 42.44 21.07
C TRP F 120 13.56 41.69 21.25
N ASP F 121 13.31 40.66 20.44
CA ASP F 121 11.99 40.03 20.47
C ASP F 121 11.70 39.42 21.83
N LYS F 122 12.72 39.17 22.65
CA LYS F 122 12.48 38.72 24.01
C LYS F 122 11.73 39.76 24.82
N GLU F 123 11.88 41.04 24.50
CA GLU F 123 11.24 42.11 25.24
C GLU F 123 9.82 42.38 24.74
N ILE F 124 9.62 42.46 23.43
CA ILE F 124 8.28 42.69 22.88
C ILE F 124 7.46 41.41 22.78
N SER F 125 8.05 40.25 23.09
CA SER F 125 7.30 39.00 23.02
C SER F 125 6.02 39.09 23.84
N ASN F 126 6.06 39.78 24.98
CA ASN F 126 4.86 39.95 25.80
C ASN F 126 3.78 40.76 25.09
N TYR F 127 4.13 41.52 24.05
CA TYR F 127 3.19 42.49 23.48
C TYR F 127 2.97 42.33 21.98
N THR F 128 3.49 41.26 21.36
CA THR F 128 3.35 41.13 19.92
C THR F 128 1.89 41.05 19.50
N GLN F 129 1.12 40.20 20.16
CA GLN F 129 -0.24 39.92 19.70
C GLN F 129 -1.11 41.17 19.73
N ILE F 130 -0.99 41.97 20.80
CA ILE F 130 -1.80 43.18 20.91
C ILE F 130 -1.42 44.19 19.83
N ILE F 131 -0.14 44.24 19.45
CA ILE F 131 0.29 45.18 18.44
C ILE F 131 -0.27 44.81 17.08
N TYR F 132 -0.26 43.51 16.75
CA TYR F 132 -0.80 43.08 15.46
C TYR F 132 -2.29 43.41 15.36
N GLY F 133 -2.98 43.45 16.49
CA GLY F 133 -4.38 43.87 16.46
C GLY F 133 -4.54 45.34 16.14
N LEU F 134 -3.69 46.20 16.71
CA LEU F 134 -3.80 47.63 16.48
C LEU F 134 -3.53 47.97 15.03
N LEU F 135 -2.63 47.22 14.38
CA LEU F 135 -2.26 47.52 13.00
C LEU F 135 -3.38 47.17 12.04
N GLU F 136 -4.22 46.20 12.38
CA GLU F 136 -5.37 45.89 11.53
C GLU F 136 -6.33 47.06 11.46
N GLU F 137 -6.74 47.59 12.62
CA GLU F 137 -7.69 48.69 12.63
C GLU F 137 -7.09 49.94 11.99
N SER F 138 -5.81 50.22 12.28
CA SER F 138 -5.17 51.40 11.69
C SER F 138 -5.22 51.35 10.17
N GLN F 139 -5.17 50.14 9.59
CA GLN F 139 -5.34 50.01 8.15
C GLN F 139 -6.79 50.15 7.74
N ASN F 140 -7.71 49.65 8.57
CA ASN F 140 -9.12 49.70 8.23
C ASN F 140 -9.60 51.15 8.11
N GLN F 141 -9.04 52.04 8.93
CA GLN F 141 -9.42 53.44 8.84
C GLN F 141 -8.92 54.08 7.55
N GLN F 142 -7.68 53.76 7.16
CA GLN F 142 -7.11 54.37 5.97
C GLN F 142 -7.93 54.03 4.72
N GLU F 143 -8.23 52.74 4.53
CA GLU F 143 -8.95 52.35 3.32
C GLU F 143 -10.33 52.97 3.26
N LYS F 144 -11.03 53.03 4.40
CA LYS F 144 -12.32 53.72 4.41
C LYS F 144 -12.14 55.21 4.15
N ASN F 145 -11.17 55.84 4.83
CA ASN F 145 -10.92 57.25 4.61
C ASN F 145 -10.45 57.52 3.18
N GLU F 146 -9.60 56.64 2.64
CA GLU F 146 -9.16 56.80 1.25
C GLU F 146 -10.35 56.78 0.30
N GLN F 147 -11.29 55.85 0.52
CA GLN F 147 -12.51 55.83 -0.29
C GLN F 147 -13.33 57.09 -0.07
N ASP F 148 -13.43 57.55 1.19
CA ASP F 148 -14.21 58.75 1.47
C ASP F 148 -13.62 59.97 0.79
N LEU F 149 -12.28 60.10 0.83
CA LEU F 149 -11.64 61.27 0.22
C LEU F 149 -11.83 61.28 -1.28
N LEU F 150 -11.88 60.11 -1.91
CA LEU F 150 -12.05 60.02 -3.35
C LEU F 150 -13.48 60.27 -3.80
N ALA F 151 -14.39 60.60 -2.88
CA ALA F 151 -15.77 60.91 -3.23
C ALA F 151 -16.00 62.40 -3.48
N LEU F 152 -14.94 63.21 -3.48
CA LEU F 152 -15.08 64.64 -3.68
C LEU F 152 -15.62 64.98 -5.07
N ASP F 153 -15.57 64.06 -6.02
CA ASP F 153 -16.11 64.30 -7.36
C ASP F 153 -17.62 64.12 -7.36
N GLN G 1 -24.39 -62.16 1.65
CA GLN G 1 -23.03 -62.45 2.21
C GLN G 1 -21.99 -62.52 1.10
N VAL G 2 -20.78 -62.07 1.39
CA VAL G 2 -19.70 -62.09 0.42
C VAL G 2 -19.19 -63.52 0.28
N GLN G 3 -19.11 -64.01 -0.95
CA GLN G 3 -18.64 -65.36 -1.23
C GLN G 3 -17.81 -65.34 -2.51
N LEU G 4 -16.87 -66.28 -2.60
CA LEU G 4 -15.90 -66.33 -3.67
C LEU G 4 -16.01 -67.64 -4.44
N VAL G 5 -15.62 -67.59 -5.72
CA VAL G 5 -15.58 -68.75 -6.59
C VAL G 5 -14.23 -68.76 -7.30
N GLN G 6 -13.69 -69.96 -7.51
CA GLN G 6 -12.39 -70.15 -8.14
C GLN G 6 -12.51 -71.17 -9.26
N SER G 7 -11.41 -71.35 -9.99
CA SER G 7 -11.37 -72.27 -11.12
C SER G 7 -11.02 -73.68 -10.64
N GLY G 8 -10.84 -74.59 -11.60
CA GLY G 8 -10.53 -75.97 -11.29
C GLY G 8 -9.04 -76.24 -11.23
N ALA G 9 -8.70 -77.42 -10.73
CA ALA G 9 -7.31 -77.83 -10.59
C ALA G 9 -6.68 -78.09 -11.95
N GLU G 10 -5.34 -78.01 -11.98
CA GLU G 10 -4.60 -78.22 -13.21
C GLU G 10 -3.24 -78.80 -12.87
N VAL G 11 -2.61 -79.43 -13.87
CA VAL G 11 -1.28 -80.00 -13.74
C VAL G 11 -0.46 -79.54 -14.93
N LYS G 12 0.78 -79.12 -14.66
CA LYS G 12 1.65 -78.57 -15.69
C LYS G 12 3.06 -79.10 -15.50
N LYS G 13 3.87 -78.97 -16.56
CA LYS G 13 5.27 -79.34 -16.49
C LYS G 13 6.08 -78.22 -15.87
N PRO G 14 7.28 -78.52 -15.36
CA PRO G 14 8.12 -77.47 -14.78
C PRO G 14 8.45 -76.39 -15.80
N GLY G 15 8.51 -75.15 -15.32
CA GLY G 15 8.87 -74.02 -16.15
C GLY G 15 7.72 -73.32 -16.82
N SER G 16 6.51 -73.87 -16.75
CA SER G 16 5.34 -73.25 -17.35
C SER G 16 4.71 -72.27 -16.37
N SER G 17 3.56 -71.72 -16.72
CA SER G 17 2.85 -70.77 -15.87
C SER G 17 1.38 -71.15 -15.77
N VAL G 18 0.78 -70.84 -14.63
CA VAL G 18 -0.63 -71.09 -14.37
C VAL G 18 -1.29 -69.77 -13.99
N LYS G 19 -2.41 -69.46 -14.65
CA LYS G 19 -3.17 -68.25 -14.38
C LYS G 19 -4.53 -68.66 -13.83
N VAL G 20 -4.70 -68.52 -12.51
CA VAL G 20 -5.95 -68.89 -11.86
C VAL G 20 -6.95 -67.76 -12.02
N SER G 21 -8.24 -68.11 -11.93
CA SER G 21 -9.32 -67.14 -12.03
C SER G 21 -10.19 -67.24 -10.78
N CYS G 22 -10.60 -66.09 -10.27
CA CYS G 22 -11.40 -66.02 -9.06
C CYS G 22 -12.55 -65.04 -9.27
N LYS G 23 -13.71 -65.37 -8.70
CA LYS G 23 -14.91 -64.56 -8.81
C LYS G 23 -15.53 -64.41 -7.43
N ALA G 24 -16.31 -63.34 -7.27
CA ALA G 24 -16.95 -63.03 -6.01
C ALA G 24 -18.40 -62.64 -6.24
N SER G 25 -19.21 -62.81 -5.20
CA SER G 25 -20.62 -62.46 -5.25
C SER G 25 -20.81 -60.99 -4.92
N GLY G 26 -21.59 -60.30 -5.76
CA GLY G 26 -21.88 -58.90 -5.51
C GLY G 26 -20.75 -57.95 -5.84
N ASN G 27 -19.72 -58.44 -6.53
CA ASN G 27 -18.56 -57.62 -6.87
C ASN G 27 -17.95 -56.99 -5.61
N SER G 28 -17.82 -57.82 -4.57
CA SER G 28 -17.24 -57.33 -3.32
C SER G 28 -15.80 -56.86 -3.49
N PHE G 29 -15.12 -57.31 -4.55
CA PHE G 29 -13.75 -56.86 -4.80
C PHE G 29 -13.69 -55.36 -5.09
N SER G 30 -14.82 -54.74 -5.41
CA SER G 30 -14.87 -53.29 -5.59
C SER G 30 -14.87 -52.54 -4.26
N ASN G 31 -15.14 -53.23 -3.15
CA ASN G 31 -15.19 -52.60 -1.84
C ASN G 31 -14.18 -53.16 -0.84
N HIS G 32 -13.72 -54.39 -1.04
CA HIS G 32 -12.74 -55.02 -0.16
C HIS G 32 -11.55 -55.48 -0.98
N ASP G 33 -10.49 -55.88 -0.29
CA ASP G 33 -9.25 -56.24 -0.94
C ASP G 33 -9.22 -57.74 -1.24
N VAL G 34 -8.14 -58.16 -1.90
CA VAL G 34 -7.92 -59.55 -2.27
C VAL G 34 -6.51 -59.94 -1.86
N HIS G 35 -6.38 -61.11 -1.24
CA HIS G 35 -5.10 -61.67 -0.85
C HIS G 35 -5.01 -63.10 -1.33
N TRP G 36 -3.78 -63.59 -1.46
CA TRP G 36 -3.52 -64.92 -2.01
C TRP G 36 -2.59 -65.69 -1.10
N VAL G 37 -2.95 -66.93 -0.79
CA VAL G 37 -2.15 -67.80 0.05
C VAL G 37 -2.20 -69.20 -0.53
N ARG G 38 -1.15 -69.98 -0.29
CA ARG G 38 -1.07 -71.37 -0.72
C ARG G 38 -0.61 -72.22 0.45
N GLN G 39 -0.91 -73.52 0.36
CA GLN G 39 -0.47 -74.46 1.39
C GLN G 39 -0.38 -75.84 0.77
N ALA G 40 0.64 -76.59 1.19
CA ALA G 40 0.90 -77.93 0.70
C ALA G 40 0.80 -78.93 1.86
N THR G 41 0.77 -80.21 1.51
CA THR G 41 0.65 -81.26 2.51
C THR G 41 1.75 -81.16 3.54
N GLY G 42 1.37 -80.93 4.79
CA GLY G 42 2.32 -80.85 5.88
C GLY G 42 3.12 -79.57 5.94
N GLN G 43 2.74 -78.55 5.18
CA GLN G 43 3.45 -77.28 5.15
C GLN G 43 2.52 -76.16 5.62
N GLY G 44 3.13 -75.14 6.22
CA GLY G 44 2.35 -74.05 6.78
C GLY G 44 1.88 -73.08 5.72
N LEU G 45 1.01 -72.16 6.15
CA LEU G 45 0.48 -71.14 5.26
C LEU G 45 1.61 -70.21 4.79
N GLU G 46 1.52 -69.80 3.53
CA GLU G 46 2.56 -68.97 2.91
C GLU G 46 1.90 -67.79 2.21
N TRP G 47 2.01 -66.61 2.81
CA TRP G 47 1.45 -65.40 2.22
C TRP G 47 2.11 -65.13 0.87
N MET G 48 1.29 -64.84 -0.15
CA MET G 48 1.79 -64.63 -1.50
C MET G 48 1.75 -63.17 -1.92
N GLY G 49 0.59 -62.52 -1.84
CA GLY G 49 0.47 -61.14 -2.27
C GLY G 49 -0.92 -60.63 -2.02
N TRP G 50 -1.19 -59.43 -2.53
CA TRP G 50 -2.51 -58.83 -2.35
C TRP G 50 -2.66 -57.66 -3.31
N MET G 51 -3.90 -57.21 -3.46
CA MET G 51 -4.24 -56.04 -4.25
C MET G 51 -5.30 -55.24 -3.54
N SER G 52 -5.10 -53.93 -3.47
CA SER G 52 -6.04 -53.06 -2.78
C SER G 52 -7.37 -53.02 -3.51
N HIS G 53 -8.41 -52.60 -2.78
CA HIS G 53 -9.74 -52.52 -3.39
C HIS G 53 -9.90 -51.27 -4.24
N GLU G 54 -9.03 -50.28 -4.08
CA GLU G 54 -9.00 -49.12 -4.98
C GLU G 54 -8.06 -49.34 -6.16
N GLY G 55 -7.26 -50.40 -6.15
CA GLY G 55 -6.27 -50.62 -7.18
C GLY G 55 -4.99 -49.85 -7.01
N ASP G 56 -4.86 -49.04 -5.95
CA ASP G 56 -3.67 -48.22 -5.78
C ASP G 56 -2.45 -49.04 -5.40
N LYS G 57 -2.64 -50.18 -4.72
CA LYS G 57 -1.54 -50.95 -4.18
C LYS G 57 -1.63 -52.40 -4.65
N THR G 58 -0.47 -53.00 -4.88
CA THR G 58 -0.39 -54.42 -5.25
C THR G 58 0.96 -54.92 -4.76
N GLY G 59 0.97 -55.59 -3.61
CA GLY G 59 2.22 -56.02 -3.00
C GLY G 59 2.30 -57.52 -2.91
N LEU G 60 3.53 -58.03 -3.00
CA LEU G 60 3.81 -59.44 -2.87
C LEU G 60 5.11 -59.61 -2.10
N ALA G 61 5.26 -60.79 -1.48
CA ALA G 61 6.48 -61.08 -0.74
C ALA G 61 7.64 -61.32 -1.69
N GLN G 62 8.86 -61.15 -1.16
CA GLN G 62 10.04 -61.36 -1.98
C GLN G 62 10.15 -62.80 -2.46
N LYS G 63 9.49 -63.73 -1.76
CA LYS G 63 9.53 -65.13 -2.19
C LYS G 63 8.98 -65.31 -3.59
N PHE G 64 7.93 -64.57 -3.94
CA PHE G 64 7.28 -64.69 -5.24
C PHE G 64 7.48 -63.46 -6.11
N GLN G 65 8.33 -62.52 -5.70
CA GLN G 65 8.57 -61.34 -6.52
C GLN G 65 9.12 -61.75 -7.88
N GLY G 66 8.50 -61.21 -8.93
CA GLY G 66 8.85 -61.54 -10.30
C GLY G 66 8.22 -62.83 -10.80
N ARG G 67 8.00 -63.78 -9.89
CA ARG G 67 7.42 -65.08 -10.26
C ARG G 67 5.90 -65.05 -10.26
N VAL G 68 5.27 -63.94 -9.89
CA VAL G 68 3.83 -63.85 -9.80
C VAL G 68 3.37 -62.46 -10.19
N THR G 69 2.18 -62.38 -10.77
CA THR G 69 1.54 -61.11 -11.10
C THR G 69 0.04 -61.29 -10.94
N ILE G 70 -0.64 -60.23 -10.49
CA ILE G 70 -2.07 -60.27 -10.21
C ILE G 70 -2.77 -59.18 -11.01
N THR G 71 -3.92 -59.53 -11.57
CA THR G 71 -4.73 -58.58 -12.33
C THR G 71 -6.20 -58.93 -12.14
N ARG G 72 -7.07 -57.95 -12.42
CA ARG G 72 -8.51 -58.15 -12.32
C ARG G 72 -9.19 -57.42 -13.46
N ASP G 73 -10.41 -57.87 -13.77
CA ASP G 73 -11.17 -57.38 -14.91
C ASP G 73 -11.96 -56.12 -14.52
N SER G 74 -12.72 -55.61 -15.49
CA SER G 74 -13.51 -54.41 -15.26
C SER G 74 -14.58 -54.66 -14.20
N GLY G 75 -14.84 -53.65 -13.38
CA GLY G 75 -15.83 -53.76 -12.33
C GLY G 75 -15.43 -54.66 -11.18
N ALA G 76 -14.17 -55.12 -11.16
CA ALA G 76 -13.68 -56.01 -10.10
C ALA G 76 -14.51 -57.29 -10.04
N SER G 77 -15.13 -57.68 -11.15
CA SER G 77 -15.95 -58.88 -11.17
C SER G 77 -15.13 -60.16 -11.23
N THR G 78 -13.86 -60.08 -11.64
CA THR G 78 -13.01 -61.24 -11.73
C THR G 78 -11.56 -60.82 -11.49
N VAL G 79 -10.81 -61.66 -10.78
CA VAL G 79 -9.42 -61.39 -10.47
C VAL G 79 -8.61 -62.65 -10.77
N TYR G 80 -7.43 -62.46 -11.37
CA TYR G 80 -6.55 -63.55 -11.74
C TYR G 80 -5.18 -63.36 -11.09
N MET G 81 -4.61 -64.46 -10.62
CA MET G 81 -3.23 -64.50 -10.16
C MET G 81 -2.46 -65.47 -11.06
N GLU G 82 -1.38 -64.98 -11.67
CA GLU G 82 -0.59 -65.77 -12.60
C GLU G 82 0.77 -66.06 -11.97
N LEU G 83 1.12 -67.35 -11.91
CA LEU G 83 2.40 -67.80 -11.41
C LEU G 83 3.23 -68.30 -12.59
N ARG G 84 4.41 -67.71 -12.78
CA ARG G 84 5.31 -68.09 -13.85
C ARG G 84 6.64 -68.53 -13.27
N GLY G 85 7.26 -69.51 -13.93
CA GLY G 85 8.45 -70.14 -13.39
C GLY G 85 8.14 -71.30 -12.47
N LEU G 86 7.14 -72.10 -12.81
CA LEU G 86 6.71 -73.17 -11.93
C LEU G 86 7.82 -74.19 -11.71
N THR G 87 7.89 -74.73 -10.50
CA THR G 87 8.87 -75.74 -10.14
C THR G 87 8.15 -76.88 -9.42
N ALA G 88 8.90 -77.96 -9.16
CA ALA G 88 8.31 -79.13 -8.53
C ALA G 88 7.76 -78.81 -7.15
N ASP G 89 8.50 -78.01 -6.37
CA ASP G 89 8.08 -77.68 -5.02
C ASP G 89 6.81 -76.83 -5.00
N ASP G 90 6.42 -76.25 -6.12
CA ASP G 90 5.25 -75.38 -6.16
C ASP G 90 3.93 -76.13 -6.03
N THR G 91 3.95 -77.46 -6.09
CA THR G 91 2.73 -78.24 -5.95
C THR G 91 2.07 -77.96 -4.61
N ALA G 92 0.90 -77.34 -4.63
CA ALA G 92 0.18 -76.96 -3.42
C ALA G 92 -1.25 -76.60 -3.82
N ILE G 93 -2.00 -76.06 -2.86
CA ILE G 93 -3.37 -75.60 -3.10
C ILE G 93 -3.41 -74.09 -2.86
N TYR G 94 -3.86 -73.35 -3.85
CA TYR G 94 -3.92 -71.89 -3.80
C TYR G 94 -5.33 -71.45 -3.44
N TYR G 95 -5.42 -70.38 -2.66
CA TYR G 95 -6.70 -69.89 -2.14
C TYR G 95 -6.92 -68.44 -2.54
N CYS G 96 -8.16 -68.12 -2.88
CA CYS G 96 -8.59 -66.75 -3.16
C CYS G 96 -9.39 -66.26 -1.97
N LEU G 97 -9.01 -65.10 -1.43
CA LEU G 97 -9.65 -64.59 -0.23
C LEU G 97 -9.58 -63.07 -0.22
N THR G 98 -10.40 -62.47 0.64
CA THR G 98 -10.51 -61.03 0.78
C THR G 98 -10.21 -60.61 2.21
N GLY G 99 -9.45 -59.51 2.35
CA GLY G 99 -9.09 -59.01 3.66
C GLY G 99 -9.30 -57.51 3.75
N SER G 100 -9.36 -57.03 4.98
CA SER G 100 -9.56 -55.62 5.27
C SER G 100 -8.25 -54.97 5.70
N LYS G 101 -8.10 -53.69 5.37
CA LYS G 101 -6.90 -52.93 5.68
C LYS G 101 -7.25 -51.60 6.31
N HIS G 102 -6.33 -51.10 7.14
CA HIS G 102 -6.44 -49.76 7.72
C HIS G 102 -5.60 -48.80 6.88
N ARG G 103 -6.22 -47.69 6.47
CA ARG G 103 -5.52 -46.62 5.77
C ARG G 103 -5.29 -45.48 6.76
N LEU G 104 -4.02 -45.19 7.04
CA LEU G 104 -3.65 -44.18 8.01
C LEU G 104 -2.71 -43.17 7.38
N SER G 105 -2.73 -41.95 7.90
CA SER G 105 -1.81 -40.92 7.43
C SER G 105 -0.46 -41.12 8.09
N ASP G 106 0.57 -41.36 7.29
CA ASP G 106 1.90 -41.63 7.81
C ASP G 106 2.74 -40.36 7.96
N TYR G 107 2.66 -39.46 6.99
CA TYR G 107 3.41 -38.21 7.05
C TYR G 107 2.59 -37.12 6.38
N PHE G 108 2.55 -35.95 7.02
CA PHE G 108 1.80 -34.80 6.52
C PHE G 108 2.77 -33.64 6.33
N LEU G 109 2.49 -32.79 5.35
CA LEU G 109 3.34 -31.64 5.07
C LEU G 109 2.50 -30.55 4.40
N ASN G 111 0.61 -27.09 2.91
CA ASN G 111 0.82 -26.15 1.81
C ASN G 111 -0.20 -25.01 1.86
N GLU G 112 0.28 -23.78 1.76
CA GLU G 112 -0.63 -22.64 1.60
C GLU G 112 -1.27 -22.71 0.23
N GLY G 114 -2.00 -24.87 -2.85
CA GLY G 114 -2.10 -26.18 -3.44
C GLY G 114 -2.54 -27.26 -2.48
N PRO G 115 -2.67 -28.49 -2.97
CA PRO G 115 -3.09 -29.59 -2.10
C PRO G 115 -1.98 -30.01 -1.16
N ASN G 116 -2.32 -30.13 0.11
CA ASN G 116 -1.34 -30.49 1.12
C ASN G 116 -0.74 -31.86 0.82
N TYR G 117 0.56 -31.98 0.99
CA TYR G 117 1.25 -33.24 0.73
C TYR G 117 0.85 -34.25 1.79
N GLU G 118 0.77 -35.52 1.39
CA GLU G 118 0.34 -36.57 2.31
C GLU G 118 0.89 -37.90 1.85
N GLU G 119 1.16 -38.78 2.81
CA GLU G 119 1.69 -40.11 2.58
C GLU G 119 0.86 -41.10 3.38
N TRP G 120 0.31 -42.11 2.72
CA TRP G 120 -0.66 -43.03 3.31
C TRP G 120 -0.07 -44.43 3.44
N GLY G 121 -0.30 -45.03 4.60
CA GLY G 121 0.26 -46.35 4.91
C GLY G 121 -0.84 -47.36 5.17
N ASP G 122 -0.81 -48.47 4.44
CA ASP G 122 -1.78 -49.54 4.58
C ASP G 122 -1.31 -50.56 5.61
N TYR G 123 -2.26 -51.07 6.39
CA TYR G 123 -1.98 -52.07 7.41
C TYR G 123 -3.06 -53.14 7.36
N LEU G 124 -2.63 -54.41 7.47
CA LEU G 124 -3.51 -55.55 7.27
C LEU G 124 -4.32 -55.79 8.53
N ALA G 125 -5.63 -55.57 8.44
CA ALA G 125 -6.53 -55.76 9.58
C ALA G 125 -6.90 -57.23 9.77
N THR G 126 -7.57 -57.81 8.78
CA THR G 126 -8.05 -59.18 8.88
C THR G 126 -8.26 -59.76 7.49
N LEU G 127 -8.29 -61.10 7.44
CA LEU G 127 -8.74 -61.83 6.27
C LEU G 127 -10.19 -62.26 6.54
N ASP G 128 -11.09 -61.88 5.65
CA ASP G 128 -12.52 -62.02 5.92
C ASP G 128 -13.09 -63.33 5.38
N VAL G 129 -13.00 -63.54 4.08
CA VAL G 129 -13.65 -64.67 3.42
C VAL G 129 -12.64 -65.38 2.54
N TRP G 130 -12.62 -66.71 2.62
CA TRP G 130 -11.74 -67.53 1.79
C TRP G 130 -12.53 -68.14 0.64
N GLY G 131 -11.82 -68.50 -0.41
CA GLY G 131 -12.43 -69.09 -1.60
C GLY G 131 -12.48 -70.60 -1.53
N HIS G 132 -12.83 -71.20 -2.68
CA HIS G 132 -12.93 -72.65 -2.75
C HIS G 132 -11.58 -73.31 -2.50
N GLY G 133 -10.52 -72.78 -3.10
CA GLY G 133 -9.21 -73.39 -3.02
C GLY G 133 -8.90 -74.21 -4.26
N THR G 134 -7.88 -73.80 -5.01
CA THR G 134 -7.51 -74.43 -6.26
C THR G 134 -6.20 -75.19 -6.08
N ALA G 135 -6.17 -76.43 -6.58
CA ALA G 135 -4.99 -77.27 -6.45
C ALA G 135 -4.19 -77.24 -7.75
N VAL G 136 -2.91 -76.90 -7.64
CA VAL G 136 -2.00 -76.83 -8.77
C VAL G 136 -0.81 -77.73 -8.48
N THR G 137 -0.45 -78.58 -9.45
CA THR G 137 0.64 -79.54 -9.28
C THR G 137 1.57 -79.47 -10.48
N VAL G 138 2.86 -79.71 -10.21
CA VAL G 138 3.88 -79.76 -11.25
C VAL G 138 4.41 -81.19 -11.31
N SER G 139 4.40 -81.77 -12.51
CA SER G 139 4.81 -83.15 -12.69
C SER G 139 5.31 -83.34 -14.11
N SER G 140 6.04 -84.43 -14.32
CA SER G 140 6.58 -84.77 -15.62
C SER G 140 5.47 -85.21 -16.57
N VAL H 2 12.55 -59.24 8.56
CA VAL H 2 11.31 -59.52 9.33
C VAL H 2 11.11 -61.02 9.44
N VAL H 3 10.91 -61.51 10.68
CA VAL H 3 10.76 -62.93 10.94
C VAL H 3 9.74 -63.11 12.05
N ILE H 4 9.18 -64.32 12.14
CA ILE H 4 8.19 -64.67 13.15
C ILE H 4 8.48 -66.06 13.66
N THR H 5 8.24 -66.27 14.95
CA THR H 5 8.40 -67.58 15.58
C THR H 5 7.26 -67.80 16.56
N GLN H 6 6.97 -69.07 16.82
CA GLN H 6 5.89 -69.46 17.72
C GLN H 6 6.38 -70.52 18.69
N SER H 7 5.71 -70.59 19.85
CA SER H 7 5.99 -71.60 20.86
C SER H 7 4.76 -71.73 21.74
N PRO H 8 4.42 -72.92 22.22
CA PRO H 8 5.08 -74.22 22.01
C PRO H 8 4.81 -74.79 20.62
N LEU H 9 5.61 -75.76 20.17
CA LEU H 9 5.37 -76.37 18.86
C LEU H 9 4.20 -77.35 18.91
N PHE H 10 4.03 -78.04 20.03
CA PHE H 10 2.95 -79.02 20.19
C PHE H 10 2.31 -78.84 21.55
N LEU H 11 1.03 -79.19 21.65
CA LEU H 11 0.26 -79.01 22.88
C LEU H 11 -0.73 -80.16 23.02
N PRO H 12 -0.43 -81.17 23.82
CA PRO H 12 -1.43 -82.21 24.13
C PRO H 12 -2.34 -81.74 25.24
N VAL H 13 -3.63 -81.59 24.94
CA VAL H 13 -4.59 -81.01 25.86
C VAL H 13 -5.78 -81.94 26.01
N THR H 14 -6.43 -81.86 27.16
CA THR H 14 -7.64 -82.60 27.49
C THR H 14 -8.83 -81.66 27.57
N PRO H 15 -10.03 -82.10 27.20
CA PRO H 15 -11.19 -81.21 27.30
C PRO H 15 -11.38 -80.68 28.71
N GLY H 16 -11.74 -79.40 28.81
CA GLY H 16 -11.88 -78.74 30.08
C GLY H 16 -10.61 -78.13 30.64
N GLU H 17 -9.48 -78.32 29.95
CA GLU H 17 -8.20 -77.77 30.41
C GLU H 17 -7.98 -76.40 29.78
N ALA H 18 -6.76 -75.87 29.93
CA ALA H 18 -6.39 -74.59 29.36
C ALA H 18 -5.00 -74.69 28.76
N ALA H 19 -4.74 -73.83 27.78
CA ALA H 19 -3.45 -73.81 27.09
C ALA H 19 -3.10 -72.38 26.73
N SER H 20 -1.80 -72.15 26.55
CA SER H 20 -1.28 -70.83 26.20
C SER H 20 -0.30 -70.95 25.04
N LEU H 21 -0.31 -69.94 24.17
CA LEU H 21 0.55 -69.89 23.01
C LEU H 21 1.34 -68.59 23.03
N SER H 22 2.43 -68.56 22.26
CA SER H 22 3.29 -67.39 22.19
C SER H 22 3.65 -67.11 20.74
N CYS H 23 3.95 -65.85 20.47
CA CYS H 23 4.34 -65.39 19.14
C CYS H 23 5.35 -64.28 19.29
N LYS H 24 6.23 -64.14 18.29
CA LYS H 24 7.33 -63.20 18.33
C LYS H 24 7.29 -62.29 17.11
N CYS H 25 7.68 -61.03 17.32
CA CYS H 25 7.78 -60.04 16.26
C CYS H 25 9.22 -59.54 16.19
N SER H 26 9.71 -59.38 14.95
CA SER H 26 11.11 -59.04 14.75
C SER H 26 11.45 -57.66 15.30
N HIS H 27 10.56 -56.68 15.13
CA HIS H 27 10.85 -55.29 15.46
C HIS H 27 9.96 -54.83 16.59
N SER H 28 10.54 -54.02 17.49
CA SER H 28 9.79 -53.37 18.55
C SER H 28 9.20 -52.05 18.03
N LEU H 29 8.42 -52.18 16.97
CA LEU H 29 7.87 -51.01 16.25
C LEU H 29 6.82 -50.38 17.14
N GLN H 30 7.15 -49.22 17.72
CA GLN H 30 6.24 -48.49 18.60
C GLN H 30 5.35 -47.61 17.74
N HIS H 31 4.27 -48.20 17.22
CA HIS H 31 3.36 -47.48 16.35
C HIS H 31 2.02 -48.18 16.33
N SER H 32 0.98 -47.44 15.95
CA SER H 32 -0.36 -47.98 15.71
C SER H 32 -0.91 -48.66 16.97
N THR H 33 -1.09 -47.84 18.00
CA THR H 33 -1.71 -48.22 19.27
C THR H 33 -0.83 -49.16 20.09
N GLY H 34 0.45 -49.29 19.75
CA GLY H 34 1.34 -50.14 20.52
C GLY H 34 1.18 -51.61 20.19
N ALA H 35 0.05 -52.20 20.58
CA ALA H 35 -0.21 -53.59 20.25
C ALA H 35 -0.26 -53.82 18.75
N ASN H 36 -0.49 -52.77 17.97
CA ASN H 36 -0.44 -52.83 16.52
C ASN H 36 -1.26 -53.99 15.96
N TYR H 37 -0.95 -54.41 14.73
CA TYR H 37 -1.81 -55.31 13.97
C TYR H 37 -1.26 -56.73 14.02
N LEU H 38 -1.89 -57.54 14.86
CA LEU H 38 -1.58 -58.96 14.96
C LEU H 38 -2.83 -59.77 14.65
N ALA H 39 -2.65 -60.85 13.89
CA ALA H 39 -3.76 -61.71 13.50
C ALA H 39 -3.44 -63.15 13.84
N TRP H 40 -4.44 -63.84 14.41
CA TRP H 40 -4.32 -65.25 14.76
C TRP H 40 -5.29 -66.06 13.91
N TYR H 41 -4.89 -67.29 13.57
CA TYR H 41 -5.72 -68.17 12.78
C TYR H 41 -5.57 -69.60 13.30
N LEU H 42 -6.63 -70.39 13.15
CA LEU H 42 -6.65 -71.79 13.55
C LEU H 42 -7.09 -72.63 12.37
N GLN H 43 -6.34 -73.70 12.11
CA GLN H 43 -6.57 -74.55 10.94
C GLN H 43 -6.61 -76.01 11.37
N ARG H 44 -7.38 -76.79 10.62
CA ARG H 44 -7.41 -78.24 10.73
C ARG H 44 -7.25 -78.83 9.33
N PRO H 45 -6.75 -80.07 9.24
CA PRO H 45 -6.59 -80.68 7.91
C PRO H 45 -7.91 -80.70 7.15
N GLY H 46 -7.83 -80.33 5.87
CA GLY H 46 -9.01 -80.33 5.02
C GLY H 46 -9.97 -79.18 5.26
N GLN H 47 -9.58 -78.18 6.03
CA GLN H 47 -10.44 -77.06 6.36
C GLN H 47 -9.66 -75.75 6.31
N THR H 48 -10.28 -74.72 5.76
CA THR H 48 -9.64 -73.41 5.71
C THR H 48 -9.55 -72.84 7.12
N PRO H 49 -8.50 -72.06 7.42
CA PRO H 49 -8.38 -71.50 8.78
C PRO H 49 -9.42 -70.44 9.05
N ARG H 50 -9.69 -70.24 10.33
CA ARG H 50 -10.64 -69.24 10.80
C ARG H 50 -9.93 -68.20 11.65
N LEU H 51 -10.24 -66.93 11.42
CA LEU H 51 -9.67 -65.86 12.23
C LEU H 51 -10.06 -66.03 13.69
N LEU H 52 -9.10 -65.83 14.58
CA LEU H 52 -9.31 -65.98 16.01
C LEU H 52 -9.26 -64.65 16.74
N ILE H 53 -8.16 -63.91 16.62
CA ILE H 53 -7.99 -62.61 17.25
C ILE H 53 -7.32 -61.67 16.25
N HIS H 54 -7.84 -60.46 16.13
CA HIS H 54 -7.24 -59.42 15.32
C HIS H 54 -7.08 -58.16 16.15
N LEU H 55 -5.98 -57.44 15.89
CA LEU H 55 -5.51 -56.35 16.75
C LEU H 55 -5.04 -56.85 18.10
N ALA H 56 -4.86 -58.16 18.24
CA ALA H 56 -4.23 -58.79 19.41
C ALA H 56 -5.13 -58.82 20.65
N THR H 57 -6.25 -58.09 20.64
CA THR H 57 -7.12 -58.04 21.81
C THR H 57 -8.60 -58.20 21.50
N HIS H 58 -9.03 -58.10 20.25
CA HIS H 58 -10.45 -58.16 19.91
C HIS H 58 -10.87 -59.57 19.57
N ARG H 59 -12.05 -59.96 20.05
CA ARG H 59 -12.59 -61.28 19.78
C ARG H 59 -13.32 -61.27 18.44
N ALA H 60 -12.99 -62.24 17.58
CA ALA H 60 -13.65 -62.34 16.29
C ALA H 60 -15.10 -62.76 16.47
N SER H 61 -15.93 -62.41 15.49
CA SER H 61 -17.35 -62.72 15.56
C SER H 61 -17.55 -64.23 15.65
N GLY H 62 -18.38 -64.64 16.61
CA GLY H 62 -18.67 -66.05 16.81
C GLY H 62 -17.67 -66.80 17.65
N VAL H 63 -16.58 -66.16 18.05
CA VAL H 63 -15.56 -66.83 18.87
C VAL H 63 -15.98 -66.76 20.34
N PRO H 64 -16.04 -67.87 21.07
CA PRO H 64 -16.42 -67.80 22.48
C PRO H 64 -15.39 -67.00 23.28
N ASP H 65 -15.88 -66.42 24.38
CA ASP H 65 -15.06 -65.55 25.22
C ASP H 65 -13.88 -66.26 25.86
N ARG H 66 -13.79 -67.60 25.74
CA ARG H 66 -12.71 -68.35 26.35
C ARG H 66 -11.36 -68.13 25.68
N PHE H 67 -11.33 -67.45 24.52
CA PHE H 67 -10.10 -67.16 23.81
C PHE H 67 -9.72 -65.70 24.02
N SER H 68 -8.45 -65.45 24.35
CA SER H 68 -7.97 -64.10 24.56
C SER H 68 -6.50 -64.04 24.19
N GLY H 69 -6.03 -62.83 23.88
CA GLY H 69 -4.65 -62.63 23.50
C GLY H 69 -4.11 -61.32 24.06
N SER H 70 -2.79 -61.26 24.14
CA SER H 70 -2.10 -60.08 24.67
C SER H 70 -0.68 -60.05 24.11
N GLY H 71 -0.05 -58.90 24.22
CA GLY H 71 1.32 -58.74 23.75
C GLY H 71 1.64 -57.33 23.27
N SER H 72 2.90 -57.10 22.95
CA SER H 72 3.37 -55.81 22.45
C SER H 72 4.83 -55.94 22.08
N GLY H 73 5.31 -54.97 21.30
CA GLY H 73 6.72 -54.96 20.92
C GLY H 73 7.09 -56.19 20.11
N THR H 74 8.14 -56.87 20.54
CA THR H 74 8.67 -58.02 19.81
C THR H 74 8.07 -59.35 20.25
N ASP H 75 7.15 -59.34 21.22
CA ASP H 75 6.58 -60.57 21.75
C ASP H 75 5.05 -60.45 21.78
N PHE H 76 4.40 -61.60 21.64
CA PHE H 76 2.95 -61.67 21.69
C PHE H 76 2.53 -63.00 22.27
N THR H 77 1.31 -63.04 22.80
CA THR H 77 0.82 -64.20 23.53
C THR H 77 -0.66 -64.39 23.28
N LEU H 78 -1.09 -65.65 23.26
CA LEU H 78 -2.50 -66.01 23.15
C LEU H 78 -2.81 -67.07 24.19
N LYS H 79 -4.05 -67.06 24.68
CA LYS H 79 -4.47 -67.96 25.74
C LYS H 79 -5.77 -68.65 25.37
N ILE H 80 -5.94 -69.87 25.87
CA ILE H 80 -7.14 -70.67 25.64
C ILE H 80 -7.61 -71.22 26.98
N SER H 81 -8.92 -71.44 27.08
CA SER H 81 -9.51 -71.96 28.30
C SER H 81 -10.80 -72.69 27.94
N ARG H 82 -11.28 -73.50 28.87
CA ARG H 82 -12.49 -74.30 28.68
C ARG H 82 -12.41 -75.08 27.37
N VAL H 83 -11.29 -75.80 27.20
CA VAL H 83 -11.03 -76.50 25.96
C VAL H 83 -12.10 -77.56 25.70
N GLU H 84 -12.44 -77.73 24.42
CA GLU H 84 -13.33 -78.78 23.96
C GLU H 84 -12.66 -79.55 22.84
N SER H 85 -13.34 -80.59 22.35
CA SER H 85 -12.73 -81.48 21.37
C SER H 85 -12.40 -80.76 20.06
N ASP H 86 -13.27 -79.84 19.63
CA ASP H 86 -13.08 -79.19 18.34
C ASP H 86 -11.86 -78.26 18.30
N ASP H 87 -11.26 -77.96 19.45
CA ASP H 87 -10.16 -77.01 19.51
C ASP H 87 -8.87 -77.55 18.90
N VAL H 88 -8.81 -78.83 18.56
CA VAL H 88 -7.59 -79.38 17.98
C VAL H 88 -7.32 -78.72 16.64
N GLY H 89 -6.04 -78.62 16.29
CA GLY H 89 -5.60 -78.03 15.04
C GLY H 89 -4.31 -77.28 15.23
N THR H 90 -3.98 -76.44 14.25
CA THR H 90 -2.75 -75.65 14.26
C THR H 90 -3.11 -74.17 14.34
N TYR H 91 -2.42 -73.44 15.21
CA TYR H 91 -2.65 -72.01 15.42
C TYR H 91 -1.52 -71.21 14.78
N TYR H 92 -1.87 -70.19 14.00
CA TYR H 92 -0.91 -69.34 13.32
C TYR H 92 -1.10 -67.90 13.76
N CYS H 93 0.00 -67.20 13.98
CA CYS H 93 -0.01 -65.78 14.25
C CYS H 93 0.61 -65.03 13.06
N MET H 94 -0.13 -64.07 12.53
CA MET H 94 0.25 -63.35 11.32
C MET H 94 0.50 -61.90 11.67
N GLN H 95 1.64 -61.36 11.24
CA GLN H 95 1.97 -59.97 11.45
C GLN H 95 1.44 -59.14 10.28
N GLY H 96 0.55 -58.21 10.57
CA GLY H 96 -0.03 -57.36 9.56
C GLY H 96 0.56 -55.97 9.45
N LEU H 97 1.54 -55.64 10.30
CA LEU H 97 2.14 -54.31 10.25
C LEU H 97 3.20 -54.19 9.16
N HIS H 98 4.26 -55.00 9.26
CA HIS H 98 5.42 -54.85 8.39
C HIS H 98 5.13 -55.46 7.03
N SER H 99 5.29 -54.65 5.98
CA SER H 99 5.15 -55.14 4.61
C SER H 99 6.50 -55.66 4.11
N PRO H 100 6.58 -56.88 3.56
CA PRO H 100 5.50 -57.83 3.31
C PRO H 100 5.02 -58.52 4.58
N TRP H 101 3.78 -58.96 4.62
CA TRP H 101 3.24 -59.64 5.78
C TRP H 101 3.47 -61.15 5.66
N THR H 102 3.50 -61.82 6.81
CA THR H 102 3.80 -63.24 6.84
C THR H 102 3.03 -63.92 7.95
N PHE H 103 2.85 -65.24 7.80
CA PHE H 103 2.24 -66.07 8.83
C PHE H 103 3.29 -66.49 9.85
N GLY H 104 2.87 -67.33 10.80
CA GLY H 104 3.76 -67.88 11.79
C GLY H 104 4.11 -69.34 11.51
N GLN H 105 5.03 -69.86 12.32
CA GLN H 105 5.45 -71.24 12.14
C GLN H 105 4.31 -72.21 12.36
N GLY H 106 3.50 -71.98 13.38
CA GLY H 106 2.34 -72.81 13.66
C GLY H 106 2.53 -73.61 14.94
N THR H 107 1.46 -73.68 15.75
CA THR H 107 1.45 -74.44 16.99
C THR H 107 0.30 -75.43 16.93
N LYS H 108 0.59 -76.71 17.13
CA LYS H 108 -0.41 -77.76 17.01
C LYS H 108 -1.02 -78.10 18.36
N VAL H 109 -2.31 -78.41 18.34
CA VAL H 109 -3.06 -78.81 19.53
C VAL H 109 -3.76 -80.12 19.22
N GLU H 110 -3.64 -81.09 20.14
CA GLU H 110 -4.21 -82.41 19.95
C GLU H 110 -4.79 -82.91 21.26
N ILE H 111 -5.65 -83.92 21.16
CA ILE H 111 -6.28 -84.50 22.34
C ILE H 111 -5.22 -85.17 23.21
N LYS H 112 -5.45 -85.18 24.51
CA LYS H 112 -4.56 -85.84 25.45
C LYS H 112 -5.33 -86.82 26.34
#